data_8OXA
#
_entry.id   8OXA
#
_cell.length_a   1.00
_cell.length_b   1.00
_cell.length_c   1.00
_cell.angle_alpha   90.00
_cell.angle_beta   90.00
_cell.angle_gamma   90.00
#
_symmetry.space_group_name_H-M   'P 1'
#
loop_
_entity.id
_entity.type
_entity.pdbx_description
1 polymer 'Phospholipid-transporting ATPase IC'
2 polymer 'Cell cycle control protein 50A'
3 branched beta-D-mannopyranose-(1-4)-2-acetamido-2-deoxy-beta-D-glucopyranose-(1-4)-2-acetamido-2-deoxy-beta-D-glucopyranose
4 non-polymer oxido(dioxo)vanadium
5 non-polymer 'MAGNESIUM ION'
6 non-polymer '(2~{S})-2-azanyl-3-[[(2~{R})-3-hexadecanoyloxy-2-[(~{Z})-octadec-9-enoyl]oxy-propoxy]-oxidanyl-phosphoryl]oxy-propanoic acid'
7 non-polymer 2-acetamido-2-deoxy-beta-D-glucopyranose
8 water water
#
loop_
_entity_poly.entity_id
_entity_poly.type
_entity_poly.pdbx_seq_one_letter_code
_entity_poly.pdbx_strand_id
1 'polypeptide(L)'
;MSTERDSETTFDEDSQPNDEVVPYSDDETEDELDDQGSAVEPEQNRVNREAEENREPFRKECTWQVKANDRKYHEQPHFM
NTKFLCIKESKYANNAIKTYKYNAFTFIPMNLFEQFKRAANLYFLALLILQAVPQISTLAWYTTLVPLLVVLGVTAIKDL
VDDVARHKMDKEINNRTCEVIKDGRFKVAKWKEIQVGDVIRLKKNDFVPADILLLSSSEPNSLCYVETAELDGETNLKFK
MSLEITDQYLQREDTLATFDGFIECEEPNNRLDKFTGTLFWRNTSFPLDADKILLRGCVIRNTDFCHGLVIFAGADTKIM
KNSGKTRFKRTKIDYLMNYMVYTIFVVLILLSAGLAIGHAYWEAQVGNSSWYLYDGEDDTPSYRGFLIFWGYIIVLNTMV
PISLYVSVEVIRLGQSHFINWDLQMYYAEKDTPAKARTTTLNEQLGQIHYIFSDKTGTLTQNIMTFKKCCINGQIYGDHR
DASQHNHNKIEQVDFSWNTYADGKLAFYDHYLIEQIQSGKEPEVRQFFFLLAVCHTVMVDRTDGQLNYQAASPDEGALVN
AARNFGFAFLARTQNTITISELGTERTYNVLAILDFNSDRKRMSIIVRTPEGNIKLYCKGADTVIYERLHRMNPTKQETQ
DALDIFANETLRTLCLCYKEIEEKEFTEWNKKFMAASVASTNRDEALDKVYEEIEKDLILLGATAIEDKLQDGVPETISK
LAKADIKIWVLTGDKKETAENIGFACELLTEDTTICYGEDINSLLHARMENQRNRGGVYAKFAPPVQESFFPPGGNRALI
ITGSWLNEILLEKKTKRNKILKLKFPRTEEERRMRTQSKRRLEAKKEQRQKNFVDLACECSAVICCRVTPKQKAMVVDLV
KRYKKAITLAIGDGANDVNMIKTAHIGVGISGQEGMQAVMSSDYSFAQFRYLQRLLLVHGRWSYIRMCKFLRYFFYKNFA
FTLVHFWYSFFNGYSAQTAYEDWFITLYNVLYTSLPVLLMGLLDQDVSDKLSLRFPGLYIVGQRDLLFNYKRFFVSLLHG
VLTSMILFFIPLGAYLQTVGQDGEAPSDYQSFAVTIASALVITVNFQIGLDTSYWTFVNAFSIFGSIALYFGIMFDFHSA
GIHVLFPSAFQFTGTASNALRQPYIWLTIILTVAVCLLPVVAIRFLSMTIWPSESDKIQKHRKRL
;
A
2 'polypeptide(L)'
;MLGGMAMNYNAKDEVDGGPPCAPGGTAKTRRPDNTAFKQQRLPAWQPILTAGTVLPIFFIIGLIFIPIGIGIFVTSNNIR
EIEIDYTGTEPSSPCNKCLSPDVTPCFCTINFTLEKSFEGNVFMYYGLSNFYQNHRRYVKSRDDSQLNGDSSALLNPSKE
CEPYRRNEDKPIAPCGAIANSMFNDTLELFLIGNDSYPIPIALKKKGIAWWTDKNVKFRNPPGGDNLEERFKGTTKPVNW
LKPVYMLDSDPDNNGFINEDFIVWMRTAALPTFRKLYRLIERKSDLHPTLPAGRYSLNVTYNYPVHYFDGRKRMILSTIS
WMGGKNPFLGIAYIAVGSISFLLGVVLLVINHKYRNSSNTADITI
;
B
#
loop_
_chem_comp.id
_chem_comp.type
_chem_comp.name
_chem_comp.formula
BMA D-saccharide, beta linking beta-D-mannopyranose 'C6 H12 O6'
D39 non-polymer '(2~{S})-2-azanyl-3-[[(2~{R})-3-hexadecanoyloxy-2-[(~{Z})-octadec-9-enoyl]oxy-propoxy]-oxidanyl-phosphoryl]oxy-propanoic acid' 'C40 H76 N O10 P'
MG non-polymer 'MAGNESIUM ION' 'Mg 2'
NAG D-saccharide, beta linking 2-acetamido-2-deoxy-beta-D-glucopyranose 'C8 H15 N O6'
VN4 non-polymer oxido(dioxo)vanadium 'O3 V -1'
#
# COMPACT_ATOMS: atom_id res chain seq x y z
N THR A 63 14.72 -19.46 -39.79
CA THR A 63 15.82 -19.99 -38.99
C THR A 63 16.92 -18.94 -38.82
N TRP A 64 17.42 -18.81 -37.60
CA TRP A 64 18.50 -17.86 -37.32
C TRP A 64 19.71 -18.19 -38.16
N GLN A 65 20.27 -17.18 -38.82
CA GLN A 65 21.46 -17.31 -39.64
C GLN A 65 22.51 -16.33 -39.17
N VAL A 66 23.73 -16.80 -38.97
CA VAL A 66 24.84 -15.97 -38.51
C VAL A 66 26.02 -16.19 -39.43
N LYS A 67 26.58 -15.09 -39.95
CA LYS A 67 27.75 -15.12 -40.82
C LYS A 67 28.89 -14.43 -40.10
N ALA A 68 30.00 -15.14 -39.92
CA ALA A 68 31.12 -14.62 -39.16
C ALA A 68 31.84 -13.53 -39.94
N ASN A 69 32.26 -12.48 -39.23
CA ASN A 69 33.04 -11.39 -39.80
C ASN A 69 32.33 -10.77 -41.00
N ASP A 70 31.01 -10.61 -40.88
CA ASP A 70 30.20 -9.98 -41.93
C ASP A 70 29.13 -9.13 -41.22
N ARG A 71 29.45 -7.85 -41.02
CA ARG A 71 28.52 -6.93 -40.38
C ARG A 71 27.32 -6.59 -41.24
N LYS A 72 27.37 -6.88 -42.55
CA LYS A 72 26.32 -6.51 -43.49
C LYS A 72 25.76 -7.73 -44.22
N TYR A 73 25.84 -8.91 -43.59
CA TYR A 73 25.29 -10.10 -44.23
C TYR A 73 23.77 -10.01 -44.34
N HIS A 74 23.10 -9.70 -43.23
CA HIS A 74 21.64 -9.61 -43.19
C HIS A 74 21.16 -8.19 -42.92
N GLU A 75 22.02 -7.18 -43.12
CA GLU A 75 21.56 -5.80 -43.08
C GLU A 75 20.65 -5.46 -44.26
N GLN A 76 20.59 -6.32 -45.27
CA GLN A 76 19.69 -6.15 -46.39
C GLN A 76 18.24 -6.03 -45.94
N SER A 90 17.71 -5.36 -38.71
CA SER A 90 16.50 -5.15 -37.91
C SER A 90 16.14 -6.42 -37.16
N LYS A 91 16.01 -7.53 -37.89
CA LYS A 91 15.68 -8.80 -37.25
C LYS A 91 16.83 -9.26 -36.36
N TYR A 92 18.05 -8.85 -36.67
CA TYR A 92 19.16 -8.94 -35.73
C TYR A 92 19.10 -7.77 -34.77
N ALA A 93 19.18 -8.07 -33.48
CA ALA A 93 19.15 -7.04 -32.44
C ALA A 93 20.58 -6.69 -32.06
N ASN A 94 20.87 -5.39 -32.04
CA ASN A 94 22.17 -4.95 -31.57
C ASN A 94 22.34 -5.28 -30.09
N ASN A 95 23.58 -5.45 -29.67
CA ASN A 95 23.89 -6.00 -28.35
C ASN A 95 23.61 -5.03 -27.21
N ALA A 96 23.02 -3.87 -27.47
CA ALA A 96 22.64 -2.94 -26.42
C ALA A 96 21.30 -3.35 -25.82
N ILE A 97 21.17 -3.15 -24.51
CA ILE A 97 19.96 -3.52 -23.77
C ILE A 97 19.21 -2.25 -23.39
N LYS A 98 17.92 -2.42 -23.11
CA LYS A 98 17.02 -1.31 -22.84
C LYS A 98 15.98 -1.77 -21.81
N THR A 99 16.22 -1.47 -20.54
CA THR A 99 15.29 -1.85 -19.47
C THR A 99 14.48 -0.68 -18.95
N TYR A 100 14.91 0.55 -19.16
CA TYR A 100 14.16 1.70 -18.70
C TYR A 100 12.87 1.86 -19.48
N LYS A 101 11.94 2.63 -18.93
CA LYS A 101 10.61 2.82 -19.50
C LYS A 101 10.38 4.20 -20.07
N TYR A 102 10.88 5.25 -19.43
CA TYR A 102 10.58 6.63 -19.79
C TYR A 102 11.82 7.31 -20.34
N ASN A 103 11.71 7.88 -21.53
CA ASN A 103 12.75 8.72 -22.09
C ASN A 103 12.64 10.12 -21.47
N ALA A 104 13.37 11.08 -22.02
CA ALA A 104 13.28 12.46 -21.55
C ALA A 104 12.06 13.19 -22.11
N PHE A 105 11.33 12.58 -23.04
CA PHE A 105 10.16 13.19 -23.67
C PHE A 105 8.87 12.47 -23.30
N THR A 106 8.85 11.15 -23.37
CA THR A 106 7.65 10.37 -23.05
C THR A 106 7.49 10.11 -21.55
N PHE A 107 8.16 10.90 -20.71
CA PHE A 107 7.98 10.74 -19.26
C PHE A 107 6.73 11.44 -18.77
N ILE A 108 6.57 12.74 -19.10
CA ILE A 108 5.38 13.47 -18.67
C ILE A 108 4.11 12.78 -19.13
N PRO A 109 4.02 12.21 -20.34
CA PRO A 109 2.82 11.43 -20.70
C PRO A 109 2.52 10.23 -19.83
N MET A 110 3.29 9.99 -18.77
CA MET A 110 2.91 8.95 -17.81
C MET A 110 1.56 9.25 -17.17
N ASN A 111 1.12 10.51 -17.22
CA ASN A 111 -0.19 10.86 -16.68
C ASN A 111 -1.29 9.98 -17.27
N LEU A 112 -1.14 9.60 -18.55
CA LEU A 112 -2.05 8.61 -19.12
C LEU A 112 -2.09 7.35 -18.27
N PHE A 113 -0.95 6.96 -17.70
CA PHE A 113 -0.92 5.80 -16.82
C PHE A 113 -1.53 6.13 -15.45
N GLU A 114 -1.21 7.30 -14.90
CA GLU A 114 -1.74 7.67 -13.59
C GLU A 114 -3.23 7.95 -13.66
N GLN A 115 -3.65 8.72 -14.66
CA GLN A 115 -5.06 9.13 -14.74
C GLN A 115 -5.97 7.93 -15.00
N PHE A 116 -5.65 7.11 -15.99
CA PHE A 116 -6.58 6.09 -16.45
C PHE A 116 -6.67 4.92 -15.47
N LYS A 117 -5.54 4.44 -14.95
CA LYS A 117 -5.56 3.25 -14.11
C LYS A 117 -6.37 3.49 -12.85
N ARG A 118 -6.18 4.64 -12.21
CA ARG A 118 -6.95 5.02 -11.02
C ARG A 118 -8.04 5.99 -11.44
N ALA A 119 -9.30 5.59 -11.27
CA ALA A 119 -10.41 6.43 -11.68
C ALA A 119 -10.56 7.65 -10.77
N ALA A 120 -9.98 7.61 -9.57
CA ALA A 120 -10.05 8.78 -8.70
C ALA A 120 -9.36 9.98 -9.34
N ASN A 121 -8.21 9.76 -9.97
CA ASN A 121 -7.49 10.86 -10.61
C ASN A 121 -8.33 11.49 -11.71
N LEU A 122 -9.04 10.69 -12.49
CA LEU A 122 -9.93 11.23 -13.49
C LEU A 122 -11.07 12.02 -12.85
N TYR A 123 -11.61 11.52 -11.75
CA TYR A 123 -12.70 12.21 -11.07
C TYR A 123 -12.28 13.58 -10.58
N PHE A 124 -11.09 13.66 -9.95
CA PHE A 124 -10.59 14.95 -9.51
C PHE A 124 -10.28 15.86 -10.69
N LEU A 125 -9.84 15.30 -11.82
CA LEU A 125 -9.67 16.11 -13.02
C LEU A 125 -11.01 16.66 -13.49
N ALA A 126 -12.06 15.85 -13.44
CA ALA A 126 -13.39 16.33 -13.79
C ALA A 126 -13.84 17.44 -12.84
N LEU A 127 -13.56 17.29 -11.55
CA LEU A 127 -13.90 18.33 -10.59
C LEU A 127 -13.17 19.63 -10.91
N LEU A 128 -11.88 19.55 -11.19
CA LEU A 128 -11.09 20.75 -11.48
C LEU A 128 -11.62 21.45 -12.73
N ILE A 129 -11.93 20.69 -13.77
CA ILE A 129 -12.55 21.28 -14.95
C ILE A 129 -13.94 21.80 -14.61
N LEU A 130 -14.71 21.02 -13.85
CA LEU A 130 -16.08 21.41 -13.54
C LEU A 130 -16.12 22.69 -12.69
N GLN A 131 -15.22 22.80 -11.71
CA GLN A 131 -15.16 24.00 -10.88
C GLN A 131 -14.56 25.19 -11.60
N ALA A 132 -13.97 25.00 -12.78
CA ALA A 132 -13.32 26.10 -13.48
C ALA A 132 -14.35 27.05 -14.09
N VAL A 133 -15.41 26.50 -14.69
CA VAL A 133 -16.40 27.31 -15.39
C VAL A 133 -17.21 28.10 -14.37
N PRO A 134 -17.24 29.44 -14.41
CA PRO A 134 -18.02 30.19 -13.41
C PRO A 134 -19.52 29.96 -13.50
N GLN A 135 -20.04 29.52 -14.63
CA GLN A 135 -21.49 29.36 -14.77
C GLN A 135 -22.02 28.35 -13.78
N ILE A 136 -21.30 27.26 -13.58
CA ILE A 136 -21.69 26.18 -12.67
C ILE A 136 -20.55 25.96 -11.70
N SER A 137 -20.64 26.61 -10.54
CA SER A 137 -19.60 26.54 -9.53
C SER A 137 -20.21 26.82 -8.16
N THR A 138 -19.72 26.11 -7.15
CA THR A 138 -20.09 26.38 -5.75
C THR A 138 -18.90 26.40 -4.81
N LEU A 139 -17.73 25.89 -5.21
CA LEU A 139 -16.53 25.91 -4.39
C LEU A 139 -15.35 26.32 -5.26
N ALA A 140 -14.35 26.92 -4.64
CA ALA A 140 -13.19 27.39 -5.37
C ALA A 140 -12.33 26.22 -5.85
N TRP A 141 -11.68 26.42 -7.00
CA TRP A 141 -10.90 25.36 -7.64
C TRP A 141 -9.44 25.34 -7.21
N TYR A 142 -8.92 26.42 -6.60
CA TYR A 142 -7.53 26.42 -6.18
C TYR A 142 -7.28 25.39 -5.07
N THR A 143 -8.33 24.96 -4.38
CA THR A 143 -8.20 23.93 -3.36
C THR A 143 -8.20 22.52 -3.94
N THR A 144 -8.50 22.37 -5.23
CA THR A 144 -8.45 21.08 -5.90
C THR A 144 -7.21 20.89 -6.75
N LEU A 145 -6.65 21.99 -7.30
CA LEU A 145 -5.46 21.86 -8.13
C LEU A 145 -4.24 21.55 -7.28
N VAL A 146 -4.06 22.26 -6.16
CA VAL A 146 -2.86 22.07 -5.36
C VAL A 146 -2.77 20.66 -4.79
N PRO A 147 -3.80 20.11 -4.15
CA PRO A 147 -3.70 18.69 -3.74
C PRO A 147 -3.58 17.73 -4.90
N LEU A 148 -4.22 18.03 -6.03
CA LEU A 148 -4.12 17.14 -7.19
C LEU A 148 -2.68 17.05 -7.69
N LEU A 149 -1.98 18.19 -7.74
CA LEU A 149 -0.58 18.17 -8.13
C LEU A 149 0.25 17.36 -7.14
N VAL A 150 -0.09 17.43 -5.85
CA VAL A 150 0.61 16.65 -4.85
C VAL A 150 0.38 15.16 -5.08
N VAL A 151 -0.86 14.76 -5.36
CA VAL A 151 -1.15 13.35 -5.59
C VAL A 151 -0.45 12.87 -6.84
N LEU A 152 -0.50 13.65 -7.92
CA LEU A 152 0.18 13.28 -9.15
C LEU A 152 1.69 13.47 -9.02
N GLY A 153 2.11 14.54 -8.33
CA GLY A 153 3.52 14.86 -8.27
C GLY A 153 4.33 13.79 -7.54
N VAL A 154 3.84 13.34 -6.38
CA VAL A 154 4.61 12.39 -5.58
C VAL A 154 4.80 11.08 -6.35
N THR A 155 3.74 10.59 -6.98
CA THR A 155 3.87 9.35 -7.76
C THR A 155 4.77 9.56 -8.97
N ALA A 156 4.69 10.74 -9.60
CA ALA A 156 5.55 11.00 -10.75
C ALA A 156 7.01 11.02 -10.37
N ILE A 157 7.35 11.65 -9.25
CA ILE A 157 8.75 11.70 -8.81
C ILE A 157 9.23 10.31 -8.42
N LYS A 158 8.35 9.52 -7.79
CA LYS A 158 8.74 8.17 -7.40
C LYS A 158 9.09 7.33 -8.62
N ASP A 159 8.30 7.43 -9.69
CA ASP A 159 8.60 6.68 -10.90
C ASP A 159 9.82 7.24 -11.61
N LEU A 160 10.07 8.55 -11.49
CA LEU A 160 11.24 9.14 -12.13
C LEU A 160 12.53 8.62 -11.51
N VAL A 161 12.62 8.64 -10.19
CA VAL A 161 13.86 8.19 -9.53
C VAL A 161 14.07 6.71 -9.80
N ASP A 162 12.99 5.93 -9.80
CA ASP A 162 13.12 4.50 -10.13
C ASP A 162 13.62 4.31 -11.56
N ASP A 163 13.07 5.08 -12.50
CA ASP A 163 13.45 4.91 -13.90
C ASP A 163 14.85 5.48 -14.16
N VAL A 164 15.19 6.59 -13.52
CA VAL A 164 16.54 7.14 -13.67
C VAL A 164 17.57 6.13 -13.18
N ALA A 165 17.24 5.40 -12.11
CA ALA A 165 18.15 4.35 -11.66
C ALA A 165 18.31 3.28 -12.72
N ARG A 166 17.21 2.88 -13.38
CA ARG A 166 17.30 1.88 -14.43
C ARG A 166 18.15 2.36 -15.59
N HIS A 167 18.17 3.68 -15.84
CA HIS A 167 19.06 4.21 -16.87
C HIS A 167 20.52 3.98 -16.51
N LYS A 168 20.86 4.16 -15.23
CA LYS A 168 22.25 3.99 -14.81
C LYS A 168 22.69 2.53 -14.96
N MET A 169 21.82 1.59 -14.62
CA MET A 169 22.19 0.18 -14.77
C MET A 169 22.43 -0.17 -16.24
N ASP A 170 21.53 0.29 -17.13
CA ASP A 170 21.72 0.02 -18.55
C ASP A 170 22.99 0.66 -19.07
N LYS A 171 23.29 1.88 -18.63
CA LYS A 171 24.50 2.56 -19.08
C LYS A 171 25.75 1.78 -18.67
N GLU A 172 25.79 1.30 -17.42
CA GLU A 172 26.95 0.56 -16.95
C GLU A 172 27.12 -0.74 -17.72
N ILE A 173 26.03 -1.49 -17.92
CA ILE A 173 26.09 -2.73 -18.67
C ILE A 173 26.46 -2.46 -20.12
N ASN A 174 25.82 -1.46 -20.73
CA ASN A 174 26.08 -1.17 -22.13
C ASN A 174 27.51 -0.70 -22.36
N ASN A 175 28.05 0.10 -21.43
CA ASN A 175 29.40 0.62 -21.57
C ASN A 175 30.48 -0.38 -21.16
N ARG A 176 30.11 -1.63 -20.88
CA ARG A 176 31.10 -2.63 -20.55
C ARG A 176 32.02 -2.86 -21.75
N THR A 177 33.31 -3.05 -21.47
CA THR A 177 34.32 -3.15 -22.50
C THR A 177 34.56 -4.60 -22.89
N CYS A 178 34.87 -4.80 -24.17
CA CYS A 178 35.19 -6.12 -24.70
C CYS A 178 36.19 -5.97 -25.83
N GLU A 179 36.51 -7.08 -26.48
CA GLU A 179 37.41 -7.09 -27.63
C GLU A 179 36.68 -7.72 -28.82
N VAL A 180 36.90 -7.16 -30.01
CA VAL A 180 36.15 -7.50 -31.20
C VAL A 180 37.12 -7.68 -32.36
N ILE A 181 36.82 -8.63 -33.24
CA ILE A 181 37.53 -8.72 -34.50
C ILE A 181 36.93 -7.68 -35.44
N LYS A 182 37.51 -6.49 -35.43
CA LYS A 182 37.27 -5.52 -36.48
C LYS A 182 38.16 -5.91 -37.65
N ASP A 183 38.36 -5.02 -38.61
CA ASP A 183 39.09 -5.40 -39.81
C ASP A 183 40.53 -5.76 -39.47
N GLY A 184 40.83 -7.06 -39.41
CA GLY A 184 42.18 -7.57 -39.36
C GLY A 184 42.75 -7.81 -37.98
N ARG A 185 42.19 -7.20 -36.93
CA ARG A 185 42.83 -7.25 -35.62
C ARG A 185 41.78 -7.18 -34.52
N PHE A 186 42.21 -7.58 -33.32
CA PHE A 186 41.39 -7.45 -32.11
C PHE A 186 41.52 -6.02 -31.59
N LYS A 187 40.46 -5.24 -31.71
CA LYS A 187 40.43 -3.88 -31.19
C LYS A 187 39.27 -3.73 -30.20
N VAL A 188 39.51 -2.93 -29.16
CA VAL A 188 38.57 -2.82 -28.05
C VAL A 188 37.25 -2.23 -28.52
N ALA A 189 36.16 -2.71 -27.95
CA ALA A 189 34.84 -2.19 -28.23
C ALA A 189 33.95 -2.40 -27.01
N LYS A 190 32.88 -1.61 -26.94
CA LYS A 190 31.93 -1.71 -25.85
C LYS A 190 30.87 -2.76 -26.16
N TRP A 191 30.07 -3.10 -25.15
CA TRP A 191 29.05 -4.12 -25.32
C TRP A 191 27.99 -3.68 -26.32
N LYS A 192 27.78 -2.37 -26.48
CA LYS A 192 26.80 -1.90 -27.46
C LYS A 192 27.25 -2.23 -28.87
N GLU A 193 28.54 -2.07 -29.16
CA GLU A 193 29.06 -2.23 -30.51
C GLU A 193 29.07 -3.68 -30.98
N ILE A 194 28.83 -4.64 -30.08
CA ILE A 194 28.79 -6.03 -30.47
C ILE A 194 27.52 -6.30 -31.26
N GLN A 195 27.65 -7.13 -32.31
CA GLN A 195 26.51 -7.49 -33.15
C GLN A 195 26.60 -8.97 -33.48
N VAL A 196 25.51 -9.49 -34.05
CA VAL A 196 25.48 -10.90 -34.42
C VAL A 196 26.54 -11.15 -35.50
N GLY A 197 27.13 -12.33 -35.47
CA GLY A 197 28.22 -12.63 -36.37
C GLY A 197 29.46 -11.81 -36.12
N ASP A 198 29.86 -11.66 -34.86
CA ASP A 198 30.98 -10.82 -34.46
C ASP A 198 31.91 -11.64 -33.59
N VAL A 199 33.15 -11.83 -34.05
CA VAL A 199 34.13 -12.62 -33.32
C VAL A 199 34.76 -11.76 -32.23
N ILE A 200 34.77 -12.29 -31.00
CA ILE A 200 35.24 -11.58 -29.82
C ILE A 200 36.26 -12.43 -29.07
N ARG A 201 37.10 -11.76 -28.30
CA ARG A 201 38.05 -12.41 -27.40
C ARG A 201 37.75 -11.96 -25.98
N LEU A 202 37.62 -12.93 -25.07
CA LEU A 202 37.31 -12.68 -23.68
C LEU A 202 38.41 -13.27 -22.80
N LYS A 203 38.89 -12.48 -21.85
CA LYS A 203 39.93 -12.93 -20.95
C LYS A 203 39.32 -13.57 -19.71
N LYS A 204 40.16 -13.94 -18.76
CA LYS A 204 39.69 -14.55 -17.53
C LYS A 204 38.89 -13.54 -16.71
N ASN A 205 37.83 -14.03 -16.06
CA ASN A 205 36.99 -13.23 -15.17
C ASN A 205 36.27 -12.12 -15.91
N ASP A 206 36.04 -12.25 -17.21
CA ASP A 206 35.28 -11.28 -17.98
C ASP A 206 33.87 -11.79 -18.22
N PHE A 207 32.90 -10.87 -18.13
CA PHE A 207 31.52 -11.21 -18.44
C PHE A 207 31.37 -11.51 -19.93
N VAL A 208 30.54 -12.49 -20.24
CA VAL A 208 30.25 -12.82 -21.64
C VAL A 208 29.30 -11.76 -22.19
N PRO A 209 29.62 -11.08 -23.29
CA PRO A 209 28.78 -9.97 -23.75
C PRO A 209 27.57 -10.41 -24.56
N ALA A 210 27.50 -11.66 -24.99
CA ALA A 210 26.40 -12.13 -25.83
C ALA A 210 26.54 -13.63 -25.97
N ASP A 211 25.48 -14.27 -26.46
CA ASP A 211 25.51 -15.71 -26.69
C ASP A 211 26.49 -16.01 -27.82
N ILE A 212 27.68 -16.51 -27.46
CA ILE A 212 28.75 -16.75 -28.41
C ILE A 212 28.99 -18.25 -28.51
N LEU A 213 29.41 -18.69 -29.69
CA LEU A 213 29.84 -20.07 -29.92
C LEU A 213 31.34 -20.15 -29.64
N LEU A 214 31.71 -20.88 -28.59
CA LEU A 214 33.13 -21.00 -28.24
C LEU A 214 33.89 -21.61 -29.40
N LEU A 215 35.01 -20.99 -29.75
CA LEU A 215 35.86 -21.44 -30.85
C LEU A 215 37.19 -21.99 -30.36
N SER A 216 37.96 -21.20 -29.61
CA SER A 216 39.26 -21.61 -29.12
C SER A 216 39.40 -21.17 -27.67
N SER A 217 40.54 -21.50 -27.07
CA SER A 217 40.84 -21.10 -25.71
C SER A 217 42.36 -21.16 -25.52
N SER A 218 42.80 -20.79 -24.33
CA SER A 218 44.22 -20.76 -23.99
C SER A 218 44.73 -22.08 -23.45
N GLU A 219 43.86 -23.06 -23.25
CA GLU A 219 44.20 -24.34 -22.65
C GLU A 219 43.78 -25.47 -23.59
N PRO A 220 44.43 -26.64 -23.48
CA PRO A 220 44.30 -27.64 -24.55
C PRO A 220 42.87 -28.09 -24.77
N ASN A 221 42.59 -28.49 -26.01
CA ASN A 221 41.27 -28.93 -26.48
C ASN A 221 40.24 -27.81 -26.47
N SER A 222 40.69 -26.55 -26.43
CA SER A 222 39.79 -25.39 -26.42
C SER A 222 38.77 -25.53 -25.30
N LEU A 223 39.25 -25.97 -24.13
CA LEU A 223 38.42 -26.22 -22.98
C LEU A 223 38.19 -24.93 -22.22
N CYS A 224 36.95 -24.70 -21.78
CA CYS A 224 36.59 -23.44 -21.13
C CYS A 224 35.70 -23.73 -19.93
N TYR A 225 35.75 -22.81 -18.96
CA TYR A 225 34.93 -22.85 -17.76
C TYR A 225 34.21 -21.52 -17.59
N VAL A 226 32.94 -21.59 -17.18
CA VAL A 226 32.13 -20.40 -16.99
C VAL A 226 31.40 -20.50 -15.66
N GLU A 227 31.06 -19.35 -15.10
CA GLU A 227 30.29 -19.26 -13.86
C GLU A 227 28.92 -18.69 -14.23
N THR A 228 27.93 -19.56 -14.32
CA THR A 228 26.58 -19.18 -14.76
C THR A 228 25.75 -18.65 -13.59
N ALA A 229 26.27 -17.67 -12.86
CA ALA A 229 25.60 -17.22 -11.65
C ALA A 229 24.30 -16.49 -11.93
N GLU A 230 24.12 -15.95 -13.13
CA GLU A 230 22.89 -15.25 -13.48
C GLU A 230 21.86 -16.16 -14.12
N LEU A 231 22.30 -17.21 -14.82
CA LEU A 231 21.36 -18.19 -15.34
C LEU A 231 20.76 -19.01 -14.21
N ASP A 232 21.60 -19.49 -13.29
CA ASP A 232 21.16 -20.06 -12.03
C ASP A 232 22.05 -19.48 -10.93
N GLY A 233 21.54 -19.48 -9.71
CA GLY A 233 22.25 -18.83 -8.62
C GLY A 233 23.51 -19.52 -8.17
N GLU A 234 23.87 -20.63 -8.79
CA GLU A 234 25.05 -21.39 -8.39
C GLU A 234 26.32 -20.67 -8.84
N THR A 235 27.40 -20.86 -8.05
CA THR A 235 28.69 -20.27 -8.33
C THR A 235 29.69 -21.28 -8.89
N ASN A 236 29.42 -22.58 -8.80
CA ASN A 236 30.35 -23.58 -9.26
C ASN A 236 30.59 -23.46 -10.76
N LEU A 237 31.81 -23.77 -11.18
CA LEU A 237 32.19 -23.65 -12.57
C LEU A 237 31.40 -24.63 -13.43
N LYS A 238 31.09 -24.20 -14.65
CA LYS A 238 30.42 -25.02 -15.65
C LYS A 238 31.41 -25.36 -16.75
N PHE A 239 31.34 -26.60 -17.24
CA PHE A 239 32.30 -27.13 -18.19
C PHE A 239 31.78 -26.95 -19.61
N LYS A 240 32.60 -26.37 -20.48
CA LYS A 240 32.24 -26.13 -21.86
C LYS A 240 33.43 -26.42 -22.76
N MET A 241 33.13 -26.87 -23.98
CA MET A 241 34.14 -27.21 -24.97
C MET A 241 33.83 -26.47 -26.27
N SER A 242 34.68 -26.67 -27.27
CA SER A 242 34.48 -26.15 -28.61
C SER A 242 34.56 -27.29 -29.61
N LEU A 243 34.16 -27.01 -30.85
CA LEU A 243 34.21 -28.01 -31.89
C LEU A 243 35.66 -28.47 -32.11
N GLU A 244 35.82 -29.76 -32.41
CA GLU A 244 37.16 -30.29 -32.61
C GLU A 244 37.87 -29.62 -33.77
N ILE A 245 37.16 -29.43 -34.89
CA ILE A 245 37.79 -28.83 -36.07
C ILE A 245 38.19 -27.39 -35.78
N THR A 246 37.30 -26.62 -35.14
CA THR A 246 37.60 -25.22 -34.88
C THR A 246 38.72 -25.08 -33.86
N ASP A 247 38.91 -26.09 -33.00
CA ASP A 247 39.95 -26.03 -31.98
C ASP A 247 41.34 -25.96 -32.60
N GLN A 248 41.59 -26.76 -33.63
CA GLN A 248 42.93 -26.92 -34.18
C GLN A 248 43.26 -25.92 -35.28
N TYR A 249 42.34 -25.03 -35.64
CA TYR A 249 42.56 -24.07 -36.71
C TYR A 249 42.40 -22.61 -36.29
N LEU A 250 41.57 -22.33 -35.29
CA LEU A 250 41.25 -20.95 -34.91
C LEU A 250 41.97 -20.52 -33.63
N GLN A 251 43.08 -21.17 -33.28
CA GLN A 251 43.81 -20.79 -32.08
C GLN A 251 44.33 -19.37 -32.18
N ARG A 252 44.88 -19.00 -33.34
CA ARG A 252 45.56 -17.72 -33.50
C ARG A 252 44.59 -16.63 -33.92
N GLU A 253 44.98 -15.39 -33.63
CA GLU A 253 44.16 -14.24 -34.01
C GLU A 253 44.02 -14.13 -35.52
N ASP A 254 45.09 -14.40 -36.25
CA ASP A 254 45.09 -14.21 -37.70
C ASP A 254 44.03 -15.07 -38.38
N THR A 255 43.91 -16.33 -37.97
CA THR A 255 42.91 -17.20 -38.58
C THR A 255 41.49 -16.79 -38.19
N LEU A 256 41.32 -16.25 -36.99
CA LEU A 256 40.00 -15.76 -36.59
C LEU A 256 39.57 -14.58 -37.45
N ALA A 257 40.52 -13.72 -37.84
CA ALA A 257 40.18 -12.55 -38.66
C ALA A 257 39.60 -12.97 -40.00
N THR A 258 40.19 -13.97 -40.63
CA THR A 258 39.70 -14.49 -41.91
C THR A 258 38.66 -15.59 -41.74
N PHE A 259 38.30 -15.93 -40.51
CA PHE A 259 37.30 -16.97 -40.28
C PHE A 259 35.97 -16.56 -40.89
N ASP A 260 35.35 -17.49 -41.62
CA ASP A 260 34.04 -17.26 -42.26
C ASP A 260 33.23 -18.55 -42.10
N GLY A 261 32.46 -18.61 -41.01
CA GLY A 261 31.62 -19.76 -40.73
C GLY A 261 30.15 -19.39 -40.69
N PHE A 262 29.33 -20.11 -41.43
CA PHE A 262 27.90 -19.86 -41.51
C PHE A 262 27.16 -20.81 -40.57
N ILE A 263 26.35 -20.24 -39.69
CA ILE A 263 25.63 -20.99 -38.67
C ILE A 263 24.13 -20.84 -38.92
N GLU A 264 23.44 -21.97 -38.96
CA GLU A 264 21.97 -22.01 -39.07
C GLU A 264 21.46 -22.63 -37.77
N CYS A 265 21.29 -21.79 -36.76
CA CYS A 265 20.90 -22.22 -35.42
C CYS A 265 19.43 -21.88 -35.17
N GLU A 266 18.96 -22.25 -33.98
CA GLU A 266 17.57 -22.05 -33.62
C GLU A 266 17.27 -20.57 -33.44
N GLU A 267 15.98 -20.24 -33.49
CA GLU A 267 15.56 -18.87 -33.23
C GLU A 267 15.78 -18.52 -31.77
N PRO A 268 15.88 -17.24 -31.45
CA PRO A 268 16.08 -16.85 -30.05
C PRO A 268 14.96 -17.38 -29.16
N ASN A 269 15.33 -17.80 -27.96
CA ASN A 269 14.39 -18.43 -27.05
C ASN A 269 14.91 -18.28 -25.63
N ASN A 270 14.10 -18.68 -24.67
CA ASN A 270 14.44 -18.59 -23.25
C ASN A 270 14.98 -19.90 -22.69
N ARG A 271 14.98 -20.98 -23.46
CA ARG A 271 15.52 -22.24 -22.99
C ARG A 271 17.04 -22.13 -22.88
N LEU A 272 17.56 -22.44 -21.70
CA LEU A 272 18.99 -22.27 -21.42
C LEU A 272 19.79 -23.56 -21.53
N ASP A 273 19.15 -24.71 -21.31
CA ASP A 273 19.85 -25.99 -21.27
C ASP A 273 19.89 -26.69 -22.62
N LYS A 274 19.32 -26.10 -23.67
CA LYS A 274 19.25 -26.73 -24.97
C LYS A 274 19.67 -25.74 -26.05
N PHE A 275 20.29 -26.27 -27.10
CA PHE A 275 20.68 -25.47 -28.25
C PHE A 275 20.74 -26.37 -29.48
N THR A 276 20.11 -25.94 -30.56
CA THR A 276 20.07 -26.69 -31.80
C THR A 276 20.66 -25.82 -32.91
N GLY A 277 21.71 -26.29 -33.54
CA GLY A 277 22.34 -25.54 -34.61
C GLY A 277 23.49 -26.33 -35.21
N THR A 278 23.96 -25.85 -36.35
CA THR A 278 25.06 -26.47 -37.07
C THR A 278 25.95 -25.39 -37.66
N LEU A 279 27.25 -25.65 -37.68
CA LEU A 279 28.25 -24.73 -38.19
C LEU A 279 28.69 -25.20 -39.57
N PHE A 280 28.33 -24.44 -40.60
CA PHE A 280 28.75 -24.72 -41.97
C PHE A 280 30.10 -24.04 -42.20
N TRP A 281 31.15 -24.84 -42.28
CA TRP A 281 32.50 -24.30 -42.43
C TRP A 281 33.40 -25.36 -43.03
N ARG A 282 34.32 -24.93 -43.89
CA ARG A 282 35.25 -25.83 -44.57
C ARG A 282 34.49 -26.93 -45.32
N ASN A 283 33.39 -26.54 -45.96
CA ASN A 283 32.59 -27.46 -46.77
C ASN A 283 32.14 -28.68 -45.96
N THR A 284 31.78 -28.45 -44.70
CA THR A 284 31.32 -29.52 -43.83
C THR A 284 30.39 -28.93 -42.78
N SER A 285 29.49 -29.78 -42.28
CA SER A 285 28.50 -29.39 -41.28
C SER A 285 28.86 -30.02 -39.94
N PHE A 286 28.85 -29.22 -38.88
CA PHE A 286 29.19 -29.68 -37.54
C PHE A 286 28.06 -29.29 -36.58
N PRO A 287 27.32 -30.25 -36.03
CA PRO A 287 26.23 -29.88 -35.11
C PRO A 287 26.76 -29.21 -33.85
N LEU A 288 25.95 -28.32 -33.30
CA LEU A 288 26.29 -27.56 -32.11
C LEU A 288 25.33 -27.90 -30.98
N ASP A 289 25.84 -27.85 -29.76
CA ASP A 289 25.07 -28.16 -28.57
C ASP A 289 25.28 -27.06 -27.53
N ALA A 290 24.55 -27.16 -26.43
CA ALA A 290 24.66 -26.17 -25.37
C ALA A 290 26.03 -26.15 -24.72
N ASP A 291 26.80 -27.23 -24.86
CA ASP A 291 28.13 -27.29 -24.25
C ASP A 291 29.14 -26.42 -24.98
N LYS A 292 28.80 -25.88 -26.15
CA LYS A 292 29.69 -25.04 -26.92
C LYS A 292 29.25 -23.58 -26.97
N ILE A 293 28.13 -23.24 -26.34
CA ILE A 293 27.57 -21.90 -26.39
C ILE A 293 27.69 -21.28 -25.00
N LEU A 294 28.34 -20.13 -24.93
CA LEU A 294 28.47 -19.36 -23.69
C LEU A 294 27.43 -18.25 -23.72
N LEU A 295 26.56 -18.22 -22.72
CA LEU A 295 25.46 -17.28 -22.70
C LEU A 295 25.88 -15.95 -22.08
N ARG A 296 25.00 -14.96 -22.19
CA ARG A 296 25.36 -13.58 -21.88
C ARG A 296 25.57 -13.37 -20.38
N GLY A 297 24.88 -14.12 -19.54
CA GLY A 297 25.02 -13.96 -18.11
C GLY A 297 26.20 -14.65 -17.48
N CYS A 298 27.04 -15.29 -18.28
CA CYS A 298 28.15 -16.09 -17.80
C CYS A 298 29.35 -15.21 -17.48
N VAL A 299 30.28 -15.78 -16.70
CA VAL A 299 31.57 -15.16 -16.41
C VAL A 299 32.65 -16.20 -16.70
N ILE A 300 33.58 -15.87 -17.59
CA ILE A 300 34.66 -16.78 -17.93
C ILE A 300 35.65 -16.83 -16.79
N ARG A 301 36.00 -18.03 -16.35
CA ARG A 301 36.85 -18.20 -15.18
C ARG A 301 37.84 -19.33 -15.41
N ASN A 302 39.00 -19.19 -14.79
CA ASN A 302 40.08 -20.19 -14.84
C ASN A 302 40.42 -20.57 -16.28
N THR A 303 40.63 -19.55 -17.10
CA THR A 303 41.13 -19.72 -18.46
C THR A 303 41.59 -18.37 -18.96
N ASP A 304 42.81 -18.31 -19.48
CA ASP A 304 43.44 -17.02 -19.78
C ASP A 304 42.63 -16.24 -20.81
N PHE A 305 42.20 -16.91 -21.87
CA PHE A 305 41.40 -16.23 -22.89
C PHE A 305 40.63 -17.25 -23.70
N CYS A 306 39.57 -16.78 -24.35
CA CYS A 306 38.73 -17.61 -25.20
C CYS A 306 38.17 -16.75 -26.31
N HIS A 307 37.75 -17.41 -27.39
CA HIS A 307 37.24 -16.72 -28.57
C HIS A 307 35.90 -17.33 -28.97
N GLY A 308 34.97 -16.46 -29.36
CA GLY A 308 33.68 -16.91 -29.85
C GLY A 308 33.03 -15.86 -30.70
N LEU A 309 32.12 -16.30 -31.57
CA LEU A 309 31.39 -15.41 -32.45
C LEU A 309 29.96 -15.23 -31.94
N VAL A 310 29.52 -13.98 -31.84
CA VAL A 310 28.21 -13.68 -31.30
C VAL A 310 27.13 -14.29 -32.18
N ILE A 311 26.11 -14.85 -31.54
CA ILE A 311 24.99 -15.47 -32.25
C ILE A 311 23.72 -14.70 -31.91
N PHE A 312 23.38 -14.64 -30.62
CA PHE A 312 22.27 -13.84 -30.12
C PHE A 312 22.84 -12.67 -29.34
N ALA A 313 22.37 -11.47 -29.65
CA ALA A 313 22.93 -10.24 -29.09
C ALA A 313 21.82 -9.34 -28.57
N GLY A 314 22.02 -8.79 -27.38
CA GLY A 314 21.23 -7.68 -26.89
C GLY A 314 19.88 -8.05 -26.30
N ALA A 315 18.91 -8.35 -27.16
CA ALA A 315 17.59 -8.78 -26.73
C ALA A 315 17.28 -10.22 -27.10
N ASP A 316 18.02 -10.80 -28.04
CA ASP A 316 17.88 -12.20 -28.40
C ASP A 316 18.60 -13.13 -27.43
N THR A 317 19.48 -12.61 -26.59
CA THR A 317 20.23 -13.45 -25.67
C THR A 317 19.26 -14.16 -24.71
N LYS A 318 19.57 -15.41 -24.40
CA LYS A 318 18.67 -16.21 -23.60
C LYS A 318 18.46 -15.65 -22.20
N ILE A 319 19.42 -14.88 -21.67
CA ILE A 319 19.23 -14.27 -20.36
C ILE A 319 18.17 -13.17 -20.44
N MET A 320 18.18 -12.39 -21.51
CA MET A 320 17.22 -11.31 -21.65
C MET A 320 15.84 -11.81 -22.05
N LYS A 321 15.77 -12.93 -22.78
CA LYS A 321 14.49 -13.60 -22.96
C LYS A 321 13.98 -14.18 -21.64
N ASN A 322 14.89 -14.45 -20.70
CA ASN A 322 14.53 -14.85 -19.34
C ASN A 322 14.43 -13.64 -18.42
N SER A 323 13.67 -12.64 -18.84
CA SER A 323 13.51 -11.42 -18.07
C SER A 323 12.16 -10.80 -18.39
N GLY A 324 11.38 -10.52 -17.35
CA GLY A 324 10.06 -9.97 -17.51
C GLY A 324 10.06 -8.44 -17.46
N LYS A 325 8.90 -7.89 -17.79
CA LYS A 325 8.73 -6.44 -17.79
C LYS A 325 8.50 -5.92 -16.37
N THR A 326 8.94 -4.69 -16.13
CA THR A 326 8.70 -4.02 -14.86
C THR A 326 7.32 -3.39 -14.90
N ARG A 327 6.39 -3.97 -14.14
CA ARG A 327 5.02 -3.47 -14.08
C ARG A 327 4.85 -2.55 -12.86
N PHE A 328 3.77 -1.77 -12.90
CA PHE A 328 3.41 -0.94 -11.75
C PHE A 328 2.63 -1.79 -10.77
N LYS A 329 3.26 -2.13 -9.66
CA LYS A 329 2.64 -3.00 -8.66
C LYS A 329 1.82 -2.17 -7.69
N ARG A 330 0.56 -2.57 -7.50
CA ARG A 330 -0.35 -1.91 -6.58
C ARG A 330 -1.08 -2.95 -5.74
N THR A 331 -1.50 -2.53 -4.56
CA THR A 331 -1.97 -3.43 -3.52
C THR A 331 -3.42 -3.87 -3.80
N LYS A 332 -3.84 -4.94 -3.13
CA LYS A 332 -5.23 -5.37 -3.24
C LYS A 332 -6.18 -4.29 -2.74
N ILE A 333 -5.83 -3.63 -1.63
CA ILE A 333 -6.65 -2.54 -1.12
C ILE A 333 -6.78 -1.43 -2.15
N ASP A 334 -5.70 -1.16 -2.88
CA ASP A 334 -5.78 -0.16 -3.95
C ASP A 334 -6.83 -0.53 -4.97
N TYR A 335 -6.89 -1.81 -5.35
CA TYR A 335 -7.92 -2.26 -6.27
C TYR A 335 -9.30 -2.19 -5.63
N LEU A 336 -9.41 -2.53 -4.33
CA LEU A 336 -10.70 -2.47 -3.66
C LEU A 336 -11.22 -1.05 -3.63
N MET A 337 -10.36 -0.09 -3.27
CA MET A 337 -10.78 1.31 -3.23
C MET A 337 -11.33 1.77 -4.57
N ASN A 338 -10.78 1.26 -5.68
CA ASN A 338 -11.32 1.59 -6.99
C ASN A 338 -12.76 1.12 -7.10
N TYR A 339 -13.06 -0.08 -6.62
CA TYR A 339 -14.44 -0.57 -6.65
C TYR A 339 -15.32 0.17 -5.66
N MET A 340 -14.79 0.48 -4.48
CA MET A 340 -15.53 1.29 -3.53
C MET A 340 -15.84 2.67 -4.11
N VAL A 341 -14.86 3.29 -4.75
CA VAL A 341 -15.03 4.63 -5.28
C VAL A 341 -15.99 4.62 -6.47
N TYR A 342 -16.03 3.52 -7.23
CA TYR A 342 -17.03 3.41 -8.29
C TYR A 342 -18.44 3.51 -7.75
N THR A 343 -18.70 2.83 -6.63
CA THR A 343 -20.03 2.89 -6.02
C THR A 343 -20.34 4.29 -5.54
N ILE A 344 -19.34 5.00 -5.01
CA ILE A 344 -19.58 6.35 -4.52
C ILE A 344 -19.93 7.29 -5.68
N PHE A 345 -19.31 7.09 -6.84
CA PHE A 345 -19.70 7.86 -8.01
C PHE A 345 -21.15 7.62 -8.37
N VAL A 346 -21.60 6.36 -8.32
CA VAL A 346 -22.98 6.04 -8.66
C VAL A 346 -23.93 6.75 -7.71
N VAL A 347 -23.63 6.74 -6.41
CA VAL A 347 -24.46 7.44 -5.44
C VAL A 347 -24.38 8.94 -5.67
N LEU A 348 -23.17 9.46 -5.95
CA LEU A 348 -23.01 10.90 -6.13
C LEU A 348 -23.84 11.39 -7.31
N ILE A 349 -23.80 10.67 -8.43
CA ILE A 349 -24.63 11.07 -9.58
C ILE A 349 -26.10 10.92 -9.25
N LEU A 350 -26.47 9.83 -8.58
CA LEU A 350 -27.88 9.61 -8.25
C LEU A 350 -28.40 10.62 -7.24
N LEU A 351 -27.57 10.96 -6.23
CA LEU A 351 -27.98 11.97 -5.26
C LEU A 351 -28.13 13.33 -5.92
N SER A 352 -27.12 13.72 -6.72
CA SER A 352 -27.18 15.02 -7.38
C SER A 352 -28.32 15.07 -8.39
N ALA A 353 -28.52 13.99 -9.15
CA ALA A 353 -29.61 13.94 -10.11
C ALA A 353 -30.96 14.01 -9.42
N GLY A 354 -31.10 13.30 -8.29
CA GLY A 354 -32.35 13.36 -7.55
C GLY A 354 -32.64 14.73 -6.99
N LEU A 355 -31.60 15.39 -6.46
CA LEU A 355 -31.78 16.75 -5.95
C LEU A 355 -31.96 17.74 -7.09
N ALA A 356 -31.31 17.50 -8.24
CA ALA A 356 -31.53 18.35 -9.40
C ALA A 356 -32.98 18.28 -9.87
N ILE A 357 -33.56 17.09 -9.86
CA ILE A 357 -34.96 16.94 -10.25
C ILE A 357 -35.86 17.68 -9.27
N GLY A 358 -35.58 17.57 -7.97
CA GLY A 358 -36.42 18.23 -6.99
C GLY A 358 -36.42 19.74 -7.14
N HIS A 359 -35.26 20.32 -7.48
CA HIS A 359 -35.20 21.76 -7.71
C HIS A 359 -36.03 22.15 -8.93
N ALA A 360 -36.00 21.33 -9.98
CA ALA A 360 -36.82 21.61 -11.14
C ALA A 360 -38.29 21.62 -10.79
N TYR A 361 -38.73 20.65 -9.98
CA TYR A 361 -40.10 20.67 -9.49
C TYR A 361 -40.32 21.85 -8.55
N TRP A 362 -39.38 22.10 -7.64
CA TRP A 362 -39.55 23.19 -6.68
C TRP A 362 -39.61 24.53 -7.38
N GLU A 363 -38.76 24.74 -8.38
CA GLU A 363 -38.81 25.99 -9.15
C GLU A 363 -40.12 26.12 -9.91
N ALA A 364 -40.75 25.01 -10.26
CA ALA A 364 -42.02 25.09 -10.98
C ALA A 364 -43.14 25.59 -10.07
N GLN A 365 -43.24 25.04 -8.86
CA GLN A 365 -44.33 25.40 -7.95
C GLN A 365 -44.00 26.61 -7.09
N VAL A 366 -42.92 26.55 -6.34
CA VAL A 366 -42.59 27.57 -5.35
C VAL A 366 -41.66 28.64 -5.90
N GLY A 367 -40.64 28.23 -6.66
CA GLY A 367 -39.63 29.18 -7.08
C GLY A 367 -40.15 30.24 -8.04
N ASN A 368 -41.03 29.85 -8.96
CA ASN A 368 -41.51 30.80 -9.96
C ASN A 368 -42.51 31.79 -9.35
N SER A 369 -43.22 31.39 -8.31
CA SER A 369 -44.18 32.27 -7.64
C SER A 369 -43.56 33.06 -6.50
N SER A 370 -42.25 32.93 -6.27
CA SER A 370 -41.58 33.64 -5.19
C SER A 370 -40.97 34.93 -5.75
N TRP A 371 -41.60 36.06 -5.44
CA TRP A 371 -41.13 37.33 -5.99
C TRP A 371 -39.77 37.70 -5.42
N TYR A 372 -39.52 37.39 -4.15
CA TYR A 372 -38.24 37.74 -3.53
C TYR A 372 -37.07 37.01 -4.16
N LEU A 373 -37.32 35.90 -4.86
CA LEU A 373 -36.26 35.13 -5.50
C LEU A 373 -35.99 35.56 -6.94
N TYR A 374 -36.75 36.52 -7.47
CA TYR A 374 -36.54 36.95 -8.84
C TYR A 374 -35.12 37.49 -9.01
N ASP A 375 -34.47 37.09 -10.11
CA ASP A 375 -33.10 37.48 -10.36
C ASP A 375 -32.85 37.88 -11.82
N GLY A 376 -33.88 37.96 -12.64
CA GLY A 376 -33.67 38.15 -14.06
C GLY A 376 -33.14 36.88 -14.68
N GLU A 377 -32.73 37.00 -15.95
CA GLU A 377 -32.20 35.87 -16.71
C GLU A 377 -33.19 34.70 -16.64
N ASP A 378 -34.37 34.93 -17.21
CA ASP A 378 -35.47 33.96 -17.12
C ASP A 378 -35.03 32.59 -17.64
N ASP A 379 -34.97 31.62 -16.75
CA ASP A 379 -34.61 30.24 -17.08
C ASP A 379 -35.78 29.33 -16.71
N THR A 380 -36.14 28.44 -17.63
CA THR A 380 -37.18 27.48 -17.34
C THR A 380 -36.76 26.58 -16.18
N PRO A 381 -37.69 26.05 -15.40
CA PRO A 381 -37.30 25.20 -14.27
C PRO A 381 -36.46 24.00 -14.68
N SER A 382 -36.65 23.50 -15.90
CA SER A 382 -35.82 22.40 -16.38
C SER A 382 -34.35 22.83 -16.47
N TYR A 383 -34.10 24.05 -16.96
CA TYR A 383 -32.72 24.53 -17.03
C TYR A 383 -32.17 24.82 -15.63
N ARG A 384 -33.01 25.35 -14.73
CA ARG A 384 -32.58 25.57 -13.36
C ARG A 384 -32.19 24.27 -12.68
N GLY A 385 -32.97 23.21 -12.91
CA GLY A 385 -32.61 21.92 -12.36
C GLY A 385 -31.31 21.39 -12.94
N PHE A 386 -31.09 21.62 -14.24
CA PHE A 386 -29.87 21.13 -14.87
C PHE A 386 -28.63 21.77 -14.27
N LEU A 387 -28.68 23.08 -14.01
CA LEU A 387 -27.47 23.78 -13.58
C LEU A 387 -26.96 23.28 -12.23
N ILE A 388 -27.86 23.06 -11.26
CA ILE A 388 -27.38 22.68 -9.94
C ILE A 388 -26.92 21.23 -9.89
N PHE A 389 -27.28 20.40 -10.88
CA PHE A 389 -26.76 19.04 -10.90
C PHE A 389 -25.25 19.07 -10.84
N TRP A 390 -24.63 20.02 -11.53
CA TRP A 390 -23.20 20.24 -11.40
C TRP A 390 -22.87 21.00 -10.12
N GLY A 391 -23.80 21.83 -9.64
CA GLY A 391 -23.60 22.49 -8.36
C GLY A 391 -23.59 21.50 -7.21
N TYR A 392 -24.48 20.51 -7.24
CA TYR A 392 -24.51 19.49 -6.21
C TYR A 392 -23.39 18.47 -6.37
N ILE A 393 -22.86 18.31 -7.58
CA ILE A 393 -21.65 17.52 -7.76
C ILE A 393 -20.48 18.18 -7.07
N ILE A 394 -20.45 19.52 -7.08
CA ILE A 394 -19.37 20.25 -6.41
C ILE A 394 -19.61 20.32 -4.91
N VAL A 395 -20.88 20.48 -4.49
CA VAL A 395 -21.18 20.52 -3.07
C VAL A 395 -20.87 19.18 -2.42
N LEU A 396 -21.27 18.08 -3.07
CA LEU A 396 -21.04 16.74 -2.56
C LEU A 396 -19.75 16.13 -3.10
N ASN A 397 -18.79 16.95 -3.49
CA ASN A 397 -17.56 16.43 -4.10
C ASN A 397 -16.73 15.64 -3.10
N THR A 398 -16.73 16.04 -1.83
CA THR A 398 -15.94 15.34 -0.81
C THR A 398 -16.50 13.98 -0.46
N MET A 399 -17.52 13.49 -1.15
CA MET A 399 -17.90 12.09 -0.99
C MET A 399 -16.75 11.18 -1.40
N VAL A 400 -15.96 11.60 -2.37
CA VAL A 400 -14.65 11.02 -2.66
C VAL A 400 -13.63 12.14 -2.49
N PRO A 401 -12.98 12.28 -1.33
CA PRO A 401 -12.13 13.45 -1.10
C PRO A 401 -10.71 13.28 -1.60
N ILE A 402 -10.16 14.38 -2.13
CA ILE A 402 -8.77 14.40 -2.56
C ILE A 402 -7.84 14.26 -1.37
N SER A 403 -8.26 14.73 -0.20
CA SER A 403 -7.42 14.61 1.00
C SER A 403 -7.17 13.16 1.38
N LEU A 404 -8.04 12.24 0.97
CA LEU A 404 -7.80 10.82 1.25
C LEU A 404 -6.53 10.34 0.57
N TYR A 405 -6.35 10.73 -0.70
CA TYR A 405 -5.18 10.27 -1.44
C TYR A 405 -3.94 11.07 -1.12
N VAL A 406 -4.09 12.33 -0.70
CA VAL A 406 -2.94 13.07 -0.20
C VAL A 406 -2.45 12.48 1.11
N SER A 407 -3.38 12.02 1.95
CA SER A 407 -3.02 11.43 3.24
C SER A 407 -2.49 10.01 3.11
N VAL A 408 -2.94 9.25 2.11
CA VAL A 408 -2.44 7.90 1.93
C VAL A 408 -0.95 7.91 1.66
N GLU A 409 -0.47 8.88 0.88
CA GLU A 409 0.96 8.96 0.58
C GLU A 409 1.77 9.23 1.84
N VAL A 410 1.25 10.08 2.73
CA VAL A 410 1.93 10.31 3.99
C VAL A 410 1.95 9.04 4.84
N ILE A 411 0.83 8.32 4.88
CA ILE A 411 0.79 7.06 5.61
C ILE A 411 1.75 6.05 4.99
N ARG A 412 1.77 5.97 3.66
CA ARG A 412 2.63 5.01 2.99
C ARG A 412 4.10 5.30 3.24
N LEU A 413 4.50 6.58 3.14
CA LEU A 413 5.90 6.93 3.36
C LEU A 413 6.33 6.67 4.80
N GLY A 414 5.48 7.02 5.76
CA GLY A 414 5.83 6.79 7.15
C GLY A 414 5.92 5.32 7.49
N GLN A 415 4.97 4.52 6.99
CA GLN A 415 5.00 3.08 7.27
C GLN A 415 6.22 2.42 6.64
N SER A 416 6.70 2.96 5.53
CA SER A 416 7.87 2.38 4.86
C SER A 416 9.16 2.72 5.60
N HIS A 417 9.24 3.92 6.19
CA HIS A 417 10.44 4.31 6.91
C HIS A 417 10.61 3.53 8.20
N PHE A 418 9.54 2.93 8.72
CA PHE A 418 9.67 2.06 9.88
C PHE A 418 10.34 0.74 9.53
N ILE A 419 10.26 0.31 8.28
CA ILE A 419 11.03 -0.84 7.83
C ILE A 419 12.51 -0.48 7.75
N ASN A 420 12.82 0.70 7.22
CA ASN A 420 14.22 1.13 7.14
C ASN A 420 14.82 1.34 8.51
N TRP A 421 14.06 1.95 9.42
CA TRP A 421 14.54 2.26 10.76
C TRP A 421 14.60 1.06 11.68
N ASP A 422 14.10 -0.09 11.25
CA ASP A 422 14.03 -1.26 12.11
C ASP A 422 15.43 -1.73 12.49
N LEU A 423 15.72 -1.73 13.79
CA LEU A 423 16.98 -2.25 14.29
C LEU A 423 16.99 -3.77 14.39
N GLN A 424 15.81 -4.40 14.38
CA GLN A 424 15.70 -5.85 14.41
C GLN A 424 15.68 -6.47 13.02
N MET A 425 15.72 -5.65 11.97
CA MET A 425 15.91 -6.10 10.60
C MET A 425 17.21 -5.53 10.04
N TYR A 426 18.16 -5.23 10.91
CA TYR A 426 19.44 -4.64 10.54
C TYR A 426 20.55 -5.66 10.79
N TYR A 427 21.31 -5.96 9.75
CA TYR A 427 22.35 -6.98 9.81
C TYR A 427 23.65 -6.29 10.22
N ALA A 428 24.19 -6.67 11.38
CA ALA A 428 25.26 -5.90 12.00
C ALA A 428 26.58 -6.11 11.29
N GLU A 429 27.01 -7.36 11.12
CA GLU A 429 28.35 -7.61 10.60
C GLU A 429 28.53 -7.10 9.18
N LYS A 430 27.51 -7.22 8.33
CA LYS A 430 27.57 -6.62 7.01
C LYS A 430 27.16 -5.15 7.00
N ASP A 431 26.62 -4.65 8.11
CA ASP A 431 26.25 -3.24 8.25
C ASP A 431 25.30 -2.82 7.14
N THR A 432 24.15 -3.49 7.09
CA THR A 432 23.15 -3.21 6.07
C THR A 432 21.74 -3.29 6.67
N PRO A 433 21.01 -2.18 6.76
CA PRO A 433 19.64 -2.24 7.24
C PRO A 433 18.67 -2.63 6.12
N ALA A 434 17.42 -2.84 6.51
CA ALA A 434 16.37 -3.06 5.53
C ALA A 434 16.08 -1.77 4.77
N LYS A 435 15.53 -1.92 3.57
CA LYS A 435 15.24 -0.78 2.72
C LYS A 435 13.91 -1.02 2.03
N ALA A 436 12.93 -0.15 2.30
CA ALA A 436 11.64 -0.19 1.60
C ALA A 436 11.81 0.56 0.29
N ARG A 437 12.18 -0.16 -0.76
CA ARG A 437 12.44 0.47 -2.05
C ARG A 437 11.16 0.87 -2.76
N THR A 438 10.03 0.31 -2.36
CA THR A 438 8.72 0.71 -2.87
C THR A 438 7.84 1.04 -1.67
N THR A 439 7.41 2.29 -1.57
CA THR A 439 6.65 2.77 -0.43
C THR A 439 5.15 2.54 -0.56
N THR A 440 4.69 1.99 -1.69
CA THR A 440 3.25 1.87 -1.93
C THR A 440 2.67 0.55 -1.41
N LEU A 441 3.48 -0.49 -1.26
CA LEU A 441 2.97 -1.84 -1.01
C LEU A 441 3.10 -2.27 0.45
N ASN A 442 3.10 -1.31 1.38
CA ASN A 442 3.30 -1.66 2.77
C ASN A 442 2.18 -2.54 3.30
N GLU A 443 0.93 -2.20 3.00
CA GLU A 443 -0.19 -2.96 3.53
C GLU A 443 -0.43 -4.27 2.79
N GLN A 444 0.24 -4.49 1.66
CA GLN A 444 0.16 -5.79 0.99
C GLN A 444 1.04 -6.83 1.66
N LEU A 445 2.02 -6.41 2.46
CA LEU A 445 2.82 -7.37 3.21
C LEU A 445 1.97 -8.14 4.23
N GLY A 446 0.81 -7.61 4.59
CA GLY A 446 -0.13 -8.28 5.47
C GLY A 446 -1.15 -9.13 4.75
N GLN A 447 -1.00 -9.33 3.44
CA GLN A 447 -1.93 -10.08 2.63
C GLN A 447 -1.33 -11.36 2.05
N ILE A 448 -0.06 -11.65 2.35
CA ILE A 448 0.67 -12.67 1.62
C ILE A 448 0.05 -14.04 1.84
N HIS A 449 -0.05 -14.82 0.77
CA HIS A 449 -0.53 -16.20 0.81
C HIS A 449 0.55 -17.21 0.46
N TYR A 450 1.43 -16.87 -0.47
CA TYR A 450 2.50 -17.75 -0.94
C TYR A 450 3.81 -17.00 -0.93
N ILE A 451 4.87 -17.70 -0.54
CA ILE A 451 6.23 -17.19 -0.62
C ILE A 451 7.01 -18.10 -1.57
N PHE A 452 7.65 -17.51 -2.57
CA PHE A 452 8.51 -18.23 -3.50
C PHE A 452 9.94 -17.76 -3.26
N SER A 453 10.80 -18.69 -2.87
CA SER A 453 12.14 -18.34 -2.40
C SER A 453 13.19 -19.13 -3.16
N ASP A 454 14.34 -18.50 -3.36
CA ASP A 454 15.52 -19.18 -3.88
C ASP A 454 16.18 -19.99 -2.75
N LYS A 455 17.05 -20.91 -3.13
CA LYS A 455 17.78 -21.74 -2.17
C LYS A 455 19.16 -21.17 -1.86
N THR A 456 20.01 -21.03 -2.87
CA THR A 456 21.40 -20.63 -2.66
C THR A 456 21.48 -19.14 -2.38
N GLY A 457 21.99 -18.79 -1.20
CA GLY A 457 22.14 -17.41 -0.80
C GLY A 457 20.93 -16.80 -0.15
N THR A 458 19.76 -17.42 -0.29
CA THR A 458 18.54 -16.97 0.36
C THR A 458 18.22 -17.80 1.59
N LEU A 459 18.06 -19.12 1.42
CA LEU A 459 17.91 -20.02 2.55
C LEU A 459 19.26 -20.46 3.11
N THR A 460 20.26 -20.60 2.23
CA THR A 460 21.59 -21.01 2.61
C THR A 460 22.55 -19.84 2.52
N GLN A 461 23.69 -19.97 3.19
CA GLN A 461 24.73 -18.94 3.16
C GLN A 461 25.65 -19.08 1.97
N ASN A 462 25.45 -20.08 1.13
CA ASN A 462 26.32 -20.40 0.00
C ASN A 462 27.70 -20.88 0.44
N ILE A 463 27.86 -21.21 1.72
CA ILE A 463 29.11 -21.73 2.27
C ILE A 463 28.90 -23.21 2.55
N MET A 464 29.84 -24.04 2.09
CA MET A 464 29.74 -25.49 2.18
C MET A 464 31.03 -25.99 2.83
N THR A 465 30.98 -26.27 4.12
CA THR A 465 32.16 -26.62 4.91
C THR A 465 32.16 -28.11 5.25
N PHE A 466 33.36 -28.59 5.58
CA PHE A 466 33.57 -29.98 5.96
C PHE A 466 33.39 -30.07 7.48
N LYS A 467 32.38 -30.81 7.91
CA LYS A 467 31.97 -30.83 9.31
C LYS A 467 32.50 -32.04 10.08
N LYS A 468 32.17 -33.25 9.62
CA LYS A 468 32.51 -34.47 10.33
C LYS A 468 33.05 -35.50 9.37
N CYS A 469 33.81 -36.45 9.90
CA CYS A 469 34.37 -37.53 9.12
C CYS A 469 34.53 -38.76 9.99
N CYS A 470 34.19 -39.93 9.44
CA CYS A 470 34.39 -41.21 10.11
C CYS A 470 35.66 -41.83 9.57
N ILE A 471 36.80 -41.30 10.03
CA ILE A 471 38.09 -41.79 9.55
C ILE A 471 38.33 -43.18 10.13
N ASN A 472 38.62 -44.13 9.24
CA ASN A 472 38.76 -45.53 9.64
C ASN A 472 37.48 -45.96 10.36
N GLY A 473 37.53 -46.14 11.69
CA GLY A 473 36.36 -46.56 12.43
C GLY A 473 35.80 -45.48 13.33
N GLN A 474 36.68 -44.62 13.87
CA GLN A 474 36.26 -43.60 14.81
C GLN A 474 35.68 -42.40 14.08
N ILE A 475 34.73 -41.73 14.74
CA ILE A 475 34.09 -40.52 14.22
C ILE A 475 34.76 -39.32 14.86
N TYR A 476 35.11 -38.33 14.04
CA TYR A 476 35.83 -37.15 14.48
C TYR A 476 34.92 -35.91 14.33
N GLY A 477 35.49 -34.75 14.65
CA GLY A 477 34.72 -33.52 14.61
C GLY A 477 33.64 -33.45 15.66
N ASP A 478 33.93 -33.86 16.89
CA ASP A 478 32.96 -33.90 17.98
C ASP A 478 33.28 -32.90 19.08
N HIS A 479 34.10 -31.88 18.78
CA HIS A 479 34.45 -30.84 19.75
C HIS A 479 35.16 -31.41 20.97
N ARG A 480 35.89 -32.50 20.81
CA ARG A 480 36.60 -33.12 21.92
C ARG A 480 38.02 -32.55 21.98
N ASP A 481 38.87 -33.16 22.80
CA ASP A 481 40.26 -32.75 22.94
C ASP A 481 41.09 -33.83 23.61
N VAL A 493 40.62 -24.70 17.00
CA VAL A 493 41.89 -25.11 16.41
C VAL A 493 42.58 -23.89 15.81
N ASP A 494 43.92 -23.89 15.87
CA ASP A 494 44.71 -22.78 15.38
C ASP A 494 45.19 -22.97 13.94
N PHE A 495 45.48 -24.21 13.54
CA PHE A 495 45.95 -24.53 12.20
C PHE A 495 47.25 -23.79 11.85
N SER A 496 48.00 -23.35 12.85
CA SER A 496 49.27 -22.68 12.59
C SER A 496 50.38 -23.64 12.22
N TRP A 497 50.21 -24.93 12.48
CA TRP A 497 51.25 -25.91 12.17
C TRP A 497 51.46 -26.09 10.67
N ASN A 498 50.48 -25.72 9.85
CA ASN A 498 50.60 -25.80 8.39
C ASN A 498 50.36 -24.42 7.80
N THR A 499 51.19 -24.06 6.82
CA THR A 499 51.12 -22.72 6.23
C THR A 499 49.93 -22.56 5.29
N TYR A 500 49.55 -23.61 4.57
CA TYR A 500 48.50 -23.51 3.56
C TYR A 500 47.12 -23.29 4.17
N ALA A 501 46.96 -23.46 5.48
CA ALA A 501 45.65 -23.30 6.11
C ALA A 501 45.14 -21.88 5.94
N ASP A 502 44.10 -21.70 5.13
CA ASP A 502 43.53 -20.38 4.91
C ASP A 502 42.82 -19.87 6.16
N GLY A 503 42.22 -20.77 6.94
CA GLY A 503 41.45 -20.39 8.10
C GLY A 503 39.96 -20.38 7.91
N LYS A 504 39.47 -20.74 6.71
CA LYS A 504 38.03 -20.78 6.49
C LYS A 504 37.36 -21.83 7.37
N LEU A 505 37.98 -23.00 7.49
CA LEU A 505 37.40 -24.08 8.27
C LEU A 505 37.34 -23.70 9.75
N ALA A 506 36.23 -24.06 10.39
CA ALA A 506 36.00 -23.79 11.80
C ALA A 506 36.03 -25.08 12.63
N PHE A 507 36.96 -25.97 12.30
CA PHE A 507 37.05 -27.24 12.99
C PHE A 507 37.40 -27.02 14.46
N TYR A 508 36.72 -27.77 15.34
CA TYR A 508 36.88 -27.64 16.77
C TYR A 508 37.54 -28.84 17.42
N ASP A 509 37.38 -30.04 16.85
CA ASP A 509 38.03 -31.22 17.42
C ASP A 509 39.54 -31.08 17.37
N HIS A 510 40.19 -31.36 18.49
CA HIS A 510 41.65 -31.31 18.58
C HIS A 510 42.29 -32.69 18.52
N TYR A 511 41.53 -33.75 18.80
CA TYR A 511 42.08 -35.11 18.71
C TYR A 511 42.52 -35.42 17.29
N LEU A 512 41.73 -35.00 16.29
CA LEU A 512 42.10 -35.25 14.91
C LEU A 512 43.41 -34.55 14.55
N ILE A 513 43.59 -33.31 15.01
CA ILE A 513 44.82 -32.59 14.73
C ILE A 513 46.01 -33.31 15.35
N GLU A 514 45.85 -33.78 16.60
CA GLU A 514 46.93 -34.52 17.25
C GLU A 514 47.28 -35.78 16.48
N GLN A 515 46.26 -36.51 16.01
CA GLN A 515 46.51 -37.76 15.29
C GLN A 515 47.23 -37.50 13.98
N ILE A 516 46.87 -36.41 13.28
CA ILE A 516 47.51 -36.11 12.01
C ILE A 516 49.00 -35.85 12.20
N GLN A 517 49.33 -34.99 13.16
CA GLN A 517 50.74 -34.68 13.41
C GLN A 517 51.46 -35.90 13.99
N SER A 518 50.80 -36.64 14.88
CA SER A 518 51.43 -37.80 15.49
C SER A 518 51.77 -38.86 14.45
N GLY A 519 50.85 -39.11 13.52
CA GLY A 519 51.08 -40.11 12.50
C GLY A 519 51.02 -41.54 12.97
N LYS A 520 50.47 -41.79 14.16
CA LYS A 520 50.40 -43.16 14.67
C LYS A 520 49.53 -44.03 13.77
N GLU A 521 48.40 -43.49 13.32
CA GLU A 521 47.47 -44.24 12.48
C GLU A 521 47.65 -43.81 11.04
N PRO A 522 48.14 -44.66 10.14
CA PRO A 522 48.27 -44.25 8.74
C PRO A 522 46.95 -43.97 8.05
N GLU A 523 45.83 -44.45 8.61
CA GLU A 523 44.53 -44.22 7.98
C GLU A 523 44.21 -42.73 7.92
N VAL A 524 44.56 -41.98 8.96
CA VAL A 524 44.28 -40.55 8.98
C VAL A 524 45.02 -39.85 7.85
N ARG A 525 46.28 -40.19 7.65
CA ARG A 525 47.05 -39.57 6.57
C ARG A 525 46.46 -39.92 5.21
N GLN A 526 46.10 -41.18 5.01
CA GLN A 526 45.54 -41.59 3.72
C GLN A 526 44.15 -41.01 3.48
N PHE A 527 43.36 -40.83 4.55
CA PHE A 527 42.02 -40.31 4.39
C PHE A 527 42.03 -38.92 3.75
N PHE A 528 42.83 -38.01 4.30
CA PHE A 528 42.88 -36.66 3.76
C PHE A 528 43.71 -36.59 2.47
N PHE A 529 44.64 -37.52 2.28
CA PHE A 529 45.35 -37.59 1.01
C PHE A 529 44.38 -37.93 -0.12
N LEU A 530 43.42 -38.83 0.13
CA LEU A 530 42.44 -39.17 -0.88
C LEU A 530 41.61 -37.95 -1.27
N LEU A 531 41.23 -37.14 -0.29
CA LEU A 531 40.42 -35.95 -0.59
C LEU A 531 41.19 -35.00 -1.49
N ALA A 532 42.49 -34.85 -1.26
CA ALA A 532 43.32 -33.95 -2.06
C ALA A 532 43.72 -34.56 -3.40
N VAL A 533 43.39 -35.82 -3.65
CA VAL A 533 43.76 -36.51 -4.89
C VAL A 533 42.53 -36.74 -5.77
N CYS A 534 41.56 -37.49 -5.27
CA CYS A 534 40.39 -37.87 -6.07
C CYS A 534 39.43 -36.69 -6.14
N HIS A 535 39.59 -35.87 -7.17
CA HIS A 535 38.74 -34.71 -7.37
C HIS A 535 39.05 -34.11 -8.73
N THR A 536 38.17 -33.21 -9.17
CA THR A 536 38.38 -32.40 -10.37
C THR A 536 38.60 -30.94 -10.02
N VAL A 537 38.80 -30.63 -8.73
CA VAL A 537 39.01 -29.26 -8.32
C VAL A 537 40.25 -28.70 -9.02
N MET A 538 40.27 -27.37 -9.17
CA MET A 538 41.29 -26.69 -9.95
C MET A 538 41.87 -25.54 -9.13
N VAL A 539 43.13 -25.25 -9.38
CA VAL A 539 43.88 -24.25 -8.62
C VAL A 539 43.85 -22.93 -9.36
N ASP A 540 43.96 -21.84 -8.62
CA ASP A 540 44.09 -20.50 -9.17
C ASP A 540 45.49 -19.93 -8.98
N ARG A 541 46.04 -19.99 -7.76
CA ARG A 541 47.39 -19.53 -7.48
C ARG A 541 47.60 -18.10 -7.96
N THR A 542 46.61 -17.24 -7.66
CA THR A 542 46.67 -15.83 -8.04
C THR A 542 47.13 -15.01 -6.85
N ASP A 543 48.16 -14.19 -7.07
CA ASP A 543 48.71 -13.31 -6.04
C ASP A 543 49.19 -14.09 -4.82
N GLY A 544 49.70 -15.29 -5.04
CA GLY A 544 50.21 -16.11 -3.96
C GLY A 544 49.16 -16.77 -3.11
N GLN A 545 47.88 -16.72 -3.51
CA GLN A 545 46.79 -17.32 -2.76
C GLN A 545 46.37 -18.62 -3.44
N LEU A 546 46.28 -19.69 -2.66
CA LEU A 546 45.99 -21.02 -3.21
C LEU A 546 44.46 -21.22 -3.24
N ASN A 547 43.82 -20.43 -4.09
CA ASN A 547 42.37 -20.49 -4.21
C ASN A 547 41.95 -21.66 -5.10
N TYR A 548 40.85 -22.30 -4.74
CA TYR A 548 40.33 -23.47 -5.45
C TYR A 548 39.02 -23.14 -6.13
N GLN A 549 38.84 -23.67 -7.34
CA GLN A 549 37.59 -23.59 -8.08
C GLN A 549 37.20 -24.98 -8.54
N ALA A 550 35.92 -25.31 -8.41
CA ALA A 550 35.44 -26.64 -8.70
C ALA A 550 34.05 -26.59 -9.32
N ALA A 551 33.77 -27.59 -10.16
CA ALA A 551 32.44 -27.72 -10.75
C ALA A 551 31.42 -28.26 -9.77
N SER A 552 31.86 -29.11 -8.84
CA SER A 552 30.98 -29.66 -7.80
C SER A 552 31.33 -29.03 -6.46
N PRO A 553 30.42 -28.32 -5.80
CA PRO A 553 30.79 -27.70 -4.51
C PRO A 553 31.25 -28.70 -3.46
N ASP A 554 30.80 -29.96 -3.54
CA ASP A 554 31.21 -30.96 -2.56
C ASP A 554 32.71 -31.19 -2.63
N GLU A 555 33.26 -31.33 -3.85
CA GLU A 555 34.70 -31.52 -3.98
C GLU A 555 35.46 -30.27 -3.56
N GLY A 556 34.93 -29.09 -3.87
CA GLY A 556 35.58 -27.86 -3.45
C GLY A 556 35.69 -27.76 -1.95
N ALA A 557 34.66 -28.21 -1.23
CA ALA A 557 34.71 -28.19 0.22
C ALA A 557 35.69 -29.23 0.75
N LEU A 558 35.67 -30.44 0.19
CA LEU A 558 36.57 -31.49 0.67
C LEU A 558 38.02 -31.14 0.41
N VAL A 559 38.33 -30.61 -0.77
CA VAL A 559 39.70 -30.24 -1.08
C VAL A 559 40.16 -29.08 -0.21
N ASN A 560 39.27 -28.12 0.05
CA ASN A 560 39.59 -27.04 0.97
C ASN A 560 39.88 -27.57 2.36
N ALA A 561 39.08 -28.54 2.82
CA ALA A 561 39.31 -29.13 4.13
C ALA A 561 40.64 -29.87 4.18
N ALA A 562 40.98 -30.60 3.11
CA ALA A 562 42.24 -31.32 3.09
C ALA A 562 43.42 -30.37 3.19
N ARG A 563 43.32 -29.20 2.54
CA ARG A 563 44.39 -28.21 2.64
C ARG A 563 44.56 -27.76 4.09
N ASN A 564 43.46 -27.52 4.80
CA ASN A 564 43.56 -27.06 6.17
C ASN A 564 44.23 -28.08 7.07
N PHE A 565 44.15 -29.37 6.71
CA PHE A 565 44.78 -30.44 7.46
C PHE A 565 46.12 -30.84 6.85
N GLY A 566 46.83 -29.90 6.25
CA GLY A 566 48.16 -30.12 5.71
C GLY A 566 48.21 -30.61 4.28
N PHE A 567 47.30 -31.48 3.90
CA PHE A 567 47.30 -32.09 2.56
C PHE A 567 46.71 -31.09 1.58
N ALA A 568 47.57 -30.23 1.05
CA ALA A 568 47.17 -29.17 0.13
C ALA A 568 47.40 -29.61 -1.30
N PHE A 569 46.40 -29.39 -2.15
CA PHE A 569 46.49 -29.72 -3.57
C PHE A 569 47.14 -28.53 -4.27
N LEU A 570 48.46 -28.62 -4.49
CA LEU A 570 49.21 -27.47 -4.99
C LEU A 570 48.83 -27.14 -6.43
N ALA A 571 48.85 -28.14 -7.30
CA ALA A 571 48.62 -27.91 -8.73
C ALA A 571 48.53 -29.26 -9.42
N ARG A 572 48.09 -29.23 -10.68
CA ARG A 572 47.93 -30.44 -11.46
C ARG A 572 48.22 -30.13 -12.92
N THR A 573 49.05 -30.95 -13.55
CA THR A 573 49.28 -30.89 -14.98
C THR A 573 48.50 -32.03 -15.64
N GLN A 574 48.71 -32.22 -16.95
CA GLN A 574 47.94 -33.22 -17.67
C GLN A 574 48.19 -34.63 -17.13
N ASN A 575 49.45 -34.94 -16.83
CA ASN A 575 49.84 -36.30 -16.49
C ASN A 575 50.17 -36.50 -15.01
N THR A 576 50.30 -35.43 -14.22
CA THR A 576 50.71 -35.55 -12.82
C THR A 576 49.92 -34.58 -11.97
N ILE A 577 49.88 -34.88 -10.67
CA ILE A 577 49.22 -34.04 -9.67
C ILE A 577 50.19 -33.83 -8.51
N THR A 578 50.34 -32.59 -8.09
CA THR A 578 51.27 -32.21 -7.03
C THR A 578 50.49 -31.89 -5.76
N ILE A 579 50.88 -32.51 -4.65
CA ILE A 579 50.22 -32.34 -3.37
C ILE A 579 51.28 -32.22 -2.28
N SER A 580 51.04 -31.31 -1.34
CA SER A 580 51.94 -31.08 -0.22
C SER A 580 51.45 -31.90 0.97
N GLU A 581 52.19 -32.95 1.31
CA GLU A 581 51.87 -33.81 2.44
C GLU A 581 52.58 -33.27 3.67
N LEU A 582 51.85 -32.53 4.51
CA LEU A 582 52.41 -31.94 5.73
C LEU A 582 53.61 -31.06 5.41
N GLY A 583 53.49 -30.24 4.37
CA GLY A 583 54.55 -29.33 3.99
C GLY A 583 55.65 -29.93 3.14
N THR A 584 55.53 -31.21 2.76
CA THR A 584 56.52 -31.87 1.93
C THR A 584 55.98 -32.01 0.52
N GLU A 585 56.71 -31.48 -0.45
CA GLU A 585 56.29 -31.58 -1.85
C GLU A 585 56.31 -33.03 -2.30
N ARG A 586 55.27 -33.42 -3.03
CA ARG A 586 55.16 -34.78 -3.54
C ARG A 586 54.33 -34.75 -4.82
N THR A 587 54.94 -35.12 -5.94
CA THR A 587 54.30 -35.08 -7.26
C THR A 587 53.93 -36.49 -7.65
N TYR A 588 52.63 -36.76 -7.73
CA TYR A 588 52.12 -38.06 -8.16
C TYR A 588 51.76 -38.00 -9.63
N ASN A 589 52.23 -39.00 -10.38
CA ASN A 589 51.98 -39.09 -11.82
C ASN A 589 50.72 -39.92 -12.03
N VAL A 590 49.58 -39.26 -12.22
CA VAL A 590 48.32 -39.94 -12.43
C VAL A 590 48.37 -40.66 -13.79
N LEU A 591 47.91 -41.91 -13.79
CA LEU A 591 47.90 -42.73 -15.00
C LEU A 591 46.51 -42.96 -15.55
N ALA A 592 45.47 -42.65 -14.79
CA ALA A 592 44.09 -42.79 -15.27
C ALA A 592 43.12 -42.12 -14.31
N ILE A 593 42.26 -41.26 -14.83
CA ILE A 593 41.30 -40.51 -14.03
C ILE A 593 39.91 -40.99 -14.41
N LEU A 594 39.23 -41.67 -13.48
CA LEU A 594 37.86 -42.09 -13.73
C LEU A 594 36.93 -40.89 -13.63
N ASP A 595 35.90 -40.88 -14.48
CA ASP A 595 34.99 -39.77 -14.59
C ASP A 595 33.77 -39.96 -13.71
N PHE A 596 33.03 -38.88 -13.50
CA PHE A 596 31.81 -38.87 -12.71
C PHE A 596 30.60 -38.71 -13.62
N ASN A 597 29.53 -39.42 -13.29
CA ASN A 597 28.28 -39.34 -14.05
C ASN A 597 27.12 -39.40 -13.07
N SER A 598 25.96 -38.95 -13.55
CA SER A 598 24.76 -38.95 -12.70
C SER A 598 24.41 -40.36 -12.27
N ASP A 599 24.49 -41.33 -13.18
CA ASP A 599 24.22 -42.72 -12.83
C ASP A 599 25.39 -43.34 -12.07
N ARG A 600 26.62 -42.95 -12.41
CA ARG A 600 27.79 -43.55 -11.77
C ARG A 600 27.81 -43.24 -10.27
N LYS A 601 27.55 -41.98 -9.91
CA LYS A 601 27.47 -41.56 -8.51
C LYS A 601 28.73 -41.90 -7.74
N ARG A 602 29.88 -41.79 -8.40
CA ARG A 602 31.17 -42.01 -7.74
C ARG A 602 32.26 -41.51 -8.67
N MET A 603 33.50 -41.49 -8.15
CA MET A 603 34.67 -41.13 -8.92
C MET A 603 35.86 -41.84 -8.31
N SER A 604 36.87 -42.11 -9.15
CA SER A 604 38.11 -42.70 -8.68
C SER A 604 39.26 -42.17 -9.53
N ILE A 605 40.47 -42.56 -9.16
CA ILE A 605 41.69 -42.07 -9.82
C ILE A 605 42.82 -43.04 -9.54
N ILE A 606 43.59 -43.37 -10.56
CA ILE A 606 44.77 -44.23 -10.43
C ILE A 606 46.00 -43.34 -10.44
N VAL A 607 46.71 -43.31 -9.31
CA VAL A 607 47.91 -42.50 -9.16
C VAL A 607 49.04 -43.42 -8.74
N ARG A 608 50.18 -43.30 -9.42
CA ARG A 608 51.38 -44.05 -9.08
C ARG A 608 52.21 -43.21 -8.10
N THR A 609 52.46 -43.76 -6.92
CA THR A 609 53.30 -43.06 -5.95
C THR A 609 54.74 -43.03 -6.46
N PRO A 610 55.53 -42.05 -6.03
CA PRO A 610 56.92 -41.98 -6.51
C PRO A 610 57.72 -43.25 -6.23
N GLU A 611 57.40 -43.97 -5.14
CA GLU A 611 58.11 -45.20 -4.84
C GLU A 611 57.89 -46.24 -5.93
N GLY A 612 56.67 -46.35 -6.43
CA GLY A 612 56.36 -47.29 -7.51
C GLY A 612 55.00 -47.96 -7.40
N ASN A 613 54.40 -47.92 -6.21
CA ASN A 613 53.12 -48.56 -6.01
C ASN A 613 52.01 -47.80 -6.75
N ILE A 614 50.92 -48.51 -7.02
CA ILE A 614 49.77 -47.97 -7.74
C ILE A 614 48.55 -48.07 -6.83
N LYS A 615 47.80 -46.98 -6.72
CA LYS A 615 46.63 -46.91 -5.85
C LYS A 615 45.42 -46.45 -6.65
N LEU A 616 44.28 -47.09 -6.40
CA LEU A 616 42.98 -46.68 -6.95
C LEU A 616 42.20 -45.95 -5.87
N TYR A 617 42.44 -44.65 -5.77
CA TYR A 617 41.72 -43.82 -4.80
C TYR A 617 40.32 -43.55 -5.33
N CYS A 618 39.31 -44.05 -4.61
CA CYS A 618 37.92 -43.95 -5.04
C CYS A 618 37.11 -43.16 -4.03
N LYS A 619 36.02 -42.55 -4.51
CA LYS A 619 35.15 -41.75 -3.66
C LYS A 619 33.79 -41.65 -4.34
N GLY A 620 32.73 -41.83 -3.57
CA GLY A 620 31.40 -41.79 -4.15
C GLY A 620 30.34 -41.97 -3.10
N ALA A 621 29.11 -42.18 -3.59
CA ALA A 621 27.96 -42.34 -2.70
C ALA A 621 28.06 -43.65 -1.92
N ASP A 622 27.38 -43.67 -0.78
CA ASP A 622 27.44 -44.84 0.10
C ASP A 622 26.88 -46.09 -0.58
N THR A 623 25.76 -45.94 -1.31
CA THR A 623 25.12 -47.11 -1.91
C THR A 623 26.02 -47.78 -2.93
N VAL A 624 26.56 -47.00 -3.88
CA VAL A 624 27.36 -47.59 -4.94
C VAL A 624 28.68 -48.11 -4.39
N ILE A 625 29.27 -47.38 -3.43
CA ILE A 625 30.57 -47.79 -2.90
C ILE A 625 30.46 -49.12 -2.19
N TYR A 626 29.50 -49.26 -1.28
CA TYR A 626 29.37 -50.50 -0.51
C TYR A 626 29.06 -51.68 -1.41
N GLU A 627 28.46 -51.44 -2.58
CA GLU A 627 28.21 -52.50 -3.53
C GLU A 627 29.51 -53.06 -4.13
N ARG A 628 30.63 -52.37 -3.94
CA ARG A 628 31.91 -52.81 -4.50
C ARG A 628 32.97 -52.97 -3.42
N LEU A 629 32.62 -53.64 -2.32
CA LEU A 629 33.54 -53.94 -1.23
C LEU A 629 33.95 -55.41 -1.30
N HIS A 630 34.90 -55.77 -0.45
CA HIS A 630 35.38 -57.14 -0.33
C HIS A 630 35.23 -57.61 1.11
N ARG A 631 35.43 -58.92 1.30
CA ARG A 631 35.05 -59.55 2.56
C ARG A 631 35.87 -59.05 3.74
N MET A 632 37.18 -58.89 3.57
CA MET A 632 38.04 -58.65 4.72
C MET A 632 37.76 -57.31 5.39
N ASN A 633 37.05 -56.40 4.73
CA ASN A 633 36.74 -55.09 5.27
C ASN A 633 36.03 -55.23 6.62
N PRO A 634 36.68 -54.92 7.74
CA PRO A 634 35.99 -55.01 9.04
C PRO A 634 35.27 -53.74 9.47
N THR A 635 35.31 -52.69 8.65
CA THR A 635 34.75 -51.40 8.99
C THR A 635 33.39 -51.16 8.33
N LYS A 636 32.78 -52.19 7.77
CA LYS A 636 31.48 -52.02 7.10
C LYS A 636 30.44 -51.50 8.08
N GLN A 637 30.36 -52.11 9.26
CA GLN A 637 29.31 -51.74 10.21
C GLN A 637 29.60 -50.39 10.87
N GLU A 638 30.85 -50.14 11.24
CA GLU A 638 31.18 -48.91 11.95
C GLU A 638 30.89 -47.68 11.09
N THR A 639 31.28 -47.71 9.82
CA THR A 639 30.99 -46.58 8.94
C THR A 639 29.52 -46.49 8.60
N GLN A 640 28.83 -47.63 8.51
CA GLN A 640 27.39 -47.60 8.27
C GLN A 640 26.67 -46.87 9.39
N ASP A 641 27.05 -47.12 10.63
CA ASP A 641 26.46 -46.37 11.74
C ASP A 641 26.84 -44.89 11.66
N ALA A 642 28.08 -44.61 11.29
CA ALA A 642 28.52 -43.21 11.19
C ALA A 642 27.74 -42.47 10.11
N LEU A 643 27.49 -43.13 8.98
CA LEU A 643 26.72 -42.48 7.92
C LEU A 643 25.30 -42.15 8.39
N ASP A 644 24.70 -43.05 9.17
CA ASP A 644 23.38 -42.75 9.73
C ASP A 644 23.44 -41.55 10.66
N ILE A 645 24.49 -41.45 11.47
CA ILE A 645 24.65 -40.29 12.34
C ILE A 645 24.79 -39.02 11.52
N PHE A 646 25.60 -39.06 10.46
CA PHE A 646 25.73 -37.91 9.58
C PHE A 646 24.42 -37.58 8.90
N ALA A 647 23.69 -38.61 8.44
CA ALA A 647 22.41 -38.38 7.79
C ALA A 647 21.35 -37.85 8.74
N ASN A 648 21.51 -38.09 10.05
CA ASN A 648 20.52 -37.62 11.01
C ASN A 648 20.47 -36.10 11.04
N GLU A 649 21.63 -35.45 11.01
CA GLU A 649 21.71 -33.99 11.02
C GLU A 649 21.77 -33.40 9.62
N THR A 650 21.32 -34.14 8.61
CA THR A 650 21.22 -33.64 7.24
C THR A 650 22.57 -33.15 6.72
N LEU A 651 23.53 -34.09 6.69
CA LEU A 651 24.87 -33.82 6.18
C LEU A 651 25.11 -34.69 4.94
N ARG A 652 25.59 -34.07 3.87
CA ARG A 652 25.92 -34.82 2.66
C ARG A 652 27.17 -35.64 2.90
N THR A 653 27.13 -36.92 2.54
CA THR A 653 28.17 -37.87 2.88
C THR A 653 28.71 -38.56 1.63
N LEU A 654 29.97 -38.98 1.71
CA LEU A 654 30.63 -39.72 0.64
C LEU A 654 31.55 -40.76 1.26
N CYS A 655 31.56 -41.95 0.69
CA CYS A 655 32.43 -43.02 1.16
C CYS A 655 33.75 -42.99 0.41
N LEU A 656 34.85 -43.19 1.16
CA LEU A 656 36.19 -43.13 0.61
C LEU A 656 36.80 -44.53 0.60
N CYS A 657 37.50 -44.86 -0.48
CA CYS A 657 38.05 -46.21 -0.65
C CYS A 657 39.36 -46.14 -1.40
N TYR A 658 40.15 -47.21 -1.28
CA TYR A 658 41.43 -47.32 -1.97
C TYR A 658 41.72 -48.79 -2.24
N LYS A 659 42.63 -49.03 -3.20
CA LYS A 659 43.02 -50.37 -3.58
C LYS A 659 44.53 -50.35 -3.89
N GLU A 660 45.11 -51.53 -4.05
CA GLU A 660 46.55 -51.73 -4.12
C GLU A 660 46.93 -52.45 -5.41
N ILE A 661 46.49 -51.89 -6.55
CA ILE A 661 46.75 -52.50 -7.85
C ILE A 661 48.21 -52.89 -7.98
N GLU A 662 48.46 -54.01 -8.64
CA GLU A 662 49.81 -54.51 -8.87
C GLU A 662 50.41 -53.78 -10.07
N GLU A 663 51.61 -54.21 -10.49
CA GLU A 663 52.27 -53.58 -11.63
C GLU A 663 51.72 -54.13 -12.95
N LYS A 664 51.81 -55.45 -13.14
CA LYS A 664 51.36 -56.04 -14.40
C LYS A 664 49.85 -55.93 -14.56
N GLU A 665 49.10 -55.98 -13.47
CA GLU A 665 47.64 -55.92 -13.57
C GLU A 665 47.19 -54.61 -14.20
N PHE A 666 47.77 -53.49 -13.77
CA PHE A 666 47.41 -52.21 -14.38
C PHE A 666 47.92 -52.11 -15.80
N THR A 667 49.14 -52.60 -16.05
CA THR A 667 49.71 -52.50 -17.39
C THR A 667 48.85 -53.23 -18.41
N GLU A 668 48.38 -54.44 -18.07
CA GLU A 668 47.47 -55.15 -18.94
C GLU A 668 46.16 -54.38 -19.09
N TRP A 669 45.64 -53.83 -18.00
CA TRP A 669 44.36 -53.12 -18.06
C TRP A 669 44.51 -51.75 -18.71
N ASN A 670 45.66 -51.10 -18.53
CA ASN A 670 45.86 -49.78 -19.15
C ASN A 670 45.74 -49.88 -20.67
N LYS A 671 46.29 -50.94 -21.25
CA LYS A 671 46.10 -51.18 -22.68
C LYS A 671 44.61 -51.35 -23.00
N LYS A 672 43.90 -52.10 -22.16
CA LYS A 672 42.46 -52.24 -22.36
C LYS A 672 41.74 -50.90 -22.17
N PHE A 673 42.12 -50.15 -21.14
CA PHE A 673 41.47 -48.86 -20.90
C PHE A 673 41.72 -47.89 -22.05
N MET A 674 42.96 -47.84 -22.53
CA MET A 674 43.27 -46.96 -23.66
C MET A 674 42.48 -47.35 -24.90
N ALA A 675 42.34 -48.66 -25.15
CA ALA A 675 41.53 -49.11 -26.28
C ALA A 675 40.08 -48.69 -26.13
N ALA A 676 39.59 -48.57 -24.89
CA ALA A 676 38.22 -48.14 -24.66
C ALA A 676 38.02 -46.65 -24.85
N SER A 677 39.10 -45.86 -24.83
CA SER A 677 38.97 -44.41 -24.97
C SER A 677 38.53 -44.00 -26.36
N VAL A 678 38.73 -44.85 -27.38
CA VAL A 678 38.34 -44.47 -28.73
C VAL A 678 36.82 -44.47 -28.84
N ALA A 679 36.32 -43.72 -29.84
CA ALA A 679 34.89 -43.65 -30.06
C ALA A 679 34.31 -45.02 -30.38
N SER A 680 34.99 -45.78 -31.23
CA SER A 680 34.53 -47.11 -31.63
C SER A 680 33.09 -47.05 -32.14
N THR A 681 32.11 -47.36 -31.29
CA THR A 681 30.70 -47.29 -31.64
C THR A 681 29.98 -46.22 -30.84
N ASN A 682 30.03 -46.31 -29.51
CA ASN A 682 29.39 -45.34 -28.62
C ASN A 682 30.33 -44.79 -27.57
N ARG A 683 31.25 -45.61 -27.05
CA ARG A 683 32.18 -45.29 -25.97
C ARG A 683 31.50 -45.26 -24.60
N ASP A 684 30.18 -45.41 -24.55
CA ASP A 684 29.46 -45.37 -23.28
C ASP A 684 29.42 -46.75 -22.62
N GLU A 685 28.95 -47.76 -23.36
CA GLU A 685 28.91 -49.12 -22.81
C GLU A 685 30.32 -49.62 -22.50
N ALA A 686 31.28 -49.36 -23.39
CA ALA A 686 32.64 -49.81 -23.16
C ALA A 686 33.24 -49.17 -21.91
N LEU A 687 33.05 -47.85 -21.76
CA LEU A 687 33.57 -47.16 -20.58
C LEU A 687 32.92 -47.67 -19.31
N ASP A 688 31.60 -47.88 -19.33
CA ASP A 688 30.91 -48.38 -18.16
C ASP A 688 31.41 -49.77 -17.77
N LYS A 689 31.62 -50.63 -18.75
CA LYS A 689 32.06 -51.99 -18.47
C LYS A 689 33.45 -52.00 -17.83
N VAL A 690 34.41 -51.30 -18.44
CA VAL A 690 35.76 -51.28 -17.92
C VAL A 690 35.80 -50.57 -16.57
N TYR A 691 34.98 -49.52 -16.41
CA TYR A 691 34.94 -48.80 -15.14
C TYR A 691 34.51 -49.71 -14.00
N GLU A 692 33.48 -50.55 -14.23
CA GLU A 692 33.00 -51.42 -13.17
C GLU A 692 34.06 -52.41 -12.73
N GLU A 693 34.80 -52.98 -13.68
CA GLU A 693 35.86 -53.92 -13.33
C GLU A 693 37.01 -53.24 -12.61
N ILE A 694 37.24 -51.96 -12.90
CA ILE A 694 38.33 -51.24 -12.25
C ILE A 694 38.10 -51.15 -10.74
N GLU A 695 36.86 -50.87 -10.34
CA GLU A 695 36.54 -50.50 -8.97
C GLU A 695 36.03 -51.66 -8.15
N LYS A 696 36.58 -52.86 -8.37
CA LYS A 696 36.25 -54.03 -7.56
C LYS A 696 37.33 -54.22 -6.49
N ASP A 697 36.94 -54.86 -5.39
CA ASP A 697 37.86 -55.16 -4.28
C ASP A 697 38.49 -53.89 -3.73
N LEU A 698 37.64 -53.04 -3.15
CA LEU A 698 38.04 -51.76 -2.60
C LEU A 698 38.10 -51.82 -1.08
N ILE A 699 39.10 -51.17 -0.50
CA ILE A 699 39.29 -51.10 0.95
C ILE A 699 38.92 -49.70 1.41
N LEU A 700 38.18 -49.61 2.51
CA LEU A 700 37.63 -48.35 2.97
C LEU A 700 38.64 -47.57 3.79
N LEU A 701 38.55 -46.23 3.69
CA LEU A 701 39.27 -45.32 4.56
C LEU A 701 38.36 -44.59 5.54
N GLY A 702 37.09 -44.43 5.21
CA GLY A 702 36.15 -43.74 6.07
C GLY A 702 35.05 -43.11 5.26
N ALA A 703 34.44 -42.07 5.84
CA ALA A 703 33.39 -41.32 5.18
C ALA A 703 33.48 -39.87 5.61
N THR A 704 32.97 -38.99 4.76
CA THR A 704 32.97 -37.55 5.00
C THR A 704 31.55 -37.08 5.28
N ALA A 705 31.45 -35.86 5.82
CA ALA A 705 30.16 -35.24 6.11
C ALA A 705 30.29 -33.75 5.85
N ILE A 706 29.74 -33.30 4.74
CA ILE A 706 29.78 -31.89 4.36
C ILE A 706 28.50 -31.22 4.83
N GLU A 707 28.63 -29.99 5.32
CA GLU A 707 27.51 -29.21 5.83
C GLU A 707 27.22 -28.07 4.86
N ASP A 708 26.00 -28.04 4.33
CA ASP A 708 25.52 -26.92 3.54
C ASP A 708 24.84 -25.95 4.50
N LYS A 709 25.57 -24.91 4.90
CA LYS A 709 25.09 -24.03 5.95
C LYS A 709 23.79 -23.35 5.55
N LEU A 710 22.81 -23.39 6.45
CA LEU A 710 21.60 -22.59 6.33
C LEU A 710 21.84 -21.23 6.96
N GLN A 711 21.12 -20.23 6.46
CA GLN A 711 21.16 -18.93 7.11
C GLN A 711 20.56 -19.04 8.50
N ASP A 712 21.03 -18.19 9.40
CA ASP A 712 20.55 -18.24 10.78
C ASP A 712 19.05 -17.96 10.82
N GLY A 713 18.33 -18.75 11.60
CA GLY A 713 16.92 -18.54 11.80
C GLY A 713 16.04 -18.89 10.61
N VAL A 714 16.53 -19.72 9.70
CA VAL A 714 15.74 -20.13 8.54
C VAL A 714 14.72 -21.19 8.96
N PRO A 715 15.12 -22.29 9.58
CA PRO A 715 14.11 -23.28 10.01
C PRO A 715 13.10 -22.70 11.00
N GLU A 716 13.52 -21.75 11.84
CA GLU A 716 12.58 -21.11 12.75
C GLU A 716 11.64 -20.16 12.00
N THR A 717 12.12 -19.55 10.92
CA THR A 717 11.28 -18.64 10.15
C THR A 717 10.26 -19.41 9.31
N ILE A 718 10.69 -20.52 8.70
CA ILE A 718 9.79 -21.30 7.86
C ILE A 718 8.64 -21.85 8.69
N SER A 719 8.93 -22.36 9.88
CA SER A 719 7.87 -22.85 10.76
C SER A 719 6.98 -21.70 11.22
N LYS A 720 7.58 -20.57 11.57
CA LYS A 720 6.79 -19.43 12.04
C LYS A 720 5.85 -18.93 10.95
N LEU A 721 6.35 -18.78 9.72
CA LEU A 721 5.50 -18.31 8.63
C LEU A 721 4.45 -19.34 8.26
N ALA A 722 4.73 -20.63 8.49
CA ALA A 722 3.72 -21.65 8.24
C ALA A 722 2.56 -21.54 9.23
N LYS A 723 2.85 -21.13 10.47
CA LYS A 723 1.79 -20.91 11.45
C LYS A 723 0.90 -19.75 11.07
N ALA A 724 1.39 -18.82 10.25
CA ALA A 724 0.57 -17.75 9.69
C ALA A 724 -0.18 -18.19 8.44
N ASP A 725 -0.20 -19.49 8.15
CA ASP A 725 -0.88 -20.03 6.97
C ASP A 725 -0.29 -19.47 5.68
N ILE A 726 1.02 -19.25 5.68
CA ILE A 726 1.77 -18.87 4.48
C ILE A 726 2.48 -20.10 3.96
N LYS A 727 2.26 -20.42 2.69
CA LYS A 727 2.89 -21.57 2.06
C LYS A 727 4.16 -21.13 1.35
N ILE A 728 5.26 -21.83 1.59
CA ILE A 728 6.57 -21.48 1.09
C ILE A 728 6.96 -22.48 0.02
N TRP A 729 7.16 -21.99 -1.20
CA TRP A 729 7.68 -22.78 -2.31
C TRP A 729 9.13 -22.40 -2.56
N VAL A 730 9.97 -23.39 -2.80
CA VAL A 730 11.39 -23.16 -3.05
C VAL A 730 11.62 -23.37 -4.54
N LEU A 731 11.90 -22.29 -5.26
CA LEU A 731 12.25 -22.32 -6.66
C LEU A 731 13.73 -22.05 -6.78
N THR A 732 14.50 -23.04 -7.21
CA THR A 732 15.95 -22.96 -7.23
C THR A 732 16.47 -23.45 -8.57
N GLY A 733 17.59 -22.89 -9.00
CA GLY A 733 18.30 -23.31 -10.18
C GLY A 733 19.33 -24.39 -9.95
N ASP A 734 19.39 -24.95 -8.73
CA ASP A 734 20.38 -25.95 -8.38
C ASP A 734 19.86 -27.34 -8.73
N LYS A 735 20.67 -28.35 -8.47
CA LYS A 735 20.30 -29.72 -8.76
C LYS A 735 19.21 -30.20 -7.80
N LYS A 736 18.51 -31.26 -8.22
CA LYS A 736 17.45 -31.81 -7.38
C LYS A 736 18.01 -32.37 -6.08
N GLU A 737 19.19 -32.99 -6.14
CA GLU A 737 19.75 -33.61 -4.94
C GLU A 737 20.07 -32.57 -3.88
N THR A 738 20.62 -31.42 -4.27
CA THR A 738 20.94 -30.38 -3.29
C THR A 738 19.67 -29.67 -2.82
N ALA A 739 18.71 -29.47 -3.72
CA ALA A 739 17.47 -28.82 -3.32
C ALA A 739 16.72 -29.66 -2.30
N GLU A 740 16.66 -30.98 -2.50
CA GLU A 740 15.99 -31.85 -1.55
C GLU A 740 16.72 -31.88 -0.21
N ASN A 741 18.05 -31.87 -0.25
CA ASN A 741 18.82 -31.91 1.00
C ASN A 741 18.55 -30.68 1.85
N ILE A 742 18.50 -29.50 1.22
CA ILE A 742 18.19 -28.28 1.96
C ILE A 742 16.75 -28.29 2.43
N GLY A 743 15.84 -28.90 1.66
CA GLY A 743 14.47 -29.00 2.10
C GLY A 743 14.34 -29.74 3.41
N PHE A 744 15.12 -30.80 3.60
CA PHE A 744 15.11 -31.51 4.88
C PHE A 744 15.76 -30.68 5.98
N ALA A 745 16.85 -29.98 5.66
CA ALA A 745 17.51 -29.15 6.65
C ALA A 745 16.61 -28.01 7.10
N CYS A 746 15.90 -27.38 6.16
CA CYS A 746 14.94 -26.33 6.50
C CYS A 746 13.71 -26.86 7.21
N GLU A 747 13.53 -28.17 7.26
CA GLU A 747 12.35 -28.82 7.83
C GLU A 747 11.09 -28.54 7.01
N LEU A 748 11.24 -28.08 5.77
CA LEU A 748 10.11 -28.05 4.85
C LEU A 748 9.61 -29.47 4.59
N LEU A 749 10.54 -30.40 4.38
CA LEU A 749 10.24 -31.82 4.28
C LEU A 749 10.66 -32.51 5.57
N THR A 750 9.85 -33.45 6.03
CA THR A 750 10.13 -34.22 7.23
C THR A 750 10.02 -35.71 6.89
N GLU A 751 10.28 -36.55 7.89
CA GLU A 751 10.13 -37.99 7.69
C GLU A 751 8.70 -38.38 7.39
N ASP A 752 7.73 -37.57 7.83
CA ASP A 752 6.33 -37.86 7.55
C ASP A 752 5.96 -37.55 6.10
N THR A 753 6.59 -36.55 5.51
CA THR A 753 6.28 -36.18 4.13
C THR A 753 6.65 -37.31 3.18
N THR A 754 5.78 -37.56 2.20
CA THR A 754 6.05 -38.51 1.13
C THR A 754 6.35 -37.70 -0.13
N ILE A 755 7.54 -37.90 -0.69
CA ILE A 755 8.02 -37.07 -1.79
C ILE A 755 7.39 -37.55 -3.10
N CYS A 756 6.73 -36.64 -3.80
CA CYS A 756 6.21 -36.88 -5.14
C CYS A 756 7.12 -36.20 -6.15
N TYR A 757 7.61 -36.98 -7.12
CA TYR A 757 8.53 -36.47 -8.13
C TYR A 757 7.77 -36.20 -9.43
N GLY A 758 8.49 -35.71 -10.42
CA GLY A 758 7.86 -35.38 -11.69
C GLY A 758 7.18 -36.57 -12.33
N GLU A 759 7.79 -37.75 -12.21
CA GLU A 759 7.18 -38.96 -12.77
C GLU A 759 5.84 -39.25 -12.11
N ASP A 760 5.77 -39.11 -10.79
CA ASP A 760 4.53 -39.37 -10.07
C ASP A 760 3.43 -38.39 -10.49
N ILE A 761 3.78 -37.11 -10.63
CA ILE A 761 2.78 -36.09 -10.92
C ILE A 761 2.15 -36.33 -12.29
N ASN A 762 2.98 -36.63 -13.29
CA ASN A 762 2.46 -36.75 -14.66
C ASN A 762 1.43 -37.86 -14.77
N SER A 763 1.58 -38.93 -13.99
CA SER A 763 0.57 -39.99 -13.98
C SER A 763 -0.75 -39.46 -13.43
N LEU A 764 -0.69 -38.66 -12.36
CA LEU A 764 -1.92 -38.17 -11.74
C LEU A 764 -2.59 -37.12 -12.60
N LEU A 765 -1.81 -36.19 -13.17
CA LEU A 765 -2.39 -35.17 -14.04
C LEU A 765 -3.04 -35.80 -15.26
N HIS A 766 -2.39 -36.81 -15.84
CA HIS A 766 -3.00 -37.54 -16.95
C HIS A 766 -4.27 -38.26 -16.50
N ALA A 767 -4.25 -38.84 -15.30
CA ALA A 767 -5.43 -39.53 -14.80
C ALA A 767 -6.61 -38.58 -14.65
N ARG A 768 -6.37 -37.38 -14.12
CA ARG A 768 -7.45 -36.40 -14.01
C ARG A 768 -7.90 -35.93 -15.38
N MET A 769 -6.98 -35.81 -16.33
CA MET A 769 -7.34 -35.40 -17.67
C MET A 769 -8.31 -36.38 -18.31
N GLU A 770 -8.06 -37.68 -18.13
CA GLU A 770 -8.91 -38.73 -18.68
C GLU A 770 -9.95 -39.23 -17.68
N ASN A 771 -10.31 -38.41 -16.69
CA ASN A 771 -11.29 -38.80 -15.69
C ASN A 771 -12.63 -39.14 -16.33
N PHE A 790 -8.27 -32.51 -3.18
CA PHE A 790 -9.05 -33.39 -4.05
C PHE A 790 -8.13 -34.39 -4.74
N PHE A 791 -6.90 -33.98 -5.00
CA PHE A 791 -5.90 -34.89 -5.55
C PHE A 791 -5.37 -35.83 -4.46
N PRO A 792 -4.99 -37.05 -4.80
CA PRO A 792 -4.51 -38.00 -3.78
C PRO A 792 -3.29 -37.48 -3.03
N PRO A 793 -2.36 -36.77 -3.71
CA PRO A 793 -1.23 -36.18 -2.98
C PRO A 793 -1.59 -35.15 -1.92
N GLY A 794 -2.89 -34.86 -1.73
CA GLY A 794 -3.27 -33.99 -0.63
C GLY A 794 -2.76 -34.47 0.71
N GLY A 795 -2.62 -35.79 0.87
CA GLY A 795 -2.03 -36.35 2.07
C GLY A 795 -0.55 -36.64 1.94
N ASN A 796 -0.02 -36.61 0.71
CA ASN A 796 1.40 -36.84 0.51
C ASN A 796 2.24 -35.69 1.04
N ARG A 797 1.85 -34.45 0.72
CA ARG A 797 2.34 -33.21 1.33
C ARG A 797 3.70 -32.75 0.80
N ALA A 798 4.24 -33.34 -0.26
CA ALA A 798 5.52 -32.90 -0.80
C ALA A 798 5.51 -33.04 -2.31
N LEU A 799 6.36 -32.25 -2.97
CA LEU A 799 6.36 -32.19 -4.43
C LEU A 799 7.71 -31.64 -4.87
N ILE A 800 8.51 -32.46 -5.54
CA ILE A 800 9.81 -32.07 -6.06
C ILE A 800 9.78 -32.26 -7.56
N ILE A 801 9.90 -31.16 -8.30
CA ILE A 801 9.84 -31.18 -9.76
C ILE A 801 11.03 -30.43 -10.32
N THR A 802 11.55 -30.93 -11.43
CA THR A 802 12.67 -30.29 -12.13
C THR A 802 12.12 -29.36 -13.21
N GLY A 803 12.99 -28.47 -13.68
CA GLY A 803 12.58 -27.53 -14.72
C GLY A 803 12.17 -28.23 -15.99
N SER A 804 12.84 -29.34 -16.32
CA SER A 804 12.46 -30.12 -17.50
C SER A 804 11.05 -30.69 -17.34
N TRP A 805 10.72 -31.20 -16.16
CA TRP A 805 9.39 -31.74 -15.93
C TRP A 805 8.34 -30.64 -15.93
N LEU A 806 8.70 -29.43 -15.52
CA LEU A 806 7.75 -28.32 -15.57
C LEU A 806 7.32 -28.05 -16.99
N ASN A 807 8.26 -28.06 -17.94
CA ASN A 807 7.90 -27.83 -19.34
C ASN A 807 6.93 -28.89 -19.83
N GLU A 808 7.20 -30.17 -19.53
CA GLU A 808 6.30 -31.23 -19.95
C GLU A 808 4.95 -31.13 -19.23
N ILE A 809 4.96 -30.86 -17.93
CA ILE A 809 3.71 -30.74 -17.18
C ILE A 809 2.90 -29.56 -17.69
N LEU A 810 3.55 -28.41 -17.86
CA LEU A 810 2.89 -27.24 -18.43
C LEU A 810 2.66 -27.38 -19.93
N LEU A 811 3.27 -28.37 -20.58
CA LEU A 811 3.12 -28.58 -22.02
C LEU A 811 3.61 -27.36 -22.81
N GLU A 812 4.63 -26.68 -22.30
CA GLU A 812 5.20 -25.53 -22.99
C GLU A 812 6.51 -25.91 -23.66
N LYS A 839 -3.86 -24.69 -32.05
CA LYS A 839 -5.27 -24.57 -32.42
C LYS A 839 -6.12 -24.22 -31.21
N ARG A 840 -7.42 -24.03 -31.43
CA ARG A 840 -8.31 -23.63 -30.34
C ARG A 840 -8.37 -24.71 -29.26
N ARG A 841 -8.46 -25.98 -29.67
CA ARG A 841 -8.53 -27.05 -28.68
C ARG A 841 -7.23 -27.18 -27.91
N LEU A 842 -6.09 -26.95 -28.56
CA LEU A 842 -4.81 -27.02 -27.88
C LEU A 842 -4.72 -25.96 -26.78
N GLU A 843 -5.21 -24.76 -27.07
CA GLU A 843 -5.21 -23.71 -26.05
C GLU A 843 -6.05 -24.13 -24.84
N ALA A 844 -7.18 -24.80 -25.08
CA ALA A 844 -7.98 -25.29 -23.97
C ALA A 844 -7.21 -26.30 -23.12
N LYS A 845 -6.47 -27.20 -23.78
CA LYS A 845 -5.65 -28.15 -23.04
C LYS A 845 -4.55 -27.45 -22.25
N LYS A 846 -3.94 -26.42 -22.86
CA LYS A 846 -2.95 -25.63 -22.14
C LYS A 846 -3.57 -24.97 -20.92
N GLU A 847 -4.77 -24.38 -21.09
CA GLU A 847 -5.46 -23.77 -19.97
C GLU A 847 -5.85 -24.82 -18.93
N GLN A 848 -6.30 -26.00 -19.38
CA GLN A 848 -6.73 -27.03 -18.45
C GLN A 848 -5.55 -27.66 -17.72
N ARG A 849 -4.49 -28.02 -18.46
CA ARG A 849 -3.37 -28.71 -17.84
C ARG A 849 -2.69 -27.83 -16.79
N GLN A 850 -2.53 -26.54 -17.09
CA GLN A 850 -1.91 -25.64 -16.12
C GLN A 850 -2.74 -25.56 -14.84
N LYS A 851 -4.06 -25.47 -14.98
CA LYS A 851 -4.92 -25.39 -13.81
C LYS A 851 -4.85 -26.67 -12.98
N ASN A 852 -4.79 -27.82 -13.65
CA ASN A 852 -4.73 -29.09 -12.92
C ASN A 852 -3.45 -29.17 -12.09
N PHE A 853 -2.31 -28.77 -12.67
CA PHE A 853 -1.07 -28.80 -11.90
C PHE A 853 -1.11 -27.84 -10.74
N VAL A 854 -1.60 -26.61 -10.96
CA VAL A 854 -1.65 -25.63 -9.88
C VAL A 854 -2.58 -26.10 -8.77
N ASP A 855 -3.68 -26.76 -9.13
CA ASP A 855 -4.57 -27.32 -8.13
C ASP A 855 -3.86 -28.39 -7.31
N LEU A 856 -3.09 -29.26 -7.98
CA LEU A 856 -2.36 -30.30 -7.26
C LEU A 856 -1.24 -29.70 -6.42
N ALA A 857 -0.43 -28.81 -7.01
CA ALA A 857 0.74 -28.28 -6.32
C ALA A 857 0.32 -27.48 -5.09
N CYS A 858 -0.77 -26.71 -5.19
CA CYS A 858 -1.16 -25.85 -4.09
C CYS A 858 -1.61 -26.65 -2.86
N GLU A 859 -2.10 -27.88 -3.06
CA GLU A 859 -2.48 -28.73 -1.94
C GLU A 859 -1.32 -29.64 -1.52
N CYS A 860 -0.16 -29.02 -1.29
CA CYS A 860 1.03 -29.71 -0.83
C CYS A 860 1.74 -28.83 0.19
N SER A 861 2.23 -29.46 1.27
CA SER A 861 2.87 -28.68 2.32
C SER A 861 4.10 -27.95 1.81
N ALA A 862 4.90 -28.63 0.99
CA ALA A 862 6.10 -28.04 0.43
C ALA A 862 6.19 -28.38 -1.05
N VAL A 863 6.58 -27.40 -1.86
CA VAL A 863 6.85 -27.58 -3.28
C VAL A 863 8.24 -27.03 -3.55
N ILE A 864 9.10 -27.87 -4.12
CA ILE A 864 10.48 -27.51 -4.42
C ILE A 864 10.68 -27.70 -5.91
N CYS A 865 10.90 -26.59 -6.62
CA CYS A 865 11.17 -26.61 -8.06
C CYS A 865 12.66 -26.38 -8.26
N CYS A 866 13.32 -27.33 -8.92
CA CYS A 866 14.76 -27.31 -9.12
C CYS A 866 15.08 -27.27 -10.61
N ARG A 867 16.27 -26.79 -10.92
CA ARG A 867 16.75 -26.69 -12.30
C ARG A 867 15.79 -25.86 -13.16
N VAL A 868 15.23 -24.82 -12.57
CA VAL A 868 14.31 -23.92 -13.28
C VAL A 868 15.05 -22.68 -13.73
N THR A 869 14.74 -22.22 -14.93
CA THR A 869 15.35 -21.02 -15.47
C THR A 869 14.71 -19.79 -14.83
N PRO A 870 15.33 -18.62 -14.97
CA PRO A 870 14.74 -17.41 -14.37
C PRO A 870 13.33 -17.13 -14.83
N LYS A 871 12.99 -17.48 -16.06
CA LYS A 871 11.62 -17.32 -16.54
C LYS A 871 10.68 -18.37 -15.97
N GLN A 872 11.18 -19.60 -15.76
CA GLN A 872 10.35 -20.62 -15.15
C GLN A 872 10.03 -20.29 -13.70
N LYS A 873 10.92 -19.55 -13.03
CA LYS A 873 10.62 -19.07 -11.68
C LYS A 873 9.42 -18.13 -11.70
N ALA A 874 9.36 -17.25 -12.71
CA ALA A 874 8.26 -16.28 -12.79
C ALA A 874 6.97 -16.95 -13.21
N MET A 875 7.02 -17.90 -14.15
CA MET A 875 5.79 -18.53 -14.60
C MET A 875 5.12 -19.31 -13.48
N VAL A 876 5.89 -19.86 -12.54
CA VAL A 876 5.30 -20.53 -11.40
C VAL A 876 4.62 -19.52 -10.49
N VAL A 877 5.24 -18.35 -10.29
CA VAL A 877 4.58 -17.29 -9.53
C VAL A 877 3.32 -16.82 -10.23
N ASP A 878 3.39 -16.64 -11.55
CA ASP A 878 2.22 -16.20 -12.30
C ASP A 878 1.11 -17.23 -12.26
N LEU A 879 1.48 -18.52 -12.29
CA LEU A 879 0.47 -19.57 -12.26
C LEU A 879 -0.36 -19.50 -10.99
N VAL A 880 0.30 -19.33 -9.85
CA VAL A 880 -0.43 -19.21 -8.59
C VAL A 880 -1.24 -17.92 -8.56
N LYS A 881 -0.69 -16.85 -9.13
CA LYS A 881 -1.43 -15.59 -9.14
C LYS A 881 -2.71 -15.72 -9.94
N ARG A 882 -2.67 -16.42 -11.07
CA ARG A 882 -3.82 -16.49 -11.96
C ARG A 882 -4.85 -17.50 -11.47
N TYR A 883 -4.42 -18.72 -11.15
CA TYR A 883 -5.33 -19.82 -10.87
C TYR A 883 -5.74 -19.94 -9.41
N LYS A 884 -5.19 -19.09 -8.52
CA LYS A 884 -5.57 -19.12 -7.12
C LYS A 884 -5.98 -17.75 -6.57
N LYS A 885 -5.74 -16.67 -7.31
CA LYS A 885 -6.05 -15.31 -6.82
C LYS A 885 -5.36 -15.06 -5.49
N ALA A 886 -4.13 -15.53 -5.37
CA ALA A 886 -3.36 -15.44 -4.14
C ALA A 886 -2.34 -14.32 -4.23
N ILE A 887 -2.07 -13.68 -3.10
CA ILE A 887 -1.02 -12.67 -3.02
C ILE A 887 0.31 -13.37 -2.78
N THR A 888 1.27 -13.11 -3.66
CA THR A 888 2.52 -13.86 -3.72
C THR A 888 3.69 -12.97 -3.35
N LEU A 889 4.66 -13.55 -2.64
CA LEU A 889 5.91 -12.89 -2.32
C LEU A 889 7.05 -13.67 -2.94
N ALA A 890 7.95 -12.97 -3.62
CA ALA A 890 9.13 -13.57 -4.22
C ALA A 890 10.37 -13.02 -3.52
N ILE A 891 11.21 -13.91 -3.01
CA ILE A 891 12.41 -13.53 -2.27
C ILE A 891 13.60 -14.28 -2.86
N GLY A 892 14.74 -13.61 -2.93
CA GLY A 892 15.93 -14.24 -3.47
C GLY A 892 17.04 -13.23 -3.66
N ASP A 893 18.14 -13.73 -4.21
CA ASP A 893 19.30 -12.91 -4.51
C ASP A 893 19.84 -13.29 -5.89
N GLY A 894 20.52 -12.35 -6.52
CA GLY A 894 21.12 -12.58 -7.82
C GLY A 894 20.14 -12.37 -8.96
N ALA A 895 20.70 -12.30 -10.17
CA ALA A 895 19.90 -12.06 -11.35
C ALA A 895 18.94 -13.21 -11.64
N ASN A 896 19.20 -14.40 -11.09
CA ASN A 896 18.33 -15.54 -11.32
C ASN A 896 16.91 -15.27 -10.84
N ASP A 897 16.75 -14.50 -9.77
CA ASP A 897 15.47 -14.29 -9.12
C ASP A 897 14.83 -12.95 -9.46
N VAL A 898 15.41 -12.19 -10.38
CA VAL A 898 14.86 -10.87 -10.69
C VAL A 898 13.50 -10.99 -11.36
N ASN A 899 13.33 -11.99 -12.22
CA ASN A 899 12.07 -12.12 -12.95
C ASN A 899 10.91 -12.41 -12.00
N MET A 900 11.10 -13.30 -11.03
CA MET A 900 10.03 -13.59 -10.08
C MET A 900 9.90 -12.49 -9.03
N ILE A 901 10.99 -11.77 -8.74
CA ILE A 901 10.89 -10.59 -7.88
C ILE A 901 10.04 -9.52 -8.55
N LYS A 902 10.18 -9.37 -9.87
CA LYS A 902 9.36 -8.43 -10.63
C LYS A 902 7.94 -8.94 -10.87
N THR A 903 7.72 -10.25 -10.81
CA THR A 903 6.42 -10.83 -11.11
C THR A 903 5.52 -10.92 -9.90
N ALA A 904 6.09 -11.22 -8.73
CA ALA A 904 5.29 -11.38 -7.54
C ALA A 904 4.70 -10.06 -7.08
N HIS A 905 3.64 -10.14 -6.28
CA HIS A 905 3.03 -8.94 -5.73
C HIS A 905 4.03 -8.16 -4.87
N ILE A 906 4.80 -8.86 -4.06
CA ILE A 906 5.88 -8.28 -3.27
C ILE A 906 7.17 -8.99 -3.64
N GLY A 907 8.20 -8.21 -3.92
CA GLY A 907 9.50 -8.75 -4.26
C GLY A 907 10.56 -8.33 -3.27
N VAL A 908 11.22 -9.30 -2.66
CA VAL A 908 12.24 -9.05 -1.64
C VAL A 908 13.59 -9.50 -2.20
N GLY A 909 14.59 -8.64 -2.05
CA GLY A 909 15.94 -8.96 -2.49
C GLY A 909 16.90 -9.12 -1.33
N ILE A 910 17.51 -10.29 -1.20
CA ILE A 910 18.48 -10.54 -0.14
C ILE A 910 19.79 -9.87 -0.52
N SER A 911 20.29 -9.01 0.35
CA SER A 911 21.54 -8.30 0.09
C SER A 911 22.73 -9.24 0.27
N GLY A 912 23.82 -8.91 -0.41
CA GLY A 912 25.05 -9.68 -0.31
C GLY A 912 25.77 -9.84 -1.63
N GLN A 913 25.02 -9.79 -2.74
CA GLN A 913 25.61 -9.93 -4.06
C GLN A 913 26.17 -8.59 -4.53
N GLU A 914 27.41 -8.60 -5.00
CA GLU A 914 28.03 -7.35 -5.46
C GLU A 914 27.27 -6.75 -6.63
N GLY A 915 26.62 -7.59 -7.44
CA GLY A 915 25.81 -7.06 -8.53
C GLY A 915 24.63 -6.25 -8.03
N MET A 916 24.04 -6.64 -6.90
CA MET A 916 22.90 -5.94 -6.32
C MET A 916 21.75 -5.86 -7.32
N GLN A 917 21.57 -6.93 -8.10
CA GLN A 917 20.56 -6.94 -9.16
C GLN A 917 19.19 -7.38 -8.63
N ALA A 918 19.15 -8.36 -7.73
CA ALA A 918 17.89 -8.71 -7.08
C ALA A 918 17.46 -7.62 -6.11
N VAL A 919 18.43 -7.02 -5.41
CA VAL A 919 18.11 -5.94 -4.46
C VAL A 919 17.53 -4.74 -5.20
N MET A 920 18.14 -4.38 -6.34
CA MET A 920 17.73 -3.17 -7.04
C MET A 920 16.35 -3.30 -7.65
N SER A 921 15.93 -4.51 -8.01
CA SER A 921 14.62 -4.74 -8.60
C SER A 921 13.56 -5.10 -7.56
N SER A 922 13.91 -5.15 -6.29
CA SER A 922 13.01 -5.60 -5.25
C SER A 922 12.25 -4.42 -4.65
N ASP A 923 11.07 -4.71 -4.10
CA ASP A 923 10.32 -3.70 -3.36
C ASP A 923 10.96 -3.45 -1.99
N TYR A 924 11.40 -4.52 -1.33
CA TYR A 924 12.08 -4.45 -0.05
C TYR A 924 13.36 -5.26 -0.16
N SER A 925 14.32 -4.94 0.71
CA SER A 925 15.62 -5.62 0.65
C SER A 925 16.28 -5.58 2.01
N PHE A 926 16.42 -6.74 2.63
CA PHE A 926 17.23 -6.94 3.83
C PHE A 926 18.28 -8.01 3.53
N ALA A 927 19.04 -8.41 4.55
CA ALA A 927 20.20 -9.25 4.36
C ALA A 927 19.99 -10.70 4.77
N GLN A 928 19.16 -10.96 5.78
CA GLN A 928 18.97 -12.31 6.31
C GLN A 928 17.53 -12.75 6.10
N PHE A 929 17.36 -14.01 5.71
CA PHE A 929 16.02 -14.55 5.48
C PHE A 929 15.15 -14.44 6.71
N ARG A 930 15.75 -14.55 7.91
CA ARG A 930 14.94 -14.57 9.12
C ARG A 930 14.19 -13.28 9.35
N TYR A 931 14.61 -12.18 8.71
CA TYR A 931 13.91 -10.92 8.86
C TYR A 931 12.56 -10.92 8.16
N LEU A 932 12.25 -11.97 7.39
CA LEU A 932 10.93 -12.10 6.80
C LEU A 932 9.84 -12.21 7.86
N GLN A 933 10.19 -12.60 9.09
CA GLN A 933 9.22 -12.64 10.17
C GLN A 933 8.73 -11.25 10.52
N ARG A 934 9.65 -10.31 10.73
CA ARG A 934 9.26 -8.96 11.11
C ARG A 934 8.63 -8.20 9.95
N LEU A 935 9.08 -8.46 8.72
CA LEU A 935 8.48 -7.78 7.57
C LEU A 935 7.02 -8.14 7.43
N LEU A 936 6.67 -9.41 7.64
CA LEU A 936 5.31 -9.89 7.44
C LEU A 936 4.47 -9.81 8.70
N LEU A 937 4.97 -10.35 9.80
CA LEU A 937 4.17 -10.50 11.01
C LEU A 937 4.09 -9.22 11.84
N VAL A 938 4.95 -8.23 11.58
CA VAL A 938 4.93 -6.98 12.33
C VAL A 938 4.59 -5.84 11.39
N HIS A 939 5.46 -5.60 10.40
CA HIS A 939 5.27 -4.46 9.51
C HIS A 939 4.10 -4.70 8.57
N GLY A 940 4.03 -5.88 7.95
CA GLY A 940 2.91 -6.18 7.07
C GLY A 940 1.60 -6.31 7.82
N ARG A 941 1.62 -6.96 8.99
CA ARG A 941 0.41 -7.13 9.77
C ARG A 941 -0.13 -5.79 10.23
N TRP A 942 0.73 -4.96 10.85
CA TRP A 942 0.29 -3.65 11.32
C TRP A 942 -0.13 -2.77 10.16
N SER A 943 0.68 -2.73 9.10
CA SER A 943 0.37 -1.86 7.96
C SER A 943 -1.00 -2.17 7.38
N TYR A 944 -1.41 -3.44 7.38
CA TYR A 944 -2.75 -3.76 6.94
C TYR A 944 -3.79 -3.20 7.90
N ILE A 945 -3.57 -3.36 9.20
CA ILE A 945 -4.52 -2.86 10.19
C ILE A 945 -4.61 -1.34 10.14
N ARG A 946 -3.45 -0.67 10.06
CA ARG A 946 -3.42 0.78 10.05
C ARG A 946 -4.03 1.35 8.77
N MET A 947 -3.80 0.70 7.64
CA MET A 947 -4.38 1.19 6.39
C MET A 947 -5.89 1.01 6.38
N CYS A 948 -6.37 -0.17 6.78
CA CYS A 948 -7.81 -0.43 6.79
C CYS A 948 -8.52 0.49 7.78
N LYS A 949 -7.92 0.70 8.96
CA LYS A 949 -8.49 1.65 9.91
C LYS A 949 -8.51 3.06 9.32
N PHE A 950 -7.44 3.45 8.64
CA PHE A 950 -7.38 4.77 8.04
C PHE A 950 -8.47 4.95 7.00
N LEU A 951 -8.64 3.96 6.11
CA LEU A 951 -9.62 4.09 5.03
C LEU A 951 -11.03 4.13 5.57
N ARG A 952 -11.36 3.26 6.52
CA ARG A 952 -12.73 3.20 7.03
C ARG A 952 -13.11 4.49 7.74
N TYR A 953 -12.18 5.07 8.51
CA TYR A 953 -12.49 6.32 9.20
C TYR A 953 -12.52 7.49 8.24
N PHE A 954 -11.58 7.54 7.30
CA PHE A 954 -11.49 8.70 6.42
C PHE A 954 -12.75 8.86 5.58
N PHE A 955 -13.34 7.75 5.14
CA PHE A 955 -14.61 7.83 4.43
C PHE A 955 -15.72 8.28 5.37
N TYR A 956 -15.80 7.67 6.56
CA TYR A 956 -16.82 8.05 7.53
C TYR A 956 -16.80 9.55 7.80
N LYS A 957 -15.63 10.09 8.14
CA LYS A 957 -15.55 11.49 8.53
C LYS A 957 -15.94 12.43 7.41
N ASN A 958 -15.87 11.98 6.15
CA ASN A 958 -16.23 12.80 5.01
C ASN A 958 -17.64 12.54 4.51
N PHE A 959 -18.16 11.33 4.70
CA PHE A 959 -19.57 11.09 4.43
C PHE A 959 -20.45 11.74 5.48
N ALA A 960 -20.03 11.71 6.74
CA ALA A 960 -20.74 12.42 7.79
C ALA A 960 -20.66 13.93 7.63
N PHE A 961 -19.68 14.42 6.87
CA PHE A 961 -19.46 15.84 6.68
C PHE A 961 -20.18 16.37 5.44
N THR A 962 -20.08 15.64 4.33
CA THR A 962 -20.62 16.10 3.07
C THR A 962 -22.10 15.77 2.87
N LEU A 963 -22.64 14.83 3.65
CA LEU A 963 -24.04 14.46 3.50
C LEU A 963 -24.98 15.37 4.27
N VAL A 964 -24.45 16.29 5.08
CA VAL A 964 -25.32 17.26 5.73
C VAL A 964 -25.94 18.18 4.67
N HIS A 965 -25.20 18.47 3.61
CA HIS A 965 -25.76 19.28 2.52
C HIS A 965 -26.93 18.56 1.86
N PHE A 966 -26.91 17.23 1.84
CA PHE A 966 -28.01 16.47 1.24
C PHE A 966 -29.30 16.67 2.02
N TRP A 967 -29.22 16.63 3.36
CA TRP A 967 -30.42 16.79 4.17
C TRP A 967 -30.90 18.23 4.16
N TYR A 968 -29.98 19.18 4.13
CA TYR A 968 -30.35 20.60 4.08
C TYR A 968 -31.01 20.97 2.77
N SER A 969 -30.81 20.18 1.72
CA SER A 969 -31.42 20.50 0.43
C SER A 969 -32.93 20.53 0.51
N PHE A 970 -33.52 19.75 1.42
CA PHE A 970 -34.97 19.71 1.57
C PHE A 970 -35.53 20.94 2.25
N PHE A 971 -34.68 21.81 2.80
CA PHE A 971 -35.12 22.98 3.55
C PHE A 971 -34.58 24.28 2.97
N ASN A 972 -34.04 24.26 1.75
CA ASN A 972 -33.59 25.48 1.09
C ASN A 972 -33.99 25.51 -0.38
N GLY A 973 -34.94 24.68 -0.79
CA GLY A 973 -35.36 24.64 -2.17
C GLY A 973 -34.44 23.86 -3.08
N TYR A 974 -33.65 22.94 -2.53
CA TYR A 974 -32.69 22.16 -3.31
C TYR A 974 -31.76 23.08 -4.10
N SER A 975 -31.38 24.19 -3.48
CA SER A 975 -30.67 25.26 -4.16
C SER A 975 -29.15 25.10 -4.11
N ALA A 976 -28.66 23.96 -3.62
CA ALA A 976 -27.23 23.68 -3.50
C ALA A 976 -26.54 24.56 -2.46
N GLN A 977 -27.30 25.23 -1.60
CA GLN A 977 -26.70 25.95 -0.49
C GLN A 977 -26.08 24.97 0.49
N THR A 978 -24.87 25.30 0.95
CA THR A 978 -24.16 24.45 1.88
C THR A 978 -24.56 24.78 3.31
N ALA A 979 -24.51 23.76 4.17
CA ALA A 979 -24.87 23.93 5.57
C ALA A 979 -23.74 24.49 6.42
N TYR A 980 -22.50 24.51 5.91
CA TYR A 980 -21.36 25.04 6.62
C TYR A 980 -20.89 26.34 6.00
N GLU A 981 -20.09 27.08 6.75
CA GLU A 981 -19.42 28.24 6.21
C GLU A 981 -18.37 27.82 5.19
N ASP A 982 -18.07 28.72 4.25
CA ASP A 982 -17.13 28.37 3.19
C ASP A 982 -15.75 28.07 3.76
N TRP A 983 -15.30 28.85 4.75
CA TRP A 983 -13.98 28.65 5.33
C TRP A 983 -13.89 27.38 6.17
N PHE A 984 -15.02 26.78 6.54
CA PHE A 984 -14.99 25.50 7.24
C PHE A 984 -14.88 24.33 6.26
N ILE A 985 -15.48 24.47 5.08
CA ILE A 985 -15.42 23.39 4.09
C ILE A 985 -13.99 23.18 3.61
N THR A 986 -13.21 24.27 3.48
CA THR A 986 -11.84 24.14 3.00
C THR A 986 -10.92 23.57 4.08
N LEU A 987 -11.08 24.00 5.32
CA LEU A 987 -10.17 23.63 6.40
C LEU A 987 -10.58 22.37 7.14
N TYR A 988 -11.71 21.75 6.78
CA TYR A 988 -12.15 20.55 7.49
C TYR A 988 -11.10 19.44 7.39
N ASN A 989 -10.86 18.96 6.17
CA ASN A 989 -9.89 17.88 5.97
C ASN A 989 -8.45 18.34 6.08
N VAL A 990 -8.21 19.65 6.16
CA VAL A 990 -6.86 20.18 6.25
C VAL A 990 -6.40 20.31 7.70
N LEU A 991 -7.22 20.92 8.54
CA LEU A 991 -6.83 21.25 9.91
C LEU A 991 -7.59 20.45 10.96
N TYR A 992 -8.91 20.36 10.84
CA TYR A 992 -9.74 19.88 11.95
C TYR A 992 -9.85 18.36 12.01
N THR A 993 -9.52 17.64 10.94
CA THR A 993 -9.62 16.19 10.95
C THR A 993 -8.46 15.53 10.21
N SER A 994 -7.30 16.20 10.16
CA SER A 994 -6.18 15.74 9.36
C SER A 994 -5.14 14.99 10.18
N LEU A 995 -4.58 15.64 11.21
CA LEU A 995 -3.51 15.00 11.97
C LEU A 995 -3.96 13.75 12.71
N PRO A 996 -5.10 13.72 13.41
CA PRO A 996 -5.42 12.53 14.22
C PRO A 996 -5.44 11.23 13.43
N VAL A 997 -5.94 11.26 12.19
CA VAL A 997 -6.01 10.03 11.41
C VAL A 997 -4.64 9.66 10.83
N LEU A 998 -3.78 10.65 10.58
CA LEU A 998 -2.44 10.34 10.10
C LEU A 998 -1.63 9.62 11.16
N LEU A 999 -1.74 10.05 12.42
CA LEU A 999 -1.01 9.39 13.49
C LEU A 999 -1.58 8.00 13.78
N MET A 1000 -2.90 7.86 13.72
CA MET A 1000 -3.51 6.55 13.90
C MET A 1000 -3.10 5.60 12.78
N GLY A 1001 -2.85 6.13 11.58
CA GLY A 1001 -2.34 5.34 10.48
C GLY A 1001 -0.85 5.11 10.50
N LEU A 1002 -0.15 5.63 11.51
CA LEU A 1002 1.29 5.47 11.62
C LEU A 1002 1.76 4.93 12.96
N LEU A 1003 0.96 5.01 14.02
CA LEU A 1003 1.40 4.64 15.37
C LEU A 1003 0.44 3.67 16.05
N ASP A 1004 -0.46 3.03 15.31
CA ASP A 1004 -1.46 2.16 15.91
C ASP A 1004 -0.99 0.72 15.90
N GLN A 1005 -1.05 0.07 17.06
CA GLN A 1005 -0.63 -1.33 17.20
C GLN A 1005 -1.67 -2.04 18.07
N ASP A 1006 -2.32 -3.05 17.50
CA ASP A 1006 -3.24 -3.85 18.30
C ASP A 1006 -2.48 -4.65 19.37
N VAL A 1007 -1.35 -5.24 19.00
CA VAL A 1007 -0.47 -5.94 19.93
C VAL A 1007 0.97 -5.56 19.60
N SER A 1008 1.84 -5.74 20.60
CA SER A 1008 3.23 -5.36 20.43
C SER A 1008 3.92 -6.25 19.40
N ASP A 1009 5.16 -5.88 19.06
CA ASP A 1009 5.94 -6.70 18.14
C ASP A 1009 6.21 -8.07 18.71
N LYS A 1010 6.50 -8.15 20.02
CA LYS A 1010 6.74 -9.43 20.65
C LYS A 1010 5.52 -10.34 20.56
N LEU A 1011 4.33 -9.78 20.78
CA LEU A 1011 3.11 -10.57 20.69
C LEU A 1011 2.74 -10.84 19.23
N SER A 1012 3.14 -9.97 18.31
CA SER A 1012 2.90 -10.22 16.90
C SER A 1012 3.67 -11.45 16.42
N LEU A 1013 4.91 -11.61 16.89
CA LEU A 1013 5.72 -12.76 16.48
C LEU A 1013 5.40 -14.00 17.29
N ARG A 1014 4.88 -13.85 18.51
CA ARG A 1014 4.50 -15.01 19.31
C ARG A 1014 3.21 -15.65 18.83
N PHE A 1015 2.36 -14.89 18.12
CA PHE A 1015 1.07 -15.38 17.63
C PHE A 1015 0.99 -15.08 16.15
N PRO A 1016 1.63 -15.89 15.30
CA PRO A 1016 1.47 -15.69 13.86
C PRO A 1016 0.05 -15.85 13.36
N GLY A 1017 -0.82 -16.51 14.14
CA GLY A 1017 -2.21 -16.68 13.72
C GLY A 1017 -2.95 -15.37 13.54
N LEU A 1018 -2.45 -14.28 14.12
CA LEU A 1018 -3.04 -12.97 13.88
C LEU A 1018 -2.88 -12.53 12.44
N TYR A 1019 -1.89 -13.06 11.73
CA TYR A 1019 -1.67 -12.67 10.34
C TYR A 1019 -2.83 -13.09 9.44
N ILE A 1020 -3.55 -14.14 9.82
CA ILE A 1020 -4.63 -14.65 8.98
C ILE A 1020 -5.74 -13.63 8.82
N VAL A 1021 -5.79 -12.62 9.70
CA VAL A 1021 -6.82 -11.59 9.60
C VAL A 1021 -6.71 -10.86 8.26
N GLY A 1022 -5.48 -10.52 7.85
CA GLY A 1022 -5.31 -9.84 6.59
C GLY A 1022 -5.34 -10.75 5.39
N GLN A 1023 -5.00 -12.03 5.57
CA GLN A 1023 -5.05 -12.97 4.46
C GLN A 1023 -6.45 -13.11 3.91
N ARG A 1024 -7.45 -13.15 4.80
CA ARG A 1024 -8.83 -13.33 4.41
C ARG A 1024 -9.57 -12.01 4.16
N ASP A 1025 -8.89 -10.87 4.27
CA ASP A 1025 -9.47 -9.55 4.00
C ASP A 1025 -10.68 -9.31 4.91
N LEU A 1026 -10.42 -9.29 6.21
CA LEU A 1026 -11.48 -9.16 7.20
C LEU A 1026 -11.65 -7.74 7.73
N LEU A 1027 -10.80 -6.79 7.33
CA LEU A 1027 -10.88 -5.42 7.82
C LEU A 1027 -11.36 -4.42 6.77
N PHE A 1028 -11.20 -4.72 5.48
CA PHE A 1028 -11.71 -3.86 4.41
C PHE A 1028 -12.40 -4.73 3.39
N ASN A 1029 -13.69 -4.47 3.17
CA ASN A 1029 -14.53 -5.26 2.29
C ASN A 1029 -15.63 -4.37 1.74
N TYR A 1030 -16.51 -4.96 0.93
CA TYR A 1030 -17.76 -4.29 0.61
C TYR A 1030 -18.61 -4.13 1.86
N LYS A 1031 -18.70 -5.18 2.69
CA LYS A 1031 -19.48 -5.10 3.91
C LYS A 1031 -18.91 -4.06 4.86
N ARG A 1032 -17.59 -4.04 5.04
CA ARG A 1032 -16.98 -3.07 5.93
C ARG A 1032 -17.05 -1.66 5.37
N PHE A 1033 -16.93 -1.51 4.05
CA PHE A 1033 -17.01 -0.18 3.44
C PHE A 1033 -18.42 0.38 3.54
N PHE A 1034 -19.42 -0.43 3.18
CA PHE A 1034 -20.79 0.05 3.22
C PHE A 1034 -21.26 0.32 4.64
N VAL A 1035 -20.71 -0.42 5.62
CA VAL A 1035 -21.05 -0.14 7.01
C VAL A 1035 -20.51 1.22 7.42
N SER A 1036 -19.40 1.66 6.83
CA SER A 1036 -18.89 3.00 7.11
C SER A 1036 -19.72 4.06 6.41
N LEU A 1037 -20.35 3.73 5.27
CA LEU A 1037 -21.28 4.66 4.65
C LEU A 1037 -22.55 4.80 5.48
N LEU A 1038 -23.08 3.68 5.98
CA LEU A 1038 -24.24 3.73 6.85
C LEU A 1038 -23.92 4.51 8.12
N HIS A 1039 -22.72 4.31 8.66
CA HIS A 1039 -22.29 5.09 9.82
C HIS A 1039 -22.22 6.57 9.47
N GLY A 1040 -21.65 6.90 8.32
CA GLY A 1040 -21.59 8.29 7.89
C GLY A 1040 -22.95 8.87 7.57
N VAL A 1041 -23.80 8.08 6.91
CA VAL A 1041 -25.13 8.57 6.54
C VAL A 1041 -25.96 8.84 7.78
N LEU A 1042 -25.81 8.02 8.83
CA LEU A 1042 -26.55 8.23 10.06
C LEU A 1042 -25.98 9.38 10.87
N THR A 1043 -24.66 9.55 10.86
CA THR A 1043 -24.05 10.66 11.58
C THR A 1043 -24.47 11.99 10.98
N SER A 1044 -24.42 12.10 9.65
CA SER A 1044 -24.86 13.33 9.00
C SER A 1044 -26.35 13.56 9.23
N MET A 1045 -27.12 12.47 9.26
CA MET A 1045 -28.55 12.59 9.56
C MET A 1045 -28.76 13.16 10.97
N ILE A 1046 -28.01 12.65 11.94
CA ILE A 1046 -28.13 13.15 13.31
C ILE A 1046 -27.55 14.56 13.41
N LEU A 1047 -26.43 14.80 12.75
CA LEU A 1047 -25.76 16.09 12.86
C LEU A 1047 -26.61 17.23 12.33
N PHE A 1048 -27.56 16.96 11.43
CA PHE A 1048 -28.41 17.98 10.86
C PHE A 1048 -29.76 18.11 11.57
N PHE A 1049 -30.38 17.00 11.94
CA PHE A 1049 -31.77 17.04 12.38
C PHE A 1049 -31.95 17.32 13.86
N ILE A 1050 -30.90 17.25 14.68
CA ILE A 1050 -31.01 17.70 16.06
C ILE A 1050 -30.85 19.22 16.10
N PRO A 1051 -29.85 19.81 15.45
CA PRO A 1051 -29.85 21.28 15.31
C PRO A 1051 -31.09 21.82 14.63
N LEU A 1052 -31.63 21.09 13.65
CA LEU A 1052 -32.85 21.54 12.98
C LEU A 1052 -34.01 21.64 13.96
N GLY A 1053 -34.22 20.58 14.75
CA GLY A 1053 -35.30 20.60 15.72
C GLY A 1053 -35.11 21.68 16.77
N ALA A 1054 -33.87 21.87 17.23
CA ALA A 1054 -33.58 22.87 18.24
C ALA A 1054 -33.65 24.29 17.71
N TYR A 1055 -33.76 24.47 16.39
CA TYR A 1055 -33.82 25.80 15.79
C TYR A 1055 -35.13 26.08 15.07
N LEU A 1056 -35.90 25.04 14.74
CA LEU A 1056 -37.15 25.25 14.04
C LEU A 1056 -38.14 26.05 14.87
N GLN A 1057 -38.00 26.01 16.20
CA GLN A 1057 -38.97 26.65 17.09
C GLN A 1057 -38.36 27.87 17.77
N THR A 1058 -37.33 27.69 18.60
CA THR A 1058 -36.66 28.81 19.24
C THR A 1058 -35.34 28.39 19.88
N VAL A 1059 -34.22 28.91 19.39
CA VAL A 1059 -32.98 28.90 20.14
C VAL A 1059 -33.06 30.08 21.10
N GLY A 1060 -32.13 30.17 22.05
CA GLY A 1060 -32.13 31.32 22.95
C GLY A 1060 -32.21 32.61 22.16
N GLN A 1061 -33.35 33.29 22.24
CA GLN A 1061 -33.69 34.36 21.31
C GLN A 1061 -33.89 35.67 22.06
N ASP A 1062 -33.21 36.70 21.58
CA ASP A 1062 -33.22 38.04 22.15
C ASP A 1062 -32.52 38.93 21.12
N GLY A 1063 -32.18 40.16 21.51
CA GLY A 1063 -31.46 41.02 20.60
C GLY A 1063 -30.16 40.40 20.10
N GLU A 1064 -29.44 39.71 21.00
CA GLU A 1064 -28.14 39.12 20.70
C GLU A 1064 -28.32 37.60 20.68
N ALA A 1065 -28.76 37.06 19.54
CA ALA A 1065 -29.21 35.68 19.52
C ALA A 1065 -28.85 34.94 18.24
N PRO A 1066 -28.63 33.61 18.33
CA PRO A 1066 -28.58 32.73 17.15
C PRO A 1066 -29.98 32.45 16.58
N SER A 1067 -30.09 31.40 15.75
CA SER A 1067 -31.19 31.12 14.82
C SER A 1067 -30.93 31.82 13.49
N ASP A 1068 -29.71 32.30 13.31
CA ASP A 1068 -29.25 32.86 12.06
C ASP A 1068 -28.85 31.69 11.15
N TYR A 1069 -28.40 31.98 9.93
CA TYR A 1069 -27.74 30.94 9.15
C TYR A 1069 -26.32 30.71 9.63
N GLN A 1070 -25.64 31.77 10.08
CA GLN A 1070 -24.28 31.61 10.58
C GLN A 1070 -24.27 30.71 11.82
N SER A 1071 -25.23 30.90 12.71
CA SER A 1071 -25.31 30.06 13.91
C SER A 1071 -25.64 28.62 13.55
N PHE A 1072 -26.52 28.42 12.57
CA PHE A 1072 -26.84 27.07 12.13
C PHE A 1072 -25.62 26.35 11.58
N ALA A 1073 -24.82 27.06 10.77
CA ALA A 1073 -23.59 26.48 10.23
C ALA A 1073 -22.57 26.24 11.34
N VAL A 1074 -22.49 27.16 12.31
CA VAL A 1074 -21.56 27.00 13.41
C VAL A 1074 -21.93 25.81 14.29
N THR A 1075 -23.23 25.56 14.46
CA THR A 1075 -23.65 24.51 15.37
C THR A 1075 -23.35 23.12 14.80
N ILE A 1076 -23.58 22.93 13.50
CA ILE A 1076 -23.30 21.64 12.89
C ILE A 1076 -21.78 21.43 12.79
N ALA A 1077 -21.05 22.49 12.43
CA ALA A 1077 -19.60 22.37 12.31
C ALA A 1077 -18.96 22.03 13.64
N SER A 1078 -19.42 22.66 14.72
CA SER A 1078 -18.88 22.36 16.04
C SER A 1078 -19.23 20.96 16.48
N ALA A 1079 -20.47 20.52 16.23
CA ALA A 1079 -20.86 19.16 16.57
C ALA A 1079 -20.20 18.14 15.67
N LEU A 1080 -19.90 18.52 14.42
CA LEU A 1080 -19.23 17.59 13.51
C LEU A 1080 -17.78 17.39 13.89
N VAL A 1081 -17.08 18.48 14.22
CA VAL A 1081 -15.66 18.37 14.54
C VAL A 1081 -15.46 17.55 15.81
N ILE A 1082 -16.28 17.80 16.84
CA ILE A 1082 -16.14 17.05 18.09
C ILE A 1082 -16.44 15.58 17.86
N THR A 1083 -17.49 15.28 17.10
CA THR A 1083 -17.91 13.90 16.91
C THR A 1083 -16.85 13.10 16.17
N VAL A 1084 -16.35 13.62 15.05
CA VAL A 1084 -15.38 12.87 14.25
C VAL A 1084 -14.06 12.75 15.00
N ASN A 1085 -13.69 13.78 15.76
CA ASN A 1085 -12.44 13.71 16.53
C ASN A 1085 -12.58 12.77 17.72
N PHE A 1086 -13.79 12.62 18.26
CA PHE A 1086 -14.01 11.62 19.30
C PHE A 1086 -14.09 10.22 18.72
N GLN A 1087 -14.54 10.08 17.46
CA GLN A 1087 -14.59 8.77 16.84
C GLN A 1087 -13.19 8.20 16.64
N ILE A 1088 -12.25 9.01 16.15
CA ILE A 1088 -10.88 8.52 15.96
C ILE A 1088 -10.27 8.15 17.30
N GLY A 1089 -10.69 8.80 18.37
CA GLY A 1089 -10.25 8.39 19.70
C GLY A 1089 -10.70 6.99 20.04
N LEU A 1090 -11.94 6.65 19.69
CA LEU A 1090 -12.41 5.29 19.89
C LEU A 1090 -11.69 4.31 18.97
N ASP A 1091 -11.45 4.70 17.71
CA ASP A 1091 -10.75 3.83 16.78
C ASP A 1091 -9.30 3.60 17.23
N THR A 1092 -8.64 4.65 17.69
CA THR A 1092 -7.25 4.53 18.11
C THR A 1092 -7.13 3.57 19.28
N SER A 1093 -6.17 2.64 19.18
CA SER A 1093 -5.89 1.69 20.25
C SER A 1093 -4.53 1.90 20.89
N TYR A 1094 -3.62 2.62 20.25
CA TYR A 1094 -2.31 2.95 20.78
C TYR A 1094 -2.31 4.46 21.05
N TRP A 1095 -2.60 4.83 22.30
CA TRP A 1095 -2.79 6.23 22.66
C TRP A 1095 -1.45 6.79 23.14
N THR A 1096 -0.59 7.12 22.18
CA THR A 1096 0.62 7.85 22.50
C THR A 1096 0.27 9.29 22.88
N PHE A 1097 1.25 10.00 23.45
CA PHE A 1097 1.03 11.40 23.76
C PHE A 1097 0.77 12.22 22.50
N VAL A 1098 1.43 11.87 21.40
CA VAL A 1098 1.18 12.57 20.14
C VAL A 1098 -0.24 12.30 19.66
N ASN A 1099 -0.72 11.06 19.83
CA ASN A 1099 -2.10 10.76 19.46
C ASN A 1099 -3.10 11.54 20.31
N ALA A 1100 -2.87 11.60 21.62
CA ALA A 1100 -3.77 12.33 22.49
C ALA A 1100 -3.73 13.83 22.19
N PHE A 1101 -2.55 14.37 21.93
CA PHE A 1101 -2.43 15.81 21.68
C PHE A 1101 -3.13 16.21 20.40
N SER A 1102 -3.08 15.36 19.37
CA SER A 1102 -3.69 15.70 18.10
C SER A 1102 -5.22 15.62 18.16
N ILE A 1103 -5.77 14.64 18.88
CA ILE A 1103 -7.22 14.49 18.94
C ILE A 1103 -7.84 15.67 19.67
N PHE A 1104 -7.30 16.01 20.83
CA PHE A 1104 -7.77 17.19 21.56
C PHE A 1104 -7.20 18.48 21.01
N GLY A 1105 -6.08 18.42 20.27
CA GLY A 1105 -5.56 19.60 19.61
C GLY A 1105 -6.32 19.99 18.37
N SER A 1106 -6.89 19.00 17.66
CA SER A 1106 -7.72 19.30 16.51
C SER A 1106 -9.01 20.00 16.94
N ILE A 1107 -9.60 19.55 18.04
CA ILE A 1107 -10.79 20.23 18.57
C ILE A 1107 -10.41 21.59 19.13
N ALA A 1108 -9.29 21.67 19.84
CA ALA A 1108 -8.85 22.95 20.39
C ALA A 1108 -8.47 23.93 19.29
N LEU A 1109 -7.99 23.44 18.15
CA LEU A 1109 -7.67 24.32 17.03
C LEU A 1109 -8.94 24.85 16.38
N TYR A 1110 -9.97 24.01 16.24
CA TYR A 1110 -11.22 24.47 15.67
C TYR A 1110 -11.85 25.56 16.52
N PHE A 1111 -11.87 25.37 17.84
CA PHE A 1111 -12.45 26.33 18.76
C PHE A 1111 -11.50 27.47 19.10
N GLY A 1112 -10.28 27.44 18.60
CA GLY A 1112 -9.36 28.56 18.78
C GLY A 1112 -9.39 29.47 17.59
N ILE A 1113 -9.53 28.90 16.39
CA ILE A 1113 -9.55 29.72 15.18
C ILE A 1113 -10.77 30.64 15.16
N MET A 1114 -11.89 30.20 15.71
CA MET A 1114 -13.14 30.96 15.66
C MET A 1114 -13.46 31.61 17.01
N PHE A 1115 -12.44 31.98 17.75
CA PHE A 1115 -12.55 32.79 18.97
C PHE A 1115 -11.51 33.89 18.93
N ASP A 1116 -11.43 34.59 17.80
CA ASP A 1116 -10.43 35.62 17.52
C ASP A 1116 -9.03 35.13 17.92
N PHE A 1117 -8.76 33.86 17.66
CA PHE A 1117 -7.46 33.26 17.92
C PHE A 1117 -7.05 33.45 19.38
N THR A 1135 -19.15 37.05 15.01
CA THR A 1135 -20.25 36.35 14.37
C THR A 1135 -20.22 34.87 14.70
N ALA A 1136 -19.20 34.17 14.22
CA ALA A 1136 -19.09 32.74 14.47
C ALA A 1136 -18.94 32.45 15.96
N SER A 1137 -18.12 33.25 16.65
CA SER A 1137 -17.92 33.04 18.09
C SER A 1137 -19.20 33.32 18.87
N ASN A 1138 -20.08 34.15 18.33
CA ASN A 1138 -21.25 34.59 19.10
C ASN A 1138 -22.19 33.43 19.40
N ALA A 1139 -22.37 32.51 18.45
CA ALA A 1139 -23.26 31.39 18.67
C ALA A 1139 -22.79 30.53 19.84
N LEU A 1140 -21.48 30.33 19.96
CA LEU A 1140 -20.92 29.40 20.92
C LEU A 1140 -20.84 29.97 22.34
N ARG A 1141 -21.40 31.15 22.59
CA ARG A 1141 -21.50 31.69 23.94
C ARG A 1141 -22.89 31.54 24.53
N GLN A 1142 -23.80 30.83 23.85
CA GLN A 1142 -25.16 30.65 24.32
C GLN A 1142 -25.32 29.27 24.95
N PRO A 1143 -26.03 29.14 26.08
CA PRO A 1143 -26.23 27.79 26.65
C PRO A 1143 -26.94 26.84 25.70
N TYR A 1144 -27.89 27.32 24.90
CA TYR A 1144 -28.62 26.42 24.01
C TYR A 1144 -27.75 25.90 22.89
N ILE A 1145 -26.87 26.75 22.35
CA ILE A 1145 -26.00 26.33 21.25
C ILE A 1145 -25.06 25.24 21.72
N TRP A 1146 -24.60 25.31 22.96
CA TRP A 1146 -23.75 24.26 23.52
C TRP A 1146 -24.54 23.06 24.00
N LEU A 1147 -25.79 23.25 24.43
CA LEU A 1147 -26.63 22.11 24.76
C LEU A 1147 -26.99 21.32 23.50
N THR A 1148 -27.22 22.00 22.38
CA THR A 1148 -27.48 21.28 21.13
C THR A 1148 -26.27 20.48 20.69
N ILE A 1149 -25.07 21.06 20.81
CA ILE A 1149 -23.86 20.36 20.39
C ILE A 1149 -23.63 19.13 21.26
N ILE A 1150 -23.82 19.25 22.58
CA ILE A 1150 -23.61 18.12 23.46
C ILE A 1150 -24.59 17.00 23.13
N LEU A 1151 -25.85 17.35 22.90
CA LEU A 1151 -26.84 16.34 22.54
C LEU A 1151 -26.50 15.69 21.22
N THR A 1152 -26.10 16.47 20.22
CA THR A 1152 -25.80 15.91 18.91
C THR A 1152 -24.60 14.97 18.99
N VAL A 1153 -23.57 15.34 19.75
CA VAL A 1153 -22.37 14.50 19.85
C VAL A 1153 -22.71 13.17 20.50
N ALA A 1154 -23.47 13.22 21.61
CA ALA A 1154 -23.76 11.99 22.35
C ALA A 1154 -24.60 11.02 21.52
N VAL A 1155 -25.60 11.54 20.80
CA VAL A 1155 -26.43 10.67 19.97
C VAL A 1155 -25.60 10.03 18.86
N CYS A 1156 -24.52 10.68 18.44
CA CYS A 1156 -23.67 10.13 17.40
C CYS A 1156 -22.64 9.15 17.94
N LEU A 1157 -22.21 9.32 19.20
CA LEU A 1157 -21.13 8.52 19.77
C LEU A 1157 -21.62 7.40 20.67
N LEU A 1158 -22.64 7.66 21.49
CA LEU A 1158 -23.09 6.63 22.44
C LEU A 1158 -23.54 5.35 21.74
N PRO A 1159 -24.37 5.39 20.69
CA PRO A 1159 -24.68 4.13 20.00
C PRO A 1159 -23.45 3.42 19.45
N VAL A 1160 -22.41 4.17 19.09
CA VAL A 1160 -21.18 3.55 18.61
C VAL A 1160 -20.47 2.84 19.75
N VAL A 1161 -20.39 3.49 20.92
CA VAL A 1161 -19.70 2.90 22.07
C VAL A 1161 -20.39 1.61 22.48
N ALA A 1162 -21.72 1.59 22.44
CA ALA A 1162 -22.46 0.37 22.76
C ALA A 1162 -22.14 -0.74 21.75
N ILE A 1163 -22.18 -0.41 20.47
CA ILE A 1163 -21.94 -1.42 19.43
C ILE A 1163 -20.51 -1.95 19.53
N ARG A 1164 -19.54 -1.05 19.70
CA ARG A 1164 -18.14 -1.49 19.80
C ARG A 1164 -17.94 -2.38 21.03
N PHE A 1165 -18.50 -1.98 22.17
CA PHE A 1165 -18.42 -2.84 23.35
C PHE A 1165 -19.25 -4.11 23.16
N LEU A 1166 -20.44 -3.98 22.58
CA LEU A 1166 -21.26 -5.15 22.33
C LEU A 1166 -20.61 -6.06 21.28
N SER A 1167 -19.93 -5.49 20.30
CA SER A 1167 -19.30 -6.31 19.27
C SER A 1167 -18.22 -7.21 19.87
N MET A 1168 -17.37 -6.66 20.74
CA MET A 1168 -16.25 -7.43 21.28
C MET A 1168 -16.67 -8.41 22.36
N THR A 1169 -17.76 -8.15 23.07
CA THR A 1169 -18.16 -9.05 24.16
C THR A 1169 -18.69 -10.38 23.62
N ILE A 1170 -19.55 -10.33 22.60
CA ILE A 1170 -20.10 -11.55 22.04
C ILE A 1170 -19.25 -12.09 20.87
N TRP A 1171 -18.51 -11.24 20.18
CA TRP A 1171 -17.65 -11.65 19.08
C TRP A 1171 -16.27 -11.02 19.24
N PRO A 1172 -15.53 -11.40 20.27
CA PRO A 1172 -14.17 -10.88 20.44
C PRO A 1172 -13.26 -11.35 19.32
N SER A 1173 -12.32 -10.49 18.96
CA SER A 1173 -11.33 -10.81 17.94
C SER A 1173 -10.09 -11.43 18.58
N GLU A 1174 -9.21 -11.97 17.73
CA GLU A 1174 -7.98 -12.57 18.23
C GLU A 1174 -7.12 -11.53 18.94
N SER A 1175 -7.01 -10.33 18.36
CA SER A 1175 -6.25 -9.27 19.02
C SER A 1175 -6.89 -8.89 20.34
N ASP A 1176 -8.22 -8.83 20.39
CA ASP A 1176 -8.91 -8.45 21.62
C ASP A 1176 -8.61 -9.45 22.73
N LYS A 1177 -8.65 -10.74 22.42
CA LYS A 1177 -8.39 -11.76 23.43
C LYS A 1177 -6.96 -11.64 23.98
N ILE A 1178 -5.98 -11.42 23.09
CA ILE A 1178 -4.60 -11.27 23.54
C ILE A 1178 -4.47 -10.04 24.42
N GLN A 1179 -5.04 -8.91 23.98
CA GLN A 1179 -4.99 -7.69 24.79
C GLN A 1179 -5.77 -7.86 26.08
N LYS A 1180 -6.93 -8.51 26.02
CA LYS A 1180 -7.71 -8.74 27.23
C LYS A 1180 -6.94 -9.57 28.24
N HIS A 1181 -6.26 -10.61 27.77
CA HIS A 1181 -5.47 -11.48 28.63
C HIS A 1181 -4.02 -11.03 28.74
N ARG A 1182 -3.66 -9.90 28.16
CA ARG A 1182 -2.30 -9.37 28.27
C ARG A 1182 -1.95 -9.05 29.71
N LYS B 28 24.84 -1.69 3.32
CA LYS B 28 24.20 -0.53 2.71
C LYS B 28 24.64 0.76 3.39
N THR B 29 24.00 1.07 4.53
CA THR B 29 24.29 2.27 5.30
C THR B 29 24.57 1.87 6.74
N ARG B 30 24.71 2.86 7.60
CA ARG B 30 25.07 2.62 8.99
C ARG B 30 23.84 2.15 9.78
N ARG B 31 24.07 1.87 11.07
CA ARG B 31 23.01 1.38 11.93
C ARG B 31 21.93 2.46 12.09
N PRO B 32 20.65 2.12 11.98
CA PRO B 32 19.61 3.11 12.30
C PRO B 32 19.71 3.53 13.75
N ASP B 33 19.52 4.82 14.00
CA ASP B 33 19.57 5.32 15.36
C ASP B 33 18.37 4.82 16.17
N ASN B 34 18.61 4.59 17.46
CA ASN B 34 17.62 3.95 18.33
C ASN B 34 16.83 5.04 19.04
N THR B 35 15.59 5.26 18.58
CA THR B 35 14.68 6.18 19.21
C THR B 35 13.31 5.52 19.33
N ALA B 36 12.51 5.98 20.29
CA ALA B 36 11.22 5.35 20.55
C ALA B 36 10.31 5.46 19.33
N PHE B 37 10.27 6.64 18.69
CA PHE B 37 9.41 6.82 17.54
C PHE B 37 9.84 5.92 16.38
N LYS B 38 11.15 5.84 16.13
CA LYS B 38 11.64 5.13 14.96
C LYS B 38 11.54 3.62 15.13
N GLN B 39 11.66 3.12 16.36
CA GLN B 39 11.55 1.70 16.64
C GLN B 39 10.12 1.27 16.95
N GLN B 40 9.15 2.16 16.77
CA GLN B 40 7.74 1.83 17.01
C GLN B 40 7.51 1.36 18.44
N ARG B 41 8.12 2.06 19.40
CA ARG B 41 7.97 1.73 20.82
C ARG B 41 7.75 3.01 21.62
N LEU B 42 6.95 3.93 21.09
CA LEU B 42 6.61 5.13 21.83
C LEU B 42 5.79 4.77 23.05
N PRO B 43 6.03 5.41 24.20
CA PRO B 43 5.17 5.15 25.36
C PRO B 43 3.72 5.47 25.02
N ALA B 44 2.82 4.56 25.38
CA ALA B 44 1.44 4.67 24.96
C ALA B 44 0.53 4.06 26.01
N TRP B 45 -0.77 4.24 25.79
CA TRP B 45 -1.81 3.73 26.67
C TRP B 45 -2.77 2.91 25.81
N GLN B 46 -3.10 1.70 26.25
CA GLN B 46 -3.94 0.81 25.47
C GLN B 46 -5.34 0.73 26.07
N PRO B 47 -6.25 1.63 25.69
CA PRO B 47 -7.61 1.55 26.21
C PRO B 47 -8.34 0.33 25.64
N ILE B 48 -9.07 -0.35 26.52
CA ILE B 48 -9.94 -1.46 26.15
C ILE B 48 -11.32 -1.19 26.74
N LEU B 49 -12.36 -1.37 25.91
CA LEU B 49 -13.72 -1.05 26.31
C LEU B 49 -14.22 -2.17 27.24
N THR B 50 -13.88 -2.02 28.52
CA THR B 50 -14.31 -2.97 29.53
C THR B 50 -15.65 -2.55 30.11
N ALA B 51 -16.31 -3.52 30.76
CA ALA B 51 -17.63 -3.25 31.34
C ALA B 51 -17.55 -2.22 32.47
N GLY B 52 -16.40 -2.13 33.13
CA GLY B 52 -16.24 -1.14 34.18
C GLY B 52 -16.04 0.28 33.70
N THR B 53 -15.90 0.47 32.39
CA THR B 53 -15.70 1.80 31.81
C THR B 53 -16.86 2.28 30.96
N VAL B 54 -17.58 1.39 30.29
CA VAL B 54 -18.67 1.80 29.41
C VAL B 54 -20.01 1.75 30.13
N LEU B 55 -20.22 0.78 31.02
CA LEU B 55 -21.46 0.73 31.78
C LEU B 55 -21.70 2.00 32.58
N PRO B 56 -20.74 2.55 33.33
CA PRO B 56 -21.03 3.80 34.07
C PRO B 56 -21.41 4.96 33.17
N ILE B 57 -20.61 5.24 32.13
CA ILE B 57 -20.87 6.43 31.31
C ILE B 57 -22.24 6.37 30.67
N PHE B 58 -22.77 5.16 30.45
CA PHE B 58 -24.14 5.03 29.99
C PHE B 58 -25.16 5.29 31.09
N PHE B 59 -24.73 5.43 32.34
CA PHE B 59 -25.60 5.76 33.46
C PHE B 59 -25.40 7.17 33.98
N ILE B 60 -24.15 7.65 34.07
CA ILE B 60 -23.93 9.05 34.42
C ILE B 60 -24.52 9.96 33.35
N ILE B 61 -24.34 9.61 32.07
CA ILE B 61 -24.93 10.40 31.00
C ILE B 61 -26.45 10.39 31.11
N GLY B 62 -27.03 9.21 31.34
CA GLY B 62 -28.46 9.13 31.53
C GLY B 62 -28.94 9.86 32.77
N LEU B 63 -28.11 9.90 33.81
CA LEU B 63 -28.45 10.59 35.04
C LEU B 63 -28.30 12.10 34.92
N ILE B 64 -27.60 12.58 33.89
CA ILE B 64 -27.39 14.01 33.70
C ILE B 64 -28.34 14.52 32.63
N PHE B 65 -28.65 13.67 31.65
CA PHE B 65 -29.52 14.07 30.56
C PHE B 65 -30.99 14.10 30.96
N ILE B 66 -31.38 13.37 32.00
CA ILE B 66 -32.76 13.38 32.46
C ILE B 66 -33.03 14.68 33.22
N PRO B 67 -32.27 15.03 34.25
CA PRO B 67 -32.50 16.32 34.92
C PRO B 67 -32.31 17.51 33.99
N ILE B 68 -31.38 17.44 33.04
CA ILE B 68 -31.26 18.52 32.06
C ILE B 68 -32.50 18.59 31.19
N GLY B 69 -33.01 17.44 30.75
CA GLY B 69 -34.23 17.45 29.96
C GLY B 69 -35.42 17.99 30.74
N ILE B 70 -35.53 17.63 32.01
CA ILE B 70 -36.59 18.19 32.85
C ILE B 70 -36.39 19.69 33.01
N GLY B 71 -35.15 20.11 33.25
CA GLY B 71 -34.88 21.53 33.47
C GLY B 71 -35.22 22.38 32.26
N ILE B 72 -34.80 21.94 31.07
CA ILE B 72 -35.14 22.66 29.85
C ILE B 72 -36.63 22.57 29.58
N PHE B 73 -37.22 21.38 29.72
CA PHE B 73 -38.61 21.18 29.34
C PHE B 73 -39.54 22.03 30.21
N VAL B 74 -39.29 22.06 31.52
CA VAL B 74 -40.19 22.80 32.41
C VAL B 74 -40.04 24.30 32.17
N THR B 75 -38.81 24.78 31.99
CA THR B 75 -38.59 26.21 31.81
C THR B 75 -39.23 26.70 30.50
N SER B 76 -39.14 25.91 29.44
CA SER B 76 -39.76 26.30 28.18
C SER B 76 -41.27 26.41 28.33
N ASN B 77 -41.88 25.48 29.05
CA ASN B 77 -43.33 25.54 29.27
C ASN B 77 -43.73 26.73 30.15
N ASN B 78 -42.80 27.28 30.93
CA ASN B 78 -43.06 28.42 31.79
C ASN B 78 -42.86 29.74 31.09
N ILE B 79 -42.95 29.77 29.76
CA ILE B 79 -42.78 30.98 28.96
C ILE B 79 -44.14 31.34 28.38
N ARG B 80 -44.61 32.55 28.68
CA ARG B 80 -45.84 33.06 28.11
C ARG B 80 -45.55 33.60 26.72
N GLU B 81 -46.24 33.06 25.72
CA GLU B 81 -45.99 33.43 24.33
C GLU B 81 -47.31 33.39 23.56
N ILE B 82 -47.55 34.44 22.78
CA ILE B 82 -48.73 34.54 21.93
C ILE B 82 -48.27 34.79 20.50
N GLU B 83 -48.79 34.01 19.56
CA GLU B 83 -48.46 34.13 18.15
C GLU B 83 -49.73 34.43 17.38
N ILE B 84 -49.69 35.49 16.57
CA ILE B 84 -50.83 35.96 15.81
C ILE B 84 -50.48 35.90 14.32
N ASP B 85 -51.30 35.21 13.54
CA ASP B 85 -51.10 35.07 12.10
C ASP B 85 -52.06 36.01 11.39
N TYR B 86 -51.53 37.11 10.86
CA TYR B 86 -52.33 38.14 10.20
C TYR B 86 -52.16 38.12 8.69
N THR B 87 -51.77 36.99 8.12
CA THR B 87 -51.64 36.90 6.66
C THR B 87 -52.99 37.13 5.97
N GLY B 88 -54.08 36.68 6.61
CA GLY B 88 -55.41 36.92 6.07
C GLY B 88 -55.79 36.06 4.89
N THR B 89 -55.12 34.91 4.71
CA THR B 89 -55.46 34.05 3.58
C THR B 89 -56.87 33.49 3.71
N GLU B 90 -57.20 32.95 4.88
CA GLU B 90 -58.50 32.35 5.08
C GLU B 90 -59.59 33.43 5.04
N PRO B 91 -60.78 33.11 4.50
CA PRO B 91 -61.88 34.10 4.54
C PRO B 91 -62.43 34.28 5.94
N SER B 92 -63.41 35.19 6.10
CA SER B 92 -64.02 35.46 7.39
C SER B 92 -63.00 35.91 8.42
N SER B 93 -61.98 36.63 7.97
CA SER B 93 -60.95 37.20 8.83
C SER B 93 -60.83 38.69 8.54
N PRO B 94 -60.55 39.52 9.55
CA PRO B 94 -60.53 40.97 9.30
C PRO B 94 -59.20 41.46 8.76
N CYS B 95 -58.61 40.72 7.82
CA CYS B 95 -57.45 41.22 7.09
C CYS B 95 -57.45 40.76 5.63
N ASN B 96 -58.49 40.09 5.16
CA ASN B 96 -58.52 39.59 3.79
C ASN B 96 -58.58 40.70 2.75
N LYS B 97 -58.86 41.94 3.17
CA LYS B 97 -59.00 43.04 2.21
C LYS B 97 -57.65 43.51 1.66
N CYS B 98 -56.55 43.20 2.35
CA CYS B 98 -55.24 43.69 1.94
C CYS B 98 -54.55 42.76 0.95
N LEU B 99 -55.07 41.56 0.71
CA LEU B 99 -54.46 40.68 -0.28
C LEU B 99 -54.57 41.26 -1.68
N SER B 100 -55.56 42.11 -1.93
CA SER B 100 -55.76 42.78 -3.21
C SER B 100 -55.82 44.28 -2.92
N PRO B 101 -54.68 44.91 -2.67
CA PRO B 101 -54.69 46.31 -2.23
C PRO B 101 -54.99 47.30 -3.33
N ASP B 102 -56.28 47.54 -3.60
CA ASP B 102 -56.66 48.60 -4.52
C ASP B 102 -56.01 49.92 -4.13
N VAL B 103 -55.94 50.19 -2.82
CA VAL B 103 -55.21 51.32 -2.27
C VAL B 103 -53.96 50.77 -1.59
N THR B 104 -52.81 51.35 -1.93
CA THR B 104 -51.54 50.82 -1.41
C THR B 104 -51.49 50.83 0.11
N PRO B 105 -51.88 51.90 0.81
CA PRO B 105 -51.87 51.86 2.29
C PRO B 105 -53.06 51.08 2.82
N CYS B 106 -52.79 49.89 3.34
CA CYS B 106 -53.82 49.01 3.87
C CYS B 106 -53.57 48.78 5.36
N PHE B 107 -54.65 48.64 6.12
CA PHE B 107 -54.57 48.43 7.56
C PHE B 107 -55.47 47.27 7.97
N CYS B 108 -55.06 46.57 9.02
CA CYS B 108 -55.82 45.48 9.59
C CYS B 108 -55.86 45.63 11.10
N THR B 109 -56.91 45.09 11.71
CA THR B 109 -57.08 45.11 13.16
C THR B 109 -57.38 43.70 13.63
N ILE B 110 -56.47 43.12 14.40
CA ILE B 110 -56.61 41.78 14.95
C ILE B 110 -56.68 41.91 16.46
N ASN B 111 -57.73 41.37 17.06
CA ASN B 111 -57.95 41.43 18.50
C ASN B 111 -57.53 40.11 19.13
N PHE B 112 -56.67 40.18 20.13
CA PHE B 112 -56.18 39.00 20.84
C PHE B 112 -56.21 39.26 22.33
N THR B 113 -56.30 38.17 23.10
CA THR B 113 -56.43 38.24 24.55
C THR B 113 -55.31 37.45 25.20
N LEU B 114 -54.76 38.00 26.28
CA LEU B 114 -53.75 37.34 27.09
C LEU B 114 -54.41 36.91 28.40
N GLU B 115 -54.58 35.60 28.59
CA GLU B 115 -55.16 35.10 29.83
C GLU B 115 -54.23 35.39 31.01
N LYS B 116 -52.93 35.22 30.82
CA LYS B 116 -51.94 35.44 31.86
C LYS B 116 -51.05 36.61 31.48
N SER B 117 -50.84 37.53 32.42
CA SER B 117 -50.03 38.71 32.16
C SER B 117 -48.58 38.33 31.92
N PHE B 118 -47.95 39.04 30.99
CA PHE B 118 -46.53 38.86 30.72
C PHE B 118 -45.70 39.56 31.78
N GLU B 119 -44.48 39.04 32.00
CA GLU B 119 -43.59 39.56 33.02
C GLU B 119 -42.22 39.83 32.42
N GLY B 120 -41.53 40.84 32.96
CA GLY B 120 -40.20 41.16 32.52
C GLY B 120 -40.20 41.74 31.11
N ASN B 121 -39.01 41.73 30.52
CA ASN B 121 -38.87 42.18 29.14
C ASN B 121 -39.67 41.27 28.20
N VAL B 122 -40.35 41.89 27.25
CA VAL B 122 -41.14 41.16 26.25
C VAL B 122 -40.62 41.55 24.87
N PHE B 123 -40.34 40.54 24.06
CA PHE B 123 -39.81 40.73 22.71
C PHE B 123 -40.92 40.53 21.69
N MET B 124 -41.03 41.45 20.75
CA MET B 124 -42.03 41.39 19.68
C MET B 124 -41.31 41.03 18.39
N TYR B 125 -41.57 39.82 17.90
CA TYR B 125 -41.02 39.36 16.63
C TYR B 125 -42.08 39.42 15.54
N TYR B 126 -41.64 39.27 14.31
CA TYR B 126 -42.51 38.98 13.18
C TYR B 126 -42.04 37.69 12.52
N GLY B 127 -42.98 36.83 12.18
CA GLY B 127 -42.68 35.50 11.64
C GLY B 127 -43.08 35.43 10.18
N LEU B 128 -42.25 34.77 9.39
CA LEU B 128 -42.54 34.46 7.99
C LEU B 128 -42.40 32.97 7.79
N SER B 129 -43.34 32.39 7.02
CA SER B 129 -43.36 30.97 6.74
C SER B 129 -43.28 30.75 5.24
N ASN B 130 -42.68 29.62 4.85
CA ASN B 130 -42.46 29.30 3.45
C ASN B 130 -41.67 30.40 2.74
N PHE B 131 -40.83 31.10 3.48
CA PHE B 131 -40.01 32.20 2.96
C PHE B 131 -38.57 31.71 2.96
N TYR B 132 -38.11 31.22 1.81
CA TYR B 132 -36.79 30.62 1.70
C TYR B 132 -35.74 31.74 1.64
N GLN B 133 -35.36 32.20 2.83
CA GLN B 133 -34.23 33.11 2.95
C GLN B 133 -32.88 32.39 2.92
N ASN B 134 -32.89 31.07 2.94
CA ASN B 134 -31.68 30.26 2.87
C ASN B 134 -31.39 29.76 1.46
N HIS B 135 -32.15 30.22 0.46
CA HIS B 135 -31.88 29.86 -0.92
C HIS B 135 -30.48 30.30 -1.32
N ARG B 136 -29.78 29.45 -2.06
CA ARG B 136 -28.44 29.80 -2.51
C ARG B 136 -28.46 31.03 -3.41
N ARG B 137 -29.46 31.12 -4.28
CA ARG B 137 -29.62 32.27 -5.16
C ARG B 137 -29.93 33.55 -4.39
N TYR B 138 -30.40 33.42 -3.14
CA TYR B 138 -30.83 34.55 -2.33
C TYR B 138 -29.81 34.92 -1.25
N VAL B 139 -29.21 33.92 -0.60
CA VAL B 139 -28.28 34.20 0.49
C VAL B 139 -27.08 35.00 -0.02
N LYS B 140 -26.62 34.69 -1.22
CA LYS B 140 -25.45 35.37 -1.78
C LYS B 140 -25.75 36.77 -2.27
N SER B 141 -27.01 37.10 -2.56
CA SER B 141 -27.35 38.35 -3.23
C SER B 141 -27.17 39.53 -2.27
N ARG B 142 -25.91 39.83 -2.00
CA ARG B 142 -25.57 40.98 -1.15
C ARG B 142 -24.13 41.39 -1.44
N ASP B 143 -23.78 42.58 -1.00
CA ASP B 143 -22.43 43.13 -1.13
C ASP B 143 -21.96 43.50 0.28
N ASP B 144 -21.28 42.56 0.95
CA ASP B 144 -20.81 42.80 2.30
C ASP B 144 -19.82 43.96 2.35
N SER B 145 -19.04 44.16 1.29
CA SER B 145 -18.10 45.27 1.26
C SER B 145 -18.83 46.61 1.32
N GLN B 146 -19.91 46.75 0.55
CA GLN B 146 -20.68 47.99 0.56
C GLN B 146 -21.33 48.23 1.92
N LEU B 147 -21.91 47.18 2.51
CA LEU B 147 -22.55 47.32 3.81
C LEU B 147 -21.56 47.72 4.89
N ASN B 148 -20.29 47.30 4.76
CA ASN B 148 -19.28 47.65 5.73
C ASN B 148 -18.93 49.14 5.72
N GLY B 149 -19.37 49.88 4.70
CA GLY B 149 -19.06 51.29 4.60
C GLY B 149 -17.83 51.55 3.76
N ASP B 150 -17.81 50.99 2.56
CA ASP B 150 -16.70 51.15 1.63
C ASP B 150 -17.12 52.14 0.56
N SER B 151 -16.39 53.25 0.45
CA SER B 151 -16.72 54.27 -0.55
C SER B 151 -16.57 53.72 -1.96
N SER B 152 -15.52 52.94 -2.22
CA SER B 152 -15.31 52.40 -3.56
C SER B 152 -16.45 51.47 -3.95
N ALA B 153 -16.89 50.62 -3.03
CA ALA B 153 -17.98 49.69 -3.30
C ALA B 153 -19.35 50.34 -3.21
N LEU B 154 -19.45 51.53 -2.62
CA LEU B 154 -20.74 52.19 -2.54
C LEU B 154 -21.28 52.51 -3.92
N LEU B 155 -20.43 53.04 -4.79
CA LEU B 155 -20.79 53.33 -6.18
C LEU B 155 -20.44 52.21 -7.14
N ASN B 156 -19.84 51.13 -6.65
CA ASN B 156 -19.50 49.97 -7.46
C ASN B 156 -19.89 48.69 -6.71
N PRO B 157 -21.18 48.42 -6.58
CA PRO B 157 -21.60 47.16 -5.96
C PRO B 157 -21.10 45.96 -6.75
N SER B 158 -20.74 44.91 -6.03
CA SER B 158 -20.15 43.74 -6.67
C SER B 158 -21.17 43.04 -7.57
N LYS B 159 -20.65 42.26 -8.52
CA LYS B 159 -21.50 41.47 -9.40
C LYS B 159 -22.30 40.42 -8.65
N GLU B 160 -21.94 40.12 -7.39
CA GLU B 160 -22.66 39.12 -6.62
C GLU B 160 -24.13 39.48 -6.51
N CYS B 161 -24.44 40.74 -6.26
CA CYS B 161 -25.84 41.22 -6.27
C CYS B 161 -26.25 41.69 -7.65
N GLU B 162 -26.08 40.81 -8.64
CA GLU B 162 -26.27 41.20 -10.04
C GLU B 162 -27.68 41.69 -10.34
N PRO B 163 -28.76 41.01 -9.93
CA PRO B 163 -30.09 41.44 -10.39
C PRO B 163 -30.48 42.84 -9.93
N TYR B 164 -29.85 43.36 -8.88
CA TYR B 164 -30.15 44.69 -8.36
C TYR B 164 -28.86 45.49 -8.20
N ARG B 165 -28.01 45.46 -9.23
CA ARG B 165 -26.80 46.27 -9.23
C ARG B 165 -27.14 47.74 -9.41
N ARG B 166 -27.73 48.09 -10.56
CA ARG B 166 -28.10 49.45 -10.89
C ARG B 166 -29.57 49.48 -11.28
N ASN B 167 -30.28 50.51 -10.83
CA ASN B 167 -31.70 50.60 -11.11
C ASN B 167 -31.95 50.95 -12.58
N GLU B 168 -31.56 52.16 -12.98
CA GLU B 168 -31.60 52.52 -14.40
C GLU B 168 -30.28 53.10 -14.90
N ASP B 169 -29.61 53.92 -14.09
CA ASP B 169 -28.36 54.54 -14.47
C ASP B 169 -27.29 54.47 -13.39
N LYS B 170 -27.67 54.59 -12.12
CA LYS B 170 -26.73 54.68 -11.01
C LYS B 170 -26.97 53.55 -10.02
N PRO B 171 -25.95 53.15 -9.26
CA PRO B 171 -26.04 51.91 -8.50
C PRO B 171 -27.00 52.00 -7.33
N ILE B 172 -27.59 50.85 -7.01
CA ILE B 172 -28.47 50.73 -5.84
C ILE B 172 -27.60 50.61 -4.59
N ALA B 173 -27.89 51.45 -3.58
CA ALA B 173 -27.06 51.44 -2.39
C ALA B 173 -27.21 50.13 -1.62
N PRO B 174 -28.39 49.79 -1.04
CA PRO B 174 -28.52 48.40 -0.57
C PRO B 174 -28.80 47.43 -1.73
N CYS B 175 -27.75 47.05 -2.44
CA CYS B 175 -27.91 46.14 -3.56
C CYS B 175 -28.25 44.74 -3.06
N GLY B 176 -28.74 43.92 -3.97
CA GLY B 176 -29.04 42.53 -3.68
C GLY B 176 -30.53 42.28 -3.49
N ALA B 177 -30.90 41.01 -3.64
CA ALA B 177 -32.29 40.61 -3.40
C ALA B 177 -32.63 40.60 -1.92
N ILE B 178 -31.62 40.49 -1.04
CA ILE B 178 -31.89 40.45 0.39
C ILE B 178 -32.35 41.82 0.87
N ALA B 179 -31.66 42.88 0.43
CA ALA B 179 -32.02 44.23 0.85
C ALA B 179 -33.28 44.71 0.13
N ASN B 180 -33.44 44.34 -1.14
CA ASN B 180 -34.61 44.76 -1.89
C ASN B 180 -35.89 44.23 -1.26
N SER B 181 -35.90 42.96 -0.92
CA SER B 181 -37.10 42.31 -0.35
C SER B 181 -37.13 42.41 1.17
N MET B 182 -37.02 43.64 1.69
CA MET B 182 -37.00 43.85 3.13
C MET B 182 -38.43 43.92 3.66
N PHE B 183 -38.67 43.23 4.77
CA PHE B 183 -39.98 43.27 5.42
C PHE B 183 -40.31 44.70 5.81
N ASN B 184 -41.48 45.17 5.39
CA ASN B 184 -41.85 46.58 5.54
C ASN B 184 -43.30 46.73 6.01
N ASP B 185 -43.75 45.85 6.90
CA ASP B 185 -45.01 46.06 7.59
C ASP B 185 -44.75 46.79 8.90
N THR B 186 -45.71 47.60 9.31
CA THR B 186 -45.66 48.33 10.57
C THR B 186 -46.65 47.71 11.54
N LEU B 187 -46.16 47.22 12.67
CA LEU B 187 -46.98 46.53 13.66
C LEU B 187 -47.04 47.40 14.92
N GLU B 188 -48.25 47.61 15.43
CA GLU B 188 -48.47 48.39 16.64
C GLU B 188 -49.46 47.67 17.53
N LEU B 189 -49.25 47.78 18.84
CA LEU B 189 -50.06 47.09 19.84
C LEU B 189 -50.85 48.11 20.65
N PHE B 190 -52.14 47.82 20.85
CA PHE B 190 -53.02 48.65 21.64
C PHE B 190 -53.69 47.80 22.71
N LEU B 191 -53.79 48.35 23.92
CA LEU B 191 -54.43 47.68 25.04
C LEU B 191 -55.84 48.22 25.20
N ILE B 192 -56.83 47.33 25.06
CA ILE B 192 -58.24 47.69 25.20
C ILE B 192 -58.57 47.60 26.68
N GLY B 193 -58.59 48.75 27.35
CA GLY B 193 -58.85 48.80 28.77
C GLY B 193 -60.33 48.70 29.10
N ASN B 194 -60.62 48.85 30.40
CA ASN B 194 -62.01 48.79 30.85
C ASN B 194 -62.86 49.89 30.23
N ASP B 195 -62.24 51.01 29.85
CA ASP B 195 -62.94 52.11 29.22
C ASP B 195 -63.13 51.92 27.72
N SER B 196 -62.59 50.84 27.15
CA SER B 196 -62.67 50.53 25.72
C SER B 196 -61.83 51.47 24.87
N TYR B 197 -61.04 52.36 25.48
CA TYR B 197 -60.18 53.27 24.74
C TYR B 197 -58.81 52.63 24.56
N PRO B 198 -58.33 52.41 23.34
CA PRO B 198 -57.03 51.76 23.18
C PRO B 198 -55.90 52.57 23.80
N ILE B 199 -54.94 51.87 24.38
CA ILE B 199 -53.76 52.45 25.01
C ILE B 199 -52.54 52.00 24.20
N PRO B 200 -51.96 52.86 23.35
CA PRO B 200 -50.72 52.46 22.67
C PRO B 200 -49.64 52.10 23.66
N ILE B 201 -48.87 51.07 23.34
CA ILE B 201 -47.80 50.55 24.19
C ILE B 201 -46.47 50.96 23.58
N ALA B 202 -45.60 51.55 24.39
CA ALA B 202 -44.29 51.97 23.91
C ALA B 202 -43.51 50.76 23.41
N LEU B 203 -42.92 50.89 22.23
CA LEU B 203 -42.17 49.82 21.58
C LEU B 203 -40.84 50.38 21.11
N LYS B 204 -39.75 49.90 21.71
CA LYS B 204 -38.42 50.37 21.34
C LYS B 204 -37.93 49.62 20.11
N LYS B 205 -37.45 50.35 19.12
CA LYS B 205 -36.90 49.77 17.89
C LYS B 205 -35.39 49.72 17.91
N LYS B 206 -34.75 50.00 19.05
CA LYS B 206 -33.30 49.99 19.18
C LYS B 206 -32.86 48.74 19.95
N GLY B 207 -31.59 48.38 19.75
CA GLY B 207 -31.04 47.23 20.44
C GLY B 207 -31.70 45.92 20.06
N ILE B 208 -32.11 45.78 18.81
CA ILE B 208 -32.71 44.56 18.30
C ILE B 208 -31.76 43.83 17.34
N ALA B 209 -30.54 44.33 17.18
CA ALA B 209 -29.54 43.71 16.32
C ALA B 209 -28.30 43.39 17.13
N TRP B 210 -27.46 42.52 16.57
CA TRP B 210 -26.24 42.15 17.26
C TRP B 210 -25.36 43.39 17.46
N TRP B 211 -24.65 43.41 18.59
CA TRP B 211 -23.71 44.50 18.84
C TRP B 211 -22.62 44.53 17.78
N THR B 212 -22.11 43.35 17.41
CA THR B 212 -21.11 43.28 16.34
C THR B 212 -21.69 43.78 15.03
N ASP B 213 -22.97 43.49 14.77
CA ASP B 213 -23.59 43.95 13.53
C ASP B 213 -23.61 45.47 13.45
N LYS B 214 -24.03 46.13 14.54
CA LYS B 214 -24.18 47.58 14.50
C LYS B 214 -22.83 48.27 14.40
N ASN B 215 -21.85 47.83 15.20
CA ASN B 215 -20.61 48.59 15.37
C ASN B 215 -19.45 48.06 14.54
N VAL B 216 -19.57 46.87 13.94
CA VAL B 216 -18.47 46.29 13.19
C VAL B 216 -18.90 45.99 11.76
N LYS B 217 -19.89 45.10 11.61
CA LYS B 217 -20.24 44.61 10.28
C LYS B 217 -20.90 45.70 9.43
N PHE B 218 -21.85 46.43 10.02
CA PHE B 218 -22.63 47.43 9.30
C PHE B 218 -22.17 48.82 9.72
N ARG B 219 -21.82 49.66 8.73
CA ARG B 219 -21.44 51.04 8.99
C ARG B 219 -21.84 51.88 7.80
N ASN B 220 -22.04 53.17 8.05
CA ASN B 220 -22.34 54.11 6.98
C ASN B 220 -21.06 54.45 6.21
N PRO B 221 -21.19 54.92 4.97
CA PRO B 221 -19.99 55.26 4.21
C PRO B 221 -19.21 56.37 4.88
N PRO B 222 -17.90 56.40 4.72
CA PRO B 222 -17.09 57.38 5.44
C PRO B 222 -17.28 58.79 4.92
N GLY B 223 -16.96 59.76 5.78
CA GLY B 223 -17.00 61.15 5.40
C GLY B 223 -18.36 61.77 5.61
N GLY B 224 -18.37 63.11 5.58
CA GLY B 224 -19.60 63.86 5.72
C GLY B 224 -20.16 63.82 7.12
N ASP B 225 -21.28 64.51 7.30
CA ASP B 225 -21.99 64.53 8.58
C ASP B 225 -23.47 64.23 8.37
N ASN B 226 -24.00 64.53 7.19
CA ASN B 226 -25.39 64.28 6.84
C ASN B 226 -25.47 63.05 5.96
N LEU B 227 -26.39 62.14 6.28
CA LEU B 227 -26.54 60.91 5.51
C LEU B 227 -26.95 61.19 4.07
N GLU B 228 -27.57 62.35 3.81
CA GLU B 228 -27.94 62.68 2.44
C GLU B 228 -26.71 62.83 1.56
N GLU B 229 -25.68 63.51 2.07
CA GLU B 229 -24.47 63.76 1.27
C GLU B 229 -23.64 62.50 1.08
N ARG B 230 -23.59 61.63 2.11
CA ARG B 230 -22.81 60.40 1.98
C ARG B 230 -23.36 59.52 0.87
N PHE B 231 -24.68 59.38 0.79
CA PHE B 231 -25.32 58.53 -0.21
C PHE B 231 -25.73 59.35 -1.43
N LYS B 232 -24.72 59.95 -2.07
CA LYS B 232 -24.93 60.71 -3.29
C LYS B 232 -24.56 59.86 -4.48
N GLY B 233 -25.36 59.96 -5.55
CA GLY B 233 -25.16 59.13 -6.72
C GLY B 233 -25.44 57.65 -6.46
N THR B 234 -26.42 57.34 -5.62
CA THR B 234 -26.81 55.97 -5.33
C THR B 234 -28.32 55.93 -5.18
N THR B 235 -28.99 55.23 -6.09
CA THR B 235 -30.45 55.13 -6.05
C THR B 235 -30.88 54.13 -4.99
N LYS B 236 -32.15 54.25 -4.60
CA LYS B 236 -32.73 53.34 -3.62
C LYS B 236 -33.04 51.99 -4.27
N PRO B 237 -33.23 50.95 -3.47
CA PRO B 237 -33.63 49.66 -4.05
C PRO B 237 -34.99 49.76 -4.73
N VAL B 238 -35.22 48.86 -5.68
CA VAL B 238 -36.41 48.96 -6.52
C VAL B 238 -37.67 48.85 -5.68
N ASN B 239 -37.70 47.91 -4.74
CA ASN B 239 -38.91 47.64 -3.98
C ASN B 239 -39.10 48.58 -2.79
N TRP B 240 -38.07 49.32 -2.39
CA TRP B 240 -38.22 50.23 -1.27
C TRP B 240 -39.03 51.46 -1.67
N LEU B 241 -39.95 51.87 -0.79
CA LEU B 241 -40.75 53.06 -1.07
C LEU B 241 -39.92 54.33 -0.95
N LYS B 242 -39.11 54.43 0.10
CA LYS B 242 -38.28 55.59 0.34
C LYS B 242 -36.82 55.17 0.43
N PRO B 243 -35.88 56.08 0.11
CA PRO B 243 -34.46 55.68 0.13
C PRO B 243 -33.96 55.30 1.51
N VAL B 244 -32.70 54.84 1.57
CA VAL B 244 -32.09 54.47 2.85
C VAL B 244 -31.72 55.67 3.69
N TYR B 245 -31.97 56.88 3.20
CA TYR B 245 -31.60 58.09 3.94
C TYR B 245 -32.35 58.15 5.27
N MET B 246 -33.66 57.90 5.23
CA MET B 246 -34.56 58.15 6.34
C MET B 246 -35.23 56.87 6.82
N LEU B 247 -34.48 55.76 6.87
CA LEU B 247 -35.01 54.55 7.48
C LEU B 247 -35.43 54.81 8.93
N ASP B 248 -34.76 55.74 9.60
CA ASP B 248 -35.15 56.18 10.94
C ASP B 248 -34.77 57.64 11.10
N SER B 249 -35.50 58.34 11.97
CA SER B 249 -35.18 59.74 12.23
C SER B 249 -33.91 59.89 13.05
N ASP B 250 -33.65 58.94 13.94
CA ASP B 250 -32.43 58.99 14.75
C ASP B 250 -31.21 58.83 13.84
N PRO B 251 -30.22 59.73 13.90
CA PRO B 251 -29.02 59.53 13.07
C PRO B 251 -28.26 58.25 13.39
N ASP B 252 -28.41 57.70 14.59
CA ASP B 252 -27.74 56.46 14.97
C ASP B 252 -28.50 55.22 14.53
N ASN B 253 -29.67 55.37 13.90
CA ASN B 253 -30.49 54.24 13.47
C ASN B 253 -30.90 54.36 12.00
N ASN B 254 -30.17 55.13 11.21
CA ASN B 254 -30.45 55.30 9.80
C ASN B 254 -29.22 54.98 8.97
N GLY B 255 -29.44 54.67 7.70
CA GLY B 255 -28.38 54.20 6.84
C GLY B 255 -28.22 52.70 6.95
N PHE B 256 -27.02 52.19 6.66
CA PHE B 256 -26.76 50.76 6.83
C PHE B 256 -26.80 50.32 8.28
N ILE B 257 -26.76 51.25 9.23
CA ILE B 257 -26.74 50.89 10.65
C ILE B 257 -28.15 50.89 11.21
N ASN B 258 -29.16 50.90 10.34
CA ASN B 258 -30.54 50.84 10.79
C ASN B 258 -30.83 49.47 11.40
N GLU B 259 -31.51 49.48 12.54
CA GLU B 259 -31.73 48.24 13.28
C GLU B 259 -32.62 47.28 12.51
N ASP B 260 -33.73 47.79 11.96
CA ASP B 260 -34.64 46.93 11.22
C ASP B 260 -33.97 46.36 9.97
N PHE B 261 -33.22 47.20 9.26
CA PHE B 261 -32.51 46.72 8.07
C PHE B 261 -31.46 45.68 8.44
N ILE B 262 -30.74 45.91 9.54
CA ILE B 262 -29.72 44.97 9.97
C ILE B 262 -30.34 43.62 10.31
N VAL B 263 -31.46 43.64 11.03
CA VAL B 263 -32.10 42.39 11.45
C VAL B 263 -32.53 41.59 10.24
N TRP B 264 -33.01 42.25 9.20
CA TRP B 264 -33.47 41.53 8.00
C TRP B 264 -32.30 40.91 7.26
N MET B 265 -31.23 41.68 7.02
CA MET B 265 -30.12 41.18 6.22
C MET B 265 -29.42 40.00 6.85
N ARG B 266 -29.52 39.85 8.18
CA ARG B 266 -28.95 38.67 8.83
C ARG B 266 -29.83 37.47 8.52
N THR B 267 -29.51 36.77 7.44
CA THR B 267 -30.42 35.78 6.87
C THR B 267 -30.72 34.67 7.87
N ALA B 268 -31.75 33.89 7.57
CA ALA B 268 -32.22 32.80 8.40
C ALA B 268 -31.81 31.47 7.79
N ALA B 269 -31.90 30.42 8.60
CA ALA B 269 -31.40 29.11 8.20
C ALA B 269 -32.49 28.25 7.56
N LEU B 270 -33.75 28.47 7.90
CA LEU B 270 -34.85 27.61 7.49
C LEU B 270 -35.99 28.45 6.97
N PRO B 271 -36.89 27.87 6.18
CA PRO B 271 -37.99 28.67 5.61
C PRO B 271 -38.89 29.29 6.66
N THR B 272 -39.13 28.60 7.77
CA THR B 272 -39.95 29.12 8.86
C THR B 272 -39.03 29.79 9.86
N PHE B 273 -39.17 31.10 10.02
CA PHE B 273 -38.29 31.87 10.88
C PHE B 273 -39.05 33.07 11.43
N ARG B 274 -38.50 33.64 12.50
CA ARG B 274 -39.02 34.88 13.07
C ARG B 274 -37.86 35.78 13.41
N LYS B 275 -38.04 37.08 13.18
CA LYS B 275 -37.01 38.09 13.39
C LYS B 275 -37.49 39.09 14.43
N LEU B 276 -36.57 39.57 15.26
CA LEU B 276 -36.91 40.52 16.29
C LEU B 276 -37.34 41.85 15.67
N TYR B 277 -38.41 42.43 16.20
CA TYR B 277 -38.99 43.65 15.64
C TYR B 277 -38.96 44.81 16.64
N ARG B 278 -39.43 44.59 17.87
CA ARG B 278 -39.52 45.65 18.86
C ARG B 278 -39.22 45.09 20.23
N LEU B 279 -38.85 45.98 21.15
CA LEU B 279 -38.56 45.62 22.53
C LEU B 279 -39.56 46.31 23.45
N ILE B 280 -40.11 45.56 24.38
CA ILE B 280 -40.98 46.10 25.43
C ILE B 280 -40.22 45.95 26.74
N GLU B 281 -39.61 47.04 27.21
CA GLU B 281 -38.80 46.97 28.41
C GLU B 281 -39.68 46.84 29.65
N ARG B 282 -39.05 46.47 30.76
CA ARG B 282 -39.75 46.34 32.02
C ARG B 282 -40.41 47.65 32.41
N LYS B 283 -41.67 47.58 32.82
CA LYS B 283 -42.38 48.77 33.25
C LYS B 283 -41.78 49.31 34.54
N SER B 284 -41.85 50.64 34.70
CA SER B 284 -41.32 51.26 35.91
C SER B 284 -42.04 50.76 37.15
N ASP B 285 -43.36 50.62 37.07
CA ASP B 285 -44.15 50.13 38.19
C ASP B 285 -44.01 48.62 38.32
N LEU B 286 -44.44 48.11 39.48
CA LEU B 286 -44.43 46.67 39.73
C LEU B 286 -45.42 45.91 38.88
N HIS B 287 -46.36 46.60 38.22
CA HIS B 287 -47.39 45.93 37.46
C HIS B 287 -46.79 45.17 36.28
N PRO B 288 -47.50 44.17 35.75
CA PRO B 288 -46.96 43.41 34.62
C PRO B 288 -46.73 44.29 33.41
N THR B 289 -45.71 43.91 32.62
CA THR B 289 -45.38 44.69 31.43
C THR B 289 -46.55 44.74 30.46
N LEU B 290 -47.26 43.64 30.29
CA LEU B 290 -48.47 43.57 29.46
C LEU B 290 -49.57 42.94 30.31
N PRO B 291 -50.30 43.74 31.09
CA PRO B 291 -51.32 43.15 31.97
C PRO B 291 -52.35 42.37 31.18
N ALA B 292 -52.79 41.25 31.75
CA ALA B 292 -53.76 40.39 31.08
C ALA B 292 -55.04 41.16 30.79
N GLY B 293 -55.57 40.97 29.59
CA GLY B 293 -56.79 41.66 29.19
C GLY B 293 -57.06 41.57 27.70
N ARG B 294 -57.50 42.69 27.11
CA ARG B 294 -57.85 42.75 25.70
C ARG B 294 -56.83 43.61 24.97
N TYR B 295 -56.31 43.07 23.86
CA TYR B 295 -55.34 43.78 23.04
C TYR B 295 -55.78 43.70 21.58
N SER B 296 -55.40 44.73 20.81
CA SER B 296 -55.70 44.80 19.39
C SER B 296 -54.43 45.14 18.62
N LEU B 297 -54.12 44.35 17.60
CA LEU B 297 -52.95 44.56 16.77
C LEU B 297 -53.33 45.40 15.56
N ASN B 298 -52.74 46.59 15.47
CA ASN B 298 -52.94 47.49 14.34
C ASN B 298 -51.72 47.37 13.43
N VAL B 299 -51.89 46.73 12.28
CA VAL B 299 -50.79 46.40 11.38
C VAL B 299 -51.02 47.09 10.04
N THR B 300 -49.97 47.70 9.50
CA THR B 300 -49.99 48.32 8.18
C THR B 300 -49.55 47.26 7.17
N TYR B 301 -50.52 46.62 6.53
CA TYR B 301 -50.25 45.53 5.60
C TYR B 301 -49.54 46.08 4.37
N ASN B 302 -48.27 45.73 4.20
CA ASN B 302 -47.47 46.15 3.05
C ASN B 302 -46.77 44.99 2.36
N TYR B 303 -46.33 43.98 3.11
CA TYR B 303 -45.52 42.91 2.54
C TYR B 303 -46.42 41.86 1.90
N PRO B 304 -46.33 41.62 0.57
CA PRO B 304 -47.16 40.57 -0.05
C PRO B 304 -46.50 39.19 0.04
N VAL B 305 -47.16 38.24 0.69
CA VAL B 305 -46.56 36.93 0.93
C VAL B 305 -47.46 35.81 0.41
N HIS B 306 -48.73 36.11 0.16
CA HIS B 306 -49.67 35.06 -0.21
C HIS B 306 -49.43 34.52 -1.62
N TYR B 307 -48.58 35.18 -2.42
CA TYR B 307 -48.30 34.67 -3.75
C TYR B 307 -47.68 33.28 -3.70
N PHE B 308 -46.74 33.07 -2.78
CA PHE B 308 -46.05 31.80 -2.64
C PHE B 308 -46.50 31.04 -1.39
N ASP B 309 -47.75 31.24 -0.98
CA ASP B 309 -48.33 30.56 0.18
C ASP B 309 -47.55 30.85 1.45
N GLY B 310 -46.94 32.03 1.54
CA GLY B 310 -46.31 32.44 2.77
C GLY B 310 -47.32 32.93 3.79
N ARG B 311 -46.89 32.98 5.05
CA ARG B 311 -47.77 33.37 6.14
C ARG B 311 -47.01 34.29 7.10
N LYS B 312 -47.46 35.53 7.20
CA LYS B 312 -46.92 36.49 8.15
C LYS B 312 -47.47 36.21 9.54
N ARG B 313 -46.68 36.56 10.56
CA ARG B 313 -47.08 36.36 11.94
C ARG B 313 -46.46 37.43 12.80
N MET B 314 -47.01 37.59 14.00
CA MET B 314 -46.45 38.45 15.04
C MET B 314 -46.38 37.64 16.32
N ILE B 315 -45.22 37.65 16.96
CA ILE B 315 -44.96 36.85 18.15
C ILE B 315 -44.55 37.77 19.28
N LEU B 316 -45.17 37.59 20.44
CA LEU B 316 -44.75 38.23 21.68
C LEU B 316 -44.28 37.15 22.64
N SER B 317 -43.08 37.30 23.16
CA SER B 317 -42.49 36.33 24.07
C SER B 317 -41.87 37.04 25.26
N THR B 318 -41.79 36.31 26.38
CA THR B 318 -41.24 36.83 27.62
C THR B 318 -39.87 36.23 27.86
N ILE B 319 -38.93 37.06 28.33
CA ILE B 319 -37.56 36.61 28.52
C ILE B 319 -37.50 35.55 29.61
N SER B 320 -36.61 34.57 29.42
CA SER B 320 -36.30 33.57 30.43
C SER B 320 -34.79 33.46 30.55
N TRP B 321 -34.31 33.29 31.80
CA TRP B 321 -32.88 33.20 32.04
C TRP B 321 -32.26 32.03 31.28
N MET B 322 -33.03 30.96 31.08
CA MET B 322 -32.54 29.77 30.39
C MET B 322 -33.01 29.81 28.93
N GLY B 323 -32.49 30.81 28.21
CA GLY B 323 -32.79 30.92 26.80
C GLY B 323 -34.26 31.15 26.51
N GLY B 324 -34.71 30.64 25.37
CA GLY B 324 -36.06 30.81 24.88
C GLY B 324 -36.95 29.63 25.19
N LYS B 325 -37.89 29.36 24.29
CA LYS B 325 -38.90 28.31 24.46
C LYS B 325 -38.62 27.21 23.45
N ASN B 326 -37.94 26.16 23.89
CA ASN B 326 -37.51 25.06 23.03
C ASN B 326 -38.00 23.74 23.63
N PRO B 327 -39.24 23.34 23.35
CA PRO B 327 -39.71 22.03 23.82
C PRO B 327 -38.94 20.87 23.21
N PHE B 328 -38.31 21.06 22.05
CA PHE B 328 -37.64 19.95 21.38
C PHE B 328 -36.46 19.44 22.20
N LEU B 329 -35.58 20.33 22.63
CA LEU B 329 -34.38 19.90 23.35
C LEU B 329 -34.75 19.18 24.64
N GLY B 330 -35.68 19.73 25.40
CA GLY B 330 -36.08 19.08 26.65
C GLY B 330 -36.58 17.67 26.42
N ILE B 331 -37.42 17.49 25.42
CA ILE B 331 -37.92 16.15 25.09
C ILE B 331 -36.78 15.28 24.57
N ALA B 332 -35.86 15.86 23.81
CA ALA B 332 -34.77 15.08 23.23
C ALA B 332 -33.82 14.57 24.30
N TYR B 333 -33.50 15.40 25.31
CA TYR B 333 -32.69 14.93 26.41
C TYR B 333 -33.40 13.84 27.20
N ILE B 334 -34.70 13.98 27.43
CA ILE B 334 -35.45 12.94 28.13
C ILE B 334 -35.38 11.63 27.35
N ALA B 335 -35.57 11.71 26.02
CA ALA B 335 -35.52 10.51 25.20
C ALA B 335 -34.11 9.90 25.20
N VAL B 336 -33.10 10.73 24.92
CA VAL B 336 -31.73 10.23 24.88
C VAL B 336 -31.25 9.86 26.27
N GLY B 337 -31.63 10.64 27.28
CA GLY B 337 -31.27 10.31 28.64
C GLY B 337 -31.87 8.99 29.11
N SER B 338 -33.13 8.75 28.75
CA SER B 338 -33.78 7.51 29.11
C SER B 338 -33.19 6.32 28.34
N ILE B 339 -32.89 6.53 27.06
CA ILE B 339 -32.36 5.44 26.25
C ILE B 339 -31.00 4.98 26.75
N SER B 340 -30.22 5.90 27.33
CA SER B 340 -28.93 5.51 27.88
C SER B 340 -29.10 4.51 29.02
N PHE B 341 -30.12 4.71 29.86
CA PHE B 341 -30.42 3.72 30.90
C PHE B 341 -30.78 2.38 30.28
N LEU B 342 -31.58 2.39 29.22
CA LEU B 342 -31.93 1.14 28.54
C LEU B 342 -30.69 0.45 28.00
N LEU B 343 -29.82 1.20 27.33
CA LEU B 343 -28.56 0.63 26.86
C LEU B 343 -27.68 0.22 28.03
N GLY B 344 -27.62 1.05 29.07
CA GLY B 344 -26.82 0.70 30.23
C GLY B 344 -27.28 -0.58 30.90
N VAL B 345 -28.59 -0.75 31.04
CA VAL B 345 -29.13 -1.98 31.62
C VAL B 345 -28.93 -3.15 30.64
N VAL B 346 -29.20 -2.92 29.36
CA VAL B 346 -29.04 -3.99 28.37
C VAL B 346 -27.58 -4.44 28.30
N LEU B 347 -26.66 -3.47 28.27
CA LEU B 347 -25.24 -3.83 28.25
C LEU B 347 -24.85 -4.54 29.53
N LEU B 348 -25.37 -4.08 30.68
CA LEU B 348 -25.09 -4.76 31.93
C LEU B 348 -25.62 -6.18 31.93
N VAL B 349 -26.85 -6.38 31.43
CA VAL B 349 -27.42 -7.72 31.36
C VAL B 349 -26.65 -8.59 30.38
N ILE B 350 -26.31 -8.03 29.21
CA ILE B 350 -25.58 -8.80 28.20
C ILE B 350 -24.21 -9.21 28.73
N ASN B 351 -23.53 -8.30 29.42
CA ASN B 351 -22.23 -8.62 30.00
C ASN B 351 -22.34 -9.79 30.98
N HIS B 352 -23.33 -9.74 31.88
CA HIS B 352 -23.44 -10.76 32.91
C HIS B 352 -23.62 -12.15 32.29
N LYS B 353 -24.39 -12.24 31.21
CA LYS B 353 -24.54 -13.52 30.53
C LYS B 353 -23.22 -14.00 29.94
N TYR B 354 -22.43 -13.08 29.38
CA TYR B 354 -21.18 -13.40 28.71
C TYR B 354 -19.95 -13.05 29.54
N ARG B 355 -20.10 -12.88 30.85
CA ARG B 355 -18.98 -12.52 31.70
C ARG B 355 -17.93 -13.63 31.68
C1 NAG C . -43.12 47.13 0.79
C2 NAG C . -43.35 48.33 -0.12
C3 NAG C . -44.03 47.90 -1.43
C4 NAG C . -43.26 46.77 -2.08
C5 NAG C . -43.06 45.63 -1.08
C6 NAG C . -42.21 44.51 -1.62
C7 NAG C . -43.64 50.24 1.42
C8 NAG C . -44.60 51.20 2.02
N2 NAG C . -44.15 49.35 0.56
O3 NAG C . -44.11 49.01 -2.31
O4 NAG C . -43.97 46.28 -3.21
O5 NAG C . -42.39 46.13 0.08
O6 NAG C . -42.47 43.30 -0.91
O7 NAG C . -42.44 50.24 1.70
C1 NAG C . -43.18 46.44 -4.41
C2 NAG C . -43.69 45.47 -5.47
C3 NAG C . -42.90 45.65 -6.76
C4 NAG C . -42.89 47.11 -7.20
C5 NAG C . -42.44 48.00 -6.05
C6 NAG C . -42.55 49.48 -6.38
C7 NAG C . -44.53 43.17 -5.32
C8 NAG C . -44.28 41.80 -4.78
N2 NAG C . -43.61 44.09 -5.01
O3 NAG C . -43.49 44.84 -7.78
O4 NAG C . -41.98 47.27 -8.27
O5 NAG C . -43.24 47.77 -4.89
O6 NAG C . -41.88 50.28 -5.41
O7 NAG C . -45.50 43.43 -6.02
C1 BMA C . -42.55 47.81 -9.49
C2 BMA C . -43.26 46.67 -10.27
C3 BMA C . -43.93 47.23 -11.53
C4 BMA C . -44.80 48.45 -11.19
C5 BMA C . -43.98 49.50 -10.42
C6 BMA C . -44.79 50.72 -10.02
O2 BMA C . -44.29 46.06 -9.50
O3 BMA C . -44.71 46.25 -12.19
O4 BMA C . -45.31 49.03 -12.38
O5 BMA C . -43.47 48.89 -9.23
O6 BMA C . -43.89 51.71 -9.53
V VN4 D . 19.19 -20.28 -6.77
O1 VN4 D . 18.83 -21.66 -5.89
O2 VN4 D . 18.13 -19.84 -7.97
O3 VN4 D . 20.06 -19.09 -6.02
MG MG E . 20.65 -17.23 -4.90
O3 D39 F . -9.14 18.00 0.71
C4 D39 F . -6.51 20.61 0.70
C5 D39 F . -4.37 21.59 0.44
O4 D39 F . -5.15 20.57 1.02
C6 D39 F . -2.91 21.31 0.12
C7 D39 F . -2.39 20.26 1.09
C8 D39 F . -0.89 20.07 0.88
C9 D39 F . -0.40 18.94 1.79
O5 D39 F . -4.85 22.65 0.21
C10 D39 F . 1.08 19.14 2.10
O6 D39 F . -6.71 18.70 2.12
C11 D39 F . 1.82 17.80 2.10
C12 D39 F . 1.31 16.84 3.18
C13 D39 F . 1.66 17.35 4.57
O7 D39 F . -4.93 17.66 1.20
C14 D39 F . 1.85 16.18 5.51
O8 D39 F . -12.44 20.71 -4.57
C15 D39 F . 2.10 16.70 6.91
N D39 F . -12.05 18.29 -3.40
C D39 F . -12.55 19.38 -2.57
O D39 F . -11.23 18.17 -0.97
C1 D39 F . -11.74 19.44 -1.28
C16 D39 F . 2.67 15.59 7.79
C17 D39 F . 2.88 16.12 9.19
C18 D39 F . 3.87 15.25 9.96
C19 D39 F . 3.37 13.81 10.04
C2 D39 F . -8.61 19.30 0.81
C20 D39 F . 4.14 13.06 11.11
C21 D39 F . -5.60 17.83 2.16
C22 D39 F . -5.26 17.10 3.46
C23 D39 F . -3.73 17.15 3.66
C24 D39 F . -3.36 16.78 5.10
C25 D39 F . -2.79 18.01 5.84
C26 D39 F . -2.04 17.57 7.10
C27 D39 F . -1.76 18.80 7.97
C28 D39 F . -0.88 18.41 9.16
C29 D39 F . -1.05 19.42 10.31
C3 D39 F . -7.10 19.21 0.87
C30 D39 F . -2.20 19.48 10.97
C31 D39 F . -2.35 20.49 12.12
C32 D39 F . -3.68 20.24 12.85
C33 D39 F . -3.57 20.81 14.27
C34 D39 F . -2.98 19.75 15.21
C35 D39 F . -2.35 20.37 16.46
C36 D39 F . -3.10 21.61 16.95
C37 D39 F . -2.69 21.91 18.38
C38 D39 F . -3.19 23.30 18.76
C39 D39 F . -12.42 20.69 -3.31
O1 D39 F . -11.15 16.42 0.90
O2 D39 F . -11.45 18.77 1.55
O9 D39 F . -12.28 21.77 -2.67
P D39 F . -10.77 17.84 0.58
C1 NAG G . -61.84 43.68 16.69
C2 NAG G . -63.27 43.28 16.33
C3 NAG G . -63.91 44.37 15.48
C4 NAG G . -63.81 45.72 16.17
C5 NAG G . -62.35 46.01 16.54
C6 NAG G . -62.18 47.29 17.33
C7 NAG G . -63.46 40.83 16.26
C8 NAG G . -63.46 39.62 15.37
N2 NAG G . -63.31 42.01 15.64
O3 NAG G . -65.29 44.05 15.26
O4 NAG G . -64.29 46.75 15.32
O5 NAG G . -61.84 44.94 17.34
O6 NAG G . -62.26 47.04 18.72
O7 NAG G . -63.57 40.75 17.47
C1 NAG H . -53.68 52.12 12.88
C2 NAG H . -54.70 53.14 13.39
C3 NAG H . -55.04 54.15 12.30
C4 NAG H . -53.78 54.80 11.77
C5 NAG H . -52.79 53.72 11.32
C6 NAG H . -51.46 54.29 10.88
C7 NAG H . -56.78 51.70 13.37
C8 NAG H . -56.55 51.37 11.91
N2 NAG H . -55.89 52.53 13.97
O3 NAG H . -55.91 55.15 12.85
O4 NAG H . -54.09 55.65 10.68
O5 NAG H . -52.52 52.81 12.39
O6 NAG H . -50.59 54.48 11.97
O7 NAG H . -57.74 51.24 13.98
#